data_9HNR
#
_entry.id   9HNR
#
_cell.length_a   1.00
_cell.length_b   1.00
_cell.length_c   1.00
_cell.angle_alpha   90.00
_cell.angle_beta   90.00
_cell.angle_gamma   90.00
#
_symmetry.space_group_name_H-M   'P 1'
#
loop_
_entity.id
_entity.type
_entity.pdbx_description
1 polymer 'Green fluorescent protein,Gamma-aminobutyric acid receptor subunit alpha-5'
2 polymer 'Gamma-aminobutyric acid receptor subunit beta-3,Green fluorescent protein'
3 polymer 'Megabody 25'
4 branched 2-acetamido-2-deoxy-beta-D-glucopyranose-(1-4)-2-acetamido-2-deoxy-beta-D-glucopyranose
5 branched beta-D-mannopyranose-(1-4)-2-acetamido-2-deoxy-beta-D-glucopyranose-(1-4)-2-acetamido-2-deoxy-beta-D-glucopyranose
6 branched alpha-D-mannopyranose-(1-3)-alpha-D-mannopyranose-(1-6)-[alpha-D-mannopyranose-(1-3)]beta-D-mannopyranose-(1-4)-2-acetamido-2-deoxy-beta-D-glucopyranose-(1-4)-2-acetamido-2-deoxy-beta-D-glucopyranose
7 branched alpha-D-mannopyranose-(1-3)-alpha-D-mannopyranose-(1-6)-[alpha-D-mannopyranose-(1-3)]beta-D-mannopyranose-(1-3)-2-acetamido-2-deoxy-beta-D-glucopyranose-(1-4)-2-acetamido-2-deoxy-beta-D-glucopyranose
8 branched beta-D-mannopyranose-(1-3)-2-acetamido-2-deoxy-beta-D-glucopyranose-(1-4)-2-acetamido-2-deoxy-beta-D-glucopyranose
9 non-polymer 'GAMMA-AMINO-BUTANOIC ACID'
10 non-polymer '4-(2-HYDROXYETHYL)-1-PIPERAZINE ETHANESULFONIC ACID'
#
loop_
_entity_poly.entity_id
_entity_poly.type
_entity_poly.pdbx_seq_one_letter_code
_entity_poly.pdbx_strand_id
1 'polypeptide(L)'
;MRKSPGLSDCLWAWILLLSTLTGRSYGQMSKGEELFTGVVPILVELDGDVNGHKFSVRGEGEGDATNGKLTLKFICTTGK
LPVPWPTLVTTLTYGVQCFSRYPDHMKRHDFFKSAMPEGYVQERTISFKDDGTYKTRAEVKFEGDTLVNRIELKGIDFKE
DGNILGHKLEYNFNSHNVYITADKQKNGIKANFKIRHNVEDGSVQLADHYQQNTPIGDGPVLLPDNHYLSTQSVLSKDPN
EKRDHMVLLEFVTAAGITHGMDELYKAANALAAWSHPQFEKGGGSGGGSGGGSWSHPQFEKSSSNNNNNENLYFQAMPTS
SVKDETNDNITIFTRILDGLLDGYDNRLRPGLGERITQVRTDIYVTSFGPVSDTEMEYTIDVFFRQSWKDERLRFKGPMQ
RLPLNNLLASKIWTPDTFFHNGKKSIAHNMTTPNKLLRLEDDGTLLYTMRLTISAECPMQLEDFPMDAHACPLKFGSYAY
PNSEVVYVWTNGSTKSVVVAEDGSRLNQYHLMGQTVGTENISTSTGEYTIMTAHFHLKRKIGYFVIQTYLPCIMTVILSQ
VSFWLNRESVPARTVFGVTTVLTMTTLSISARNSLPKVAYATAMDWFIAVCYAFVFSALIEFATVNYFTKSQPARAASIS
KIDKMSRIVFPVLFGTFNLVYWATYLNREPVIKGAASPK
;
A
2 'polypeptide(L)'
;MWGLAGGRLFGIFSAPVLVAVVCCAQSVNDPGNMSFVKETVDKLLKGYDIRLRPDFGGPPVCVGMNIDIASIDMVSEVNM
DYTLTMYFQQYWRDKRLAYSGIPLNLTLDNRVADQLWVPDTYFLNDKKSFVHGVTVKNRMIRLHPDGTVLYGLRITTTAA
CMMDLRRYPLDEQNCTLEIESYGYTTDDIEFYWRGGDKAVTGVERIELPQFSIVEHRLVSRNVVFATGAYPRLSLSFRLK
RNIGYFILQTYMPSILITILSWVSFWINYDASAARVALGITTVLTMTTINTHLRETLPKIPYVKAIDMYLMGCFVFVFLA
LLEYAFVNYIFFSQPGRAMVSKGEELFTGVVPILVEMDGDVNGRKFSVRGVGEGDATHGKLTLKFICTSGKLPVPWPTLV
TTLSYGVQCFSRYPDHMKQHDFFKSAMPEGYVQERTIFFKDDGSYKTRAEVKFEGDTLVNRIVLKGTDFKEDGNILGHKL
EYNMNVGNVYITADKQKNGIKANFEIRHNVEDGGVQLADHYQQNTPIGDGSVLLPDNHYLSVQVKLSKDPNEKRDHMVLL
EFRTAAGITPGMDELYKGRAAAIDRWSRIVFPFTFSLFNLVYWLYYVNSRENLYFQAHHHHHH
;
B,C,D,E
3 'polypeptide(L)'
;MKKIWLALAGLVLAFSASAQVQLVESGGGLVQTKTTTSVIDTTNDAQNLLTQAQTIVNTLKDYCPILIAKSSSSNGGTNN
ANTPSWQTAGGGKNSCATFGAEFSAASDMINNAQKIVQETQQLSANQPKNITQPHNLNLNSPSSLTALAQKMLKNAQSQA
EILKLANQVESDFNKLSSGHLKDYIGKCDASAISSANMTMQNQKNNWGNGCAGVEETQSLLKTSAADFNNQTPQINQAQN
LANTLIQELGNNTYEQLSRLLTNDNGTNSKTSAQAINQAVNNLNERAKTLAGGTTNSPAYQATLLALRSVLGLWNSMGYA
VICGGYTKSPGENNQKDFHYTDENGNGTTINCGGSTNSNGTHSYNGTNTLKADKNVSLSIEQYEKIHEAYQILSKALKQA
GLAPLNSKGEKLEAHVTTSKYGSLRLSCAASGHTFNYPIMGWFRQAPGKEREFVGAISWSGGSTSYADSVKDRFTISRDN
AKNTVYLEMNNLKPEDTAVYYCAAKGRYSGGLYYPTNYDYWGQGTQVTVSSHHHHHHEPEA
;
P,Q,R
#
loop_
_chem_comp.id
_chem_comp.type
_chem_comp.name
_chem_comp.formula
ABU non-polymer 'GAMMA-AMINO-BUTANOIC ACID' 'C4 H9 N O2'
BMA D-saccharide, beta linking beta-D-mannopyranose 'C6 H12 O6'
EPE non-polymer '4-(2-HYDROXYETHYL)-1-PIPERAZINE ETHANESULFONIC ACID' 'C8 H18 N2 O4 S'
MAN D-saccharide, alpha linking alpha-D-mannopyranose 'C6 H12 O6'
NAG D-saccharide, beta linking 2-acetamido-2-deoxy-beta-D-glucopyranose 'C8 H15 N O6'
#
# COMPACT_ATOMS: atom_id res chain seq x y z
C THR A 326 -0.93 -47.37 28.14
N ASN A 327 -0.29 -48.20 28.98
CA ASN A 327 1.16 -48.29 28.96
C ASN A 327 1.66 -48.80 27.61
N ASP A 328 0.98 -49.81 27.06
CA ASP A 328 1.46 -50.49 25.86
C ASP A 328 0.84 -49.95 24.57
N ASN A 329 -0.30 -49.25 24.66
CA ASN A 329 -1.01 -48.86 23.44
C ASN A 329 -0.20 -47.91 22.57
N ILE A 330 0.47 -46.93 23.19
CA ILE A 330 1.20 -45.95 22.41
C ILE A 330 2.40 -46.59 21.72
N THR A 331 2.78 -47.81 22.14
CA THR A 331 3.82 -48.55 21.45
C THR A 331 3.24 -49.46 20.36
N ILE A 332 2.17 -50.19 20.70
CA ILE A 332 1.63 -51.12 19.72
C ILE A 332 1.03 -50.38 18.53
N PHE A 333 0.53 -49.15 18.74
CA PHE A 333 0.00 -48.41 17.60
C PHE A 333 1.10 -47.82 16.72
N THR A 334 2.23 -47.38 17.30
CA THR A 334 3.33 -47.01 16.42
C THR A 334 3.82 -48.22 15.63
N ARG A 335 3.84 -49.39 16.26
CA ARG A 335 4.20 -50.61 15.55
C ARG A 335 3.20 -50.92 14.45
N ILE A 336 1.91 -50.79 14.74
CA ILE A 336 0.87 -51.07 13.73
C ILE A 336 1.00 -50.10 12.56
N LEU A 337 1.03 -48.80 12.85
CA LEU A 337 1.05 -47.80 11.80
C LEU A 337 2.31 -47.92 10.95
N ASP A 338 3.47 -48.13 11.59
CA ASP A 338 4.68 -48.36 10.80
C ASP A 338 4.55 -49.62 9.95
N GLY A 339 3.83 -50.62 10.44
CA GLY A 339 3.50 -51.79 9.66
C GLY A 339 2.30 -51.62 8.75
N LEU A 340 1.70 -50.44 8.75
CA LEU A 340 0.53 -50.15 7.93
C LEU A 340 0.84 -49.40 6.66
N LEU A 341 1.93 -48.63 6.63
CA LEU A 341 2.29 -47.84 5.45
C LEU A 341 3.74 -48.10 5.02
N ASP A 342 4.28 -49.28 5.31
CA ASP A 342 5.52 -49.71 4.69
C ASP A 342 5.21 -50.32 3.33
N GLY A 343 5.85 -49.80 2.28
CA GLY A 343 5.48 -50.16 0.93
C GLY A 343 4.21 -49.53 0.43
N TYR A 344 3.53 -48.73 1.26
CA TYR A 344 2.35 -48.02 0.82
C TYR A 344 2.74 -46.89 -0.12
N ASP A 345 2.09 -46.85 -1.29
CA ASP A 345 2.40 -45.86 -2.32
C ASP A 345 1.25 -44.86 -2.38
N ASN A 346 1.56 -43.59 -2.09
CA ASN A 346 0.55 -42.54 -2.08
C ASN A 346 0.35 -41.92 -3.45
N ARG A 347 1.10 -42.34 -4.46
CA ARG A 347 0.91 -41.84 -5.82
C ARG A 347 -0.29 -42.49 -6.50
N LEU A 348 -0.88 -43.51 -5.87
CA LEU A 348 -1.92 -44.34 -6.48
C LEU A 348 -3.23 -44.18 -5.72
N ARG A 349 -4.34 -44.16 -6.46
CA ARG A 349 -5.65 -44.13 -5.84
C ARG A 349 -5.90 -45.42 -5.07
N PRO A 350 -6.74 -45.38 -4.03
CA PRO A 350 -7.31 -46.62 -3.50
C PRO A 350 -8.27 -47.24 -4.50
N GLY A 351 -8.02 -48.49 -4.85
CA GLY A 351 -8.79 -49.13 -5.91
C GLY A 351 -8.49 -48.64 -7.30
N LEU A 352 -7.24 -48.24 -7.55
CA LEU A 352 -6.88 -47.67 -8.86
C LEU A 352 -7.28 -48.59 -10.00
N GLY A 353 -7.10 -49.90 -9.84
CA GLY A 353 -7.27 -50.81 -10.94
C GLY A 353 -8.65 -51.42 -11.08
N GLU A 354 -9.52 -51.24 -10.08
CA GLU A 354 -10.74 -52.03 -10.03
C GLU A 354 -12.01 -51.21 -9.83
N ARG A 355 -11.93 -50.05 -9.19
CA ARG A 355 -13.13 -49.37 -8.72
C ARG A 355 -13.03 -47.87 -8.90
N ILE A 356 -14.20 -47.22 -8.94
CA ILE A 356 -14.28 -45.77 -8.80
C ILE A 356 -14.23 -45.42 -7.31
N THR A 357 -13.51 -44.35 -6.99
CA THR A 357 -13.36 -43.91 -5.60
C THR A 357 -14.47 -42.92 -5.27
N GLN A 358 -15.41 -43.34 -4.43
CA GLN A 358 -16.50 -42.47 -4.00
C GLN A 358 -16.01 -41.65 -2.80
N VAL A 359 -15.88 -40.34 -3.00
CA VAL A 359 -15.44 -39.44 -1.93
C VAL A 359 -16.68 -38.76 -1.36
N ARG A 360 -17.12 -39.21 -0.18
CA ARG A 360 -18.22 -38.55 0.50
C ARG A 360 -17.74 -37.22 1.04
N THR A 361 -18.52 -36.16 0.79
CA THR A 361 -18.08 -34.80 1.07
C THR A 361 -19.17 -34.07 1.85
N ASP A 362 -18.77 -33.00 2.52
CA ASP A 362 -19.64 -32.26 3.42
C ASP A 362 -19.00 -30.92 3.73
N ILE A 363 -19.83 -29.90 3.99
CA ILE A 363 -19.36 -28.56 4.28
C ILE A 363 -20.07 -28.03 5.52
N TYR A 364 -19.33 -27.39 6.41
CA TYR A 364 -19.87 -26.59 7.50
C TYR A 364 -19.42 -25.15 7.30
N VAL A 365 -20.37 -24.25 7.06
CA VAL A 365 -20.06 -22.85 6.77
C VAL A 365 -19.91 -22.13 8.11
N THR A 366 -18.66 -21.91 8.52
CA THR A 366 -18.41 -21.19 9.76
C THR A 366 -18.95 -19.77 9.69
N SER A 367 -18.74 -19.10 8.56
CA SER A 367 -19.23 -17.74 8.37
C SER A 367 -19.31 -17.46 6.88
N PHE A 368 -20.32 -16.69 6.48
CA PHE A 368 -20.53 -16.33 5.10
C PHE A 368 -20.32 -14.84 4.93
N GLY A 369 -19.69 -14.45 3.82
CA GLY A 369 -19.46 -13.06 3.52
C GLY A 369 -18.09 -12.60 4.00
N PRO A 370 -17.77 -11.32 3.75
CA PRO A 370 -18.59 -10.30 3.08
C PRO A 370 -18.64 -10.47 1.57
N VAL A 371 -19.64 -9.90 0.92
CA VAL A 371 -19.76 -9.89 -0.54
C VAL A 371 -19.25 -8.57 -1.06
N SER A 372 -18.54 -8.61 -2.19
CA SER A 372 -17.98 -7.42 -2.82
C SER A 372 -18.67 -7.19 -4.15
N ASP A 373 -19.32 -6.04 -4.29
CA ASP A 373 -20.00 -5.71 -5.55
C ASP A 373 -19.00 -5.30 -6.62
N THR A 374 -17.94 -4.58 -6.23
CA THR A 374 -17.03 -4.02 -7.23
C THR A 374 -16.10 -5.09 -7.81
N GLU A 375 -15.65 -6.05 -7.00
CA GLU A 375 -14.90 -7.18 -7.54
C GLU A 375 -15.77 -8.36 -7.93
N MET A 376 -17.06 -8.32 -7.62
CA MET A 376 -17.98 -9.39 -7.98
C MET A 376 -17.51 -10.74 -7.40
N GLU A 377 -17.17 -10.70 -6.12
CA GLU A 377 -16.69 -11.88 -5.40
C GLU A 377 -17.34 -11.92 -4.03
N TYR A 378 -17.22 -13.06 -3.34
CA TYR A 378 -17.65 -13.18 -1.97
C TYR A 378 -16.74 -14.13 -1.22
N THR A 379 -16.45 -13.79 0.04
CA THR A 379 -15.63 -14.64 0.89
C THR A 379 -16.52 -15.58 1.70
N ILE A 380 -16.06 -16.82 1.86
CA ILE A 380 -16.74 -17.81 2.67
C ILE A 380 -15.71 -18.58 3.48
N ASP A 381 -16.03 -18.85 4.74
CA ASP A 381 -15.15 -19.57 5.65
C ASP A 381 -15.84 -20.84 6.08
N VAL A 382 -15.17 -21.99 5.91
CA VAL A 382 -15.81 -23.29 6.02
C VAL A 382 -14.87 -24.29 6.67
N PHE A 383 -15.46 -25.31 7.30
CA PHE A 383 -14.80 -26.60 7.48
C PHE A 383 -15.20 -27.49 6.31
N PHE A 384 -14.21 -27.94 5.55
CA PHE A 384 -14.45 -28.77 4.37
C PHE A 384 -14.06 -30.20 4.69
N ARG A 385 -15.03 -31.11 4.61
CA ARG A 385 -14.89 -32.46 5.14
C ARG A 385 -15.04 -33.47 4.02
N GLN A 386 -14.13 -34.45 3.97
CA GLN A 386 -14.13 -35.49 2.96
C GLN A 386 -13.92 -36.84 3.62
N SER A 387 -14.41 -37.89 2.97
CA SER A 387 -14.26 -39.25 3.51
C SER A 387 -14.24 -40.24 2.37
N TRP A 388 -13.45 -41.31 2.53
CA TRP A 388 -13.33 -42.36 1.54
C TRP A 388 -12.74 -43.58 2.23
N LYS A 389 -12.77 -44.71 1.54
CA LYS A 389 -12.20 -45.96 2.05
C LYS A 389 -10.94 -46.30 1.27
N ASP A 390 -9.84 -46.51 1.99
CA ASP A 390 -8.57 -46.93 1.42
C ASP A 390 -8.27 -48.32 1.97
N GLU A 391 -8.41 -49.34 1.12
CA GLU A 391 -8.27 -50.71 1.59
C GLU A 391 -6.89 -51.01 2.15
N ARG A 392 -5.85 -50.28 1.71
CA ARG A 392 -4.51 -50.54 2.22
C ARG A 392 -4.43 -50.36 3.73
N LEU A 393 -5.31 -49.56 4.32
CA LEU A 393 -5.12 -49.07 5.68
C LEU A 393 -6.07 -49.70 6.68
N ARG A 394 -6.79 -50.76 6.30
CA ARG A 394 -7.59 -51.47 7.29
C ARG A 394 -6.67 -52.16 8.29
N PHE A 395 -7.06 -52.13 9.56
CA PHE A 395 -6.19 -52.60 10.63
C PHE A 395 -7.02 -53.22 11.74
N LYS A 396 -6.35 -54.00 12.58
CA LYS A 396 -6.96 -54.61 13.75
C LYS A 396 -6.17 -54.21 14.99
N GLY A 397 -6.88 -53.78 16.03
CA GLY A 397 -6.25 -53.31 17.24
C GLY A 397 -7.24 -53.17 18.38
N PRO A 398 -6.78 -52.62 19.51
CA PRO A 398 -7.65 -52.51 20.69
C PRO A 398 -8.78 -51.50 20.56
N MET A 399 -8.71 -50.58 19.60
CA MET A 399 -9.76 -49.57 19.43
C MET A 399 -9.99 -49.33 17.95
N GLN A 400 -11.17 -48.82 17.63
CA GLN A 400 -11.72 -48.84 16.28
C GLN A 400 -11.62 -47.51 15.54
N ARG A 401 -10.92 -46.51 16.10
CA ARG A 401 -10.77 -45.24 15.42
C ARG A 401 -9.55 -44.52 15.97
N LEU A 402 -8.68 -44.06 15.07
CA LEU A 402 -7.42 -43.43 15.43
C LEU A 402 -7.41 -41.97 15.01
N PRO A 403 -7.30 -41.02 15.94
CA PRO A 403 -7.03 -39.63 15.54
C PRO A 403 -5.54 -39.39 15.33
N LEU A 404 -5.13 -39.26 14.07
CA LEU A 404 -3.71 -39.16 13.76
C LEU A 404 -3.29 -37.71 13.60
N ASN A 405 -2.01 -37.45 13.88
CA ASN A 405 -1.43 -36.13 13.64
C ASN A 405 -1.53 -35.81 12.16
N ASN A 406 -1.93 -34.57 11.84
CA ASN A 406 -2.13 -34.19 10.46
C ASN A 406 -0.84 -34.22 9.64
N LEU A 407 0.32 -34.29 10.29
CA LEU A 407 1.56 -34.51 9.56
C LEU A 407 1.55 -35.82 8.80
N LEU A 408 0.73 -36.78 9.23
CA LEU A 408 0.61 -38.04 8.51
C LEU A 408 -0.06 -37.86 7.16
N ALA A 409 -0.85 -36.79 6.99
CA ALA A 409 -1.58 -36.58 5.76
C ALA A 409 -0.66 -36.51 4.54
N SER A 410 0.60 -36.09 4.75
CA SER A 410 1.55 -36.04 3.64
C SER A 410 2.01 -37.43 3.22
N LYS A 411 1.86 -38.44 4.06
CA LYS A 411 2.25 -39.80 3.72
C LYS A 411 1.12 -40.57 3.04
N ILE A 412 -0.13 -40.23 3.37
CA ILE A 412 -1.28 -40.93 2.84
C ILE A 412 -1.73 -40.28 1.53
N TRP A 413 -2.52 -41.03 0.76
CA TRP A 413 -3.17 -40.48 -0.41
C TRP A 413 -4.44 -39.75 -0.01
N THR A 414 -4.68 -38.59 -0.62
CA THR A 414 -5.87 -37.81 -0.38
C THR A 414 -6.37 -37.24 -1.71
N PRO A 415 -7.68 -37.03 -1.84
CA PRO A 415 -8.20 -36.50 -3.11
C PRO A 415 -7.72 -35.09 -3.37
N ASP A 416 -7.65 -34.74 -4.65
CA ASP A 416 -7.12 -33.45 -5.10
C ASP A 416 -8.22 -32.41 -5.29
N THR A 417 -9.27 -32.45 -4.47
CA THR A 417 -10.41 -31.56 -4.65
C THR A 417 -9.98 -30.11 -4.71
N PHE A 418 -10.55 -29.37 -5.66
CA PHE A 418 -10.31 -27.94 -5.81
C PHE A 418 -11.62 -27.26 -6.13
N PHE A 419 -11.66 -25.96 -5.89
CA PHE A 419 -12.86 -25.14 -6.10
C PHE A 419 -12.73 -24.39 -7.42
N HIS A 420 -13.72 -24.54 -8.29
CA HIS A 420 -13.65 -23.94 -9.62
C HIS A 420 -13.75 -22.42 -9.55
N ASN A 421 -14.50 -21.88 -8.61
CA ASN A 421 -14.73 -20.44 -8.51
C ASN A 421 -13.60 -19.70 -7.81
N GLY A 422 -12.70 -20.41 -7.13
CA GLY A 422 -11.71 -19.77 -6.29
C GLY A 422 -10.81 -18.77 -6.99
N LYS A 423 -10.92 -17.50 -6.60
CA LYS A 423 -9.96 -16.49 -7.05
C LYS A 423 -8.71 -16.51 -6.18
N LYS A 424 -8.89 -16.57 -4.86
CA LYS A 424 -7.79 -16.67 -3.92
C LYS A 424 -8.34 -17.32 -2.66
N SER A 425 -7.53 -18.19 -2.06
CA SER A 425 -7.99 -18.98 -0.92
C SER A 425 -6.84 -19.18 0.06
N ILE A 426 -7.22 -19.46 1.31
CA ILE A 426 -6.27 -19.76 2.38
C ILE A 426 -6.66 -21.07 3.02
N ALA A 427 -5.73 -22.00 3.09
CA ALA A 427 -5.85 -23.16 3.97
C ALA A 427 -5.13 -22.81 5.27
N HIS A 428 -5.90 -22.56 6.33
CA HIS A 428 -5.34 -21.94 7.51
C HIS A 428 -4.27 -22.82 8.12
N ASN A 429 -3.17 -22.20 8.53
CA ASN A 429 -1.90 -22.90 8.69
C ASN A 429 -1.25 -22.45 9.99
N MET A 430 -2.04 -21.90 10.92
CA MET A 430 -1.58 -21.31 12.17
C MET A 430 -1.51 -22.38 13.26
N THR A 431 -0.40 -22.43 13.98
CA THR A 431 -0.23 -23.40 15.06
C THR A 431 -0.52 -24.80 14.53
N THR A 432 0.33 -25.28 13.63
CA THR A 432 0.13 -26.54 12.92
C THR A 432 -0.98 -26.36 11.89
N PRO A 433 -0.94 -27.07 10.77
CA PRO A 433 -2.02 -26.94 9.79
C PRO A 433 -3.37 -27.31 10.38
N ASN A 434 -4.42 -26.60 9.96
CA ASN A 434 -5.77 -26.80 10.48
C ASN A 434 -6.42 -27.96 9.72
N LYS A 435 -5.87 -29.14 9.93
CA LYS A 435 -6.31 -30.34 9.22
C LYS A 435 -6.56 -31.49 10.20
N LEU A 436 -7.65 -32.20 9.97
CA LEU A 436 -8.09 -33.29 10.84
C LEU A 436 -8.04 -34.59 10.05
N LEU A 437 -7.50 -35.64 10.66
CA LEU A 437 -7.33 -36.92 9.98
C LEU A 437 -7.66 -38.04 10.96
N ARG A 438 -8.66 -38.86 10.61
CA ARG A 438 -9.09 -39.98 11.45
C ARG A 438 -9.24 -41.21 10.57
N LEU A 439 -8.93 -42.37 11.15
CA LEU A 439 -8.80 -43.60 10.39
C LEU A 439 -9.50 -44.72 11.14
N GLU A 440 -10.49 -45.34 10.50
CA GLU A 440 -11.34 -46.33 11.16
C GLU A 440 -10.76 -47.73 11.02
N ASP A 441 -11.35 -48.66 11.78
CA ASP A 441 -10.90 -50.04 11.73
C ASP A 441 -11.02 -50.60 10.32
N ASP A 442 -12.13 -50.32 9.65
CA ASP A 442 -12.41 -50.85 8.33
C ASP A 442 -11.72 -50.09 7.21
N GLY A 443 -10.77 -49.22 7.52
CA GLY A 443 -10.02 -48.50 6.51
C GLY A 443 -10.65 -47.20 6.05
N THR A 444 -11.83 -46.84 6.54
CA THR A 444 -12.47 -45.60 6.13
C THR A 444 -11.67 -44.41 6.64
N LEU A 445 -11.38 -43.46 5.75
CA LEU A 445 -10.72 -42.23 6.13
C LEU A 445 -11.72 -41.10 6.24
N LEU A 446 -11.49 -40.20 7.19
CA LEU A 446 -12.20 -38.94 7.28
C LEU A 446 -11.16 -37.83 7.39
N TYR A 447 -11.28 -36.83 6.53
CA TYR A 447 -10.23 -35.84 6.36
C TYR A 447 -10.89 -34.48 6.16
N THR A 448 -10.55 -33.53 7.03
CA THR A 448 -11.27 -32.27 7.13
C THR A 448 -10.28 -31.13 7.34
N MET A 449 -10.63 -29.95 6.84
CA MET A 449 -9.74 -28.79 6.94
C MET A 449 -10.55 -27.51 6.95
N ARG A 450 -9.94 -26.45 7.49
CA ARG A 450 -10.54 -25.14 7.57
C ARG A 450 -10.03 -24.29 6.40
N LEU A 451 -10.95 -23.67 5.66
CA LEU A 451 -10.62 -22.94 4.45
C LEU A 451 -11.29 -21.57 4.45
N THR A 452 -10.58 -20.58 3.92
CA THR A 452 -11.17 -19.30 3.53
C THR A 452 -11.13 -19.22 2.01
N ILE A 453 -12.30 -19.04 1.39
CA ILE A 453 -12.44 -19.11 -0.05
C ILE A 453 -13.04 -17.80 -0.54
N SER A 454 -12.33 -17.13 -1.46
CA SER A 454 -12.88 -15.98 -2.16
C SER A 454 -13.33 -16.46 -3.54
N ALA A 455 -14.65 -16.55 -3.72
CA ALA A 455 -15.22 -17.26 -4.86
C ALA A 455 -15.81 -16.28 -5.86
N GLU A 456 -15.50 -16.49 -7.13
CA GLU A 456 -16.04 -15.66 -8.20
C GLU A 456 -17.54 -15.87 -8.33
N CYS A 457 -18.31 -14.80 -8.19
CA CYS A 457 -19.77 -14.87 -8.26
C CYS A 457 -20.29 -13.97 -9.37
N PRO A 458 -20.82 -14.51 -10.47
CA PRO A 458 -21.47 -13.65 -11.46
C PRO A 458 -22.86 -13.24 -11.01
N MET A 459 -23.25 -12.01 -11.35
CA MET A 459 -24.53 -11.48 -10.91
C MET A 459 -24.93 -10.33 -11.81
N GLN A 460 -26.23 -10.13 -11.96
CA GLN A 460 -26.79 -9.09 -12.81
C GLN A 460 -27.27 -7.93 -11.96
N LEU A 461 -27.06 -6.70 -12.46
CA LEU A 461 -27.27 -5.50 -11.67
C LEU A 461 -28.29 -4.54 -12.30
N GLU A 462 -29.27 -5.07 -13.03
CA GLU A 462 -30.32 -4.20 -13.57
C GLU A 462 -31.15 -3.60 -12.43
N ASP A 463 -31.38 -4.37 -11.37
CA ASP A 463 -32.13 -3.94 -10.20
C ASP A 463 -31.22 -3.59 -9.03
N PHE A 464 -30.15 -2.83 -9.25
CA PHE A 464 -29.01 -2.73 -8.35
C PHE A 464 -29.36 -2.68 -6.86
N PRO A 465 -30.06 -1.65 -6.36
CA PRO A 465 -30.30 -1.60 -4.90
C PRO A 465 -31.41 -2.51 -4.44
N MET A 466 -32.05 -3.23 -5.37
CA MET A 466 -33.22 -4.04 -5.05
C MET A 466 -33.11 -5.43 -5.69
N ASP A 467 -31.90 -5.91 -5.90
CA ASP A 467 -31.64 -7.13 -6.64
C ASP A 467 -31.57 -8.35 -5.71
N ALA A 468 -31.55 -9.52 -6.32
CA ALA A 468 -31.41 -10.78 -5.61
C ALA A 468 -30.56 -11.71 -6.48
N HIS A 469 -29.68 -12.47 -5.83
CA HIS A 469 -28.65 -13.23 -6.53
C HIS A 469 -28.57 -14.63 -5.96
N ALA A 470 -27.79 -15.48 -6.64
CA ALA A 470 -27.50 -16.85 -6.18
C ALA A 470 -26.03 -17.12 -6.52
N CYS A 471 -25.14 -16.84 -5.56
CA CYS A 471 -23.72 -17.01 -5.81
C CYS A 471 -23.36 -18.50 -5.76
N PRO A 472 -22.66 -19.02 -6.77
CA PRO A 472 -22.36 -20.45 -6.79
C PRO A 472 -21.04 -20.80 -6.10
N LEU A 473 -20.97 -22.04 -5.61
CA LEU A 473 -19.72 -22.66 -5.18
C LEU A 473 -19.61 -24.02 -5.84
N LYS A 474 -18.64 -24.18 -6.72
CA LYS A 474 -18.45 -25.40 -7.49
C LYS A 474 -17.09 -25.99 -7.16
N PHE A 475 -17.04 -27.30 -6.92
CA PHE A 475 -15.79 -27.96 -6.59
C PHE A 475 -15.83 -29.40 -7.05
N GLY A 476 -14.64 -29.97 -7.24
CA GLY A 476 -14.52 -31.34 -7.69
C GLY A 476 -13.06 -31.68 -7.86
N SER A 477 -12.81 -32.91 -8.31
CA SER A 477 -11.44 -33.35 -8.52
C SER A 477 -10.78 -32.54 -9.63
N TYR A 478 -9.47 -32.32 -9.47
CA TYR A 478 -8.71 -31.59 -10.48
C TYR A 478 -8.15 -32.49 -11.56
N ALA A 479 -7.57 -33.63 -11.17
CA ALA A 479 -6.92 -34.53 -12.11
C ALA A 479 -7.72 -35.77 -12.44
N TYR A 480 -8.46 -36.33 -11.48
CA TYR A 480 -9.07 -37.63 -11.69
C TYR A 480 -10.44 -37.46 -12.35
N PRO A 481 -10.68 -38.07 -13.50
CA PRO A 481 -11.90 -37.81 -14.26
C PRO A 481 -13.11 -38.54 -13.69
N ASN A 482 -14.22 -38.47 -14.43
CA ASN A 482 -15.48 -39.03 -13.97
C ASN A 482 -15.37 -40.53 -13.74
N SER A 483 -14.52 -41.22 -14.50
CA SER A 483 -14.42 -42.67 -14.43
C SER A 483 -13.49 -43.16 -13.31
N GLU A 484 -12.85 -42.25 -12.58
CA GLU A 484 -11.92 -42.60 -11.51
C GLU A 484 -12.41 -42.17 -10.14
N VAL A 485 -12.85 -40.93 -10.00
CA VAL A 485 -13.28 -40.37 -8.72
C VAL A 485 -14.62 -39.69 -8.90
N VAL A 486 -15.56 -39.97 -8.00
CA VAL A 486 -16.87 -39.34 -7.99
C VAL A 486 -17.18 -38.86 -6.58
N TYR A 487 -17.81 -37.70 -6.48
CA TYR A 487 -18.17 -37.10 -5.19
C TYR A 487 -19.65 -37.28 -4.93
N VAL A 488 -19.99 -37.52 -3.66
CA VAL A 488 -21.38 -37.65 -3.23
C VAL A 488 -21.56 -36.88 -1.93
N TRP A 489 -22.68 -36.17 -1.82
CA TRP A 489 -22.99 -35.48 -0.57
C TRP A 489 -23.15 -36.51 0.54
N THR A 490 -22.50 -36.26 1.68
CA THR A 490 -22.30 -37.32 2.66
C THR A 490 -23.63 -37.82 3.24
N ASN A 491 -24.55 -36.91 3.57
CA ASN A 491 -25.77 -37.28 4.29
C ASN A 491 -27.01 -36.95 3.47
N GLY A 492 -26.92 -37.07 2.16
CA GLY A 492 -27.97 -36.59 1.28
C GLY A 492 -27.79 -35.12 0.95
N SER A 493 -28.46 -34.70 -0.12
CA SER A 493 -28.23 -33.35 -0.64
C SER A 493 -28.60 -32.29 0.39
N THR A 494 -29.84 -32.34 0.90
CA THR A 494 -30.33 -31.26 1.76
C THR A 494 -29.57 -31.18 3.08
N LYS A 495 -29.07 -32.30 3.56
CA LYS A 495 -28.45 -32.38 4.89
C LYS A 495 -26.94 -32.24 4.86
N SER A 496 -26.34 -31.87 3.73
CA SER A 496 -24.90 -31.96 3.56
C SER A 496 -24.17 -30.63 3.62
N VAL A 497 -24.87 -29.51 3.47
CA VAL A 497 -24.27 -28.18 3.63
C VAL A 497 -24.99 -27.50 4.79
N VAL A 498 -24.22 -27.14 5.82
CA VAL A 498 -24.75 -26.61 7.07
C VAL A 498 -24.18 -25.22 7.28
N VAL A 499 -25.06 -24.27 7.60
CA VAL A 499 -24.67 -22.88 7.83
C VAL A 499 -24.77 -22.60 9.33
N ALA A 500 -23.70 -22.06 9.90
CA ALA A 500 -23.71 -21.71 11.31
C ALA A 500 -24.79 -20.68 11.58
N GLU A 501 -25.54 -20.89 12.66
CA GLU A 501 -26.63 -19.97 12.99
C GLU A 501 -26.10 -18.55 13.19
N ASP A 502 -24.90 -18.42 13.77
CA ASP A 502 -24.28 -17.12 13.99
C ASP A 502 -23.31 -16.75 12.86
N GLY A 503 -23.37 -17.44 11.74
CA GLY A 503 -22.40 -17.22 10.68
C GLY A 503 -22.69 -16.09 9.72
N SER A 504 -23.80 -15.36 9.89
CA SER A 504 -24.16 -14.28 8.96
C SER A 504 -23.22 -13.10 9.20
N ARG A 505 -22.10 -13.12 8.47
CA ARG A 505 -21.13 -12.04 8.52
C ARG A 505 -21.39 -11.05 7.37
N LEU A 506 -22.66 -10.91 6.99
CA LEU A 506 -23.06 -10.06 5.88
C LEU A 506 -23.55 -8.72 6.39
N ASN A 507 -23.07 -7.63 5.78
CA ASN A 507 -23.55 -6.30 6.15
C ASN A 507 -24.82 -5.94 5.39
N GLN A 508 -24.74 -5.88 4.06
CA GLN A 508 -25.84 -5.38 3.23
C GLN A 508 -26.68 -6.47 2.60
N TYR A 509 -26.33 -7.75 2.78
CA TYR A 509 -27.07 -8.85 2.18
C TYR A 509 -27.68 -9.72 3.27
N HIS A 510 -28.82 -10.32 2.94
CA HIS A 510 -29.46 -11.31 3.79
C HIS A 510 -29.50 -12.63 3.03
N LEU A 511 -28.90 -13.66 3.62
CA LEU A 511 -28.81 -14.96 2.96
C LEU A 511 -30.16 -15.66 3.10
N MET A 512 -30.88 -15.76 1.98
CA MET A 512 -32.23 -16.33 2.02
C MET A 512 -32.19 -17.85 2.20
N GLY A 513 -31.11 -18.48 1.76
CA GLY A 513 -30.99 -19.93 1.84
C GLY A 513 -29.95 -20.41 0.86
N GLN A 514 -29.90 -21.73 0.70
CA GLN A 514 -29.00 -22.34 -0.27
C GLN A 514 -29.63 -23.59 -0.85
N THR A 515 -29.21 -23.93 -2.07
CA THR A 515 -29.61 -25.16 -2.74
C THR A 515 -28.36 -25.81 -3.31
N VAL A 516 -28.31 -27.14 -3.23
CA VAL A 516 -27.11 -27.90 -3.57
C VAL A 516 -27.47 -28.99 -4.58
N GLY A 517 -26.52 -29.27 -5.47
CA GLY A 517 -26.72 -30.27 -6.49
C GLY A 517 -25.40 -30.76 -7.03
N THR A 518 -25.47 -31.44 -8.17
CA THR A 518 -24.31 -32.07 -8.78
C THR A 518 -24.36 -31.89 -10.29
N GLU A 519 -23.20 -31.94 -10.93
CA GLU A 519 -23.10 -31.84 -12.38
C GLU A 519 -21.98 -32.73 -12.89
N ASN A 520 -22.17 -33.25 -14.10
CA ASN A 520 -21.05 -33.72 -14.92
C ASN A 520 -20.64 -32.60 -15.86
N ILE A 521 -19.34 -32.51 -16.13
CA ILE A 521 -18.82 -31.59 -17.13
C ILE A 521 -17.81 -32.33 -17.99
N SER A 522 -17.58 -31.79 -19.19
CA SER A 522 -16.60 -32.32 -20.12
C SER A 522 -15.58 -31.24 -20.40
N THR A 523 -14.30 -31.62 -20.38
CA THR A 523 -13.21 -30.68 -20.49
C THR A 523 -12.12 -31.30 -21.38
N SER A 524 -11.18 -30.45 -21.82
CA SER A 524 -10.10 -30.90 -22.69
C SER A 524 -9.34 -32.09 -22.10
N THR A 525 -9.44 -32.33 -20.79
CA THR A 525 -8.76 -33.46 -20.15
C THR A 525 -9.71 -34.56 -19.71
N GLY A 526 -10.97 -34.52 -20.14
CA GLY A 526 -11.93 -35.58 -19.89
C GLY A 526 -13.10 -35.11 -19.05
N GLU A 527 -13.97 -36.06 -18.72
CA GLU A 527 -15.16 -35.78 -17.95
C GLU A 527 -14.85 -35.64 -16.47
N TYR A 528 -15.67 -34.86 -15.77
CA TYR A 528 -15.52 -34.66 -14.33
C TYR A 528 -16.89 -34.49 -13.69
N THR A 529 -16.96 -34.75 -12.40
CA THR A 529 -18.18 -34.60 -11.62
C THR A 529 -18.02 -33.44 -10.65
N ILE A 530 -18.96 -32.51 -10.68
CA ILE A 530 -18.88 -31.27 -9.92
C ILE A 530 -19.96 -31.30 -8.84
N MET A 531 -19.59 -30.93 -7.63
CA MET A 531 -20.55 -30.64 -6.57
C MET A 531 -20.88 -29.15 -6.63
N THR A 532 -22.15 -28.81 -6.45
CA THR A 532 -22.60 -27.43 -6.59
C THR A 532 -23.41 -27.00 -5.39
N ALA A 533 -23.17 -25.78 -4.92
CA ALA A 533 -23.97 -25.15 -3.87
C ALA A 533 -24.16 -23.69 -4.22
N HIS A 534 -25.43 -23.25 -4.26
CA HIS A 534 -25.78 -21.88 -4.57
C HIS A 534 -26.38 -21.24 -3.33
N PHE A 535 -25.85 -20.09 -2.94
CA PHE A 535 -26.33 -19.35 -1.77
C PHE A 535 -27.17 -18.18 -2.25
N HIS A 536 -28.46 -18.20 -1.93
CA HIS A 536 -29.38 -17.17 -2.39
C HIS A 536 -29.23 -15.93 -1.51
N LEU A 537 -29.04 -14.78 -2.14
CA LEU A 537 -28.85 -13.51 -1.44
C LEU A 537 -29.86 -12.49 -1.92
N LYS A 538 -30.38 -11.69 -0.98
CA LYS A 538 -31.25 -10.57 -1.28
C LYS A 538 -30.70 -9.34 -0.56
N ARG A 539 -30.55 -8.25 -1.30
CA ARG A 539 -29.93 -7.05 -0.75
C ARG A 539 -30.89 -6.31 0.17
N LYS A 540 -30.34 -5.70 1.22
CA LYS A 540 -31.12 -4.93 2.17
C LYS A 540 -31.09 -3.45 1.75
N ILE A 541 -32.26 -2.94 1.37
CA ILE A 541 -32.37 -1.64 0.70
C ILE A 541 -32.09 -0.48 1.65
N GLY A 542 -32.02 -0.72 2.95
CA GLY A 542 -31.99 0.37 3.92
C GLY A 542 -30.87 1.37 3.72
N TYR A 543 -29.66 0.91 3.40
CA TYR A 543 -28.53 1.81 3.26
C TYR A 543 -28.76 2.83 2.15
N PHE A 544 -29.18 2.36 0.98
CA PHE A 544 -29.27 3.24 -0.18
C PHE A 544 -30.43 4.22 -0.04
N VAL A 545 -31.44 3.88 0.77
CA VAL A 545 -32.53 4.82 0.99
C VAL A 545 -32.00 6.11 1.60
N ILE A 546 -31.21 6.00 2.67
CA ILE A 546 -30.72 7.19 3.34
C ILE A 546 -29.51 7.77 2.61
N GLN A 547 -28.75 6.95 1.86
CA GLN A 547 -27.57 7.48 1.21
C GLN A 547 -27.86 8.17 -0.12
N THR A 548 -28.81 7.66 -0.91
CA THR A 548 -29.07 8.19 -2.24
C THR A 548 -30.51 8.69 -2.42
N TYR A 549 -31.50 7.87 -2.06
CA TYR A 549 -32.88 8.19 -2.41
C TYR A 549 -33.39 9.41 -1.65
N LEU A 550 -33.21 9.46 -0.33
CA LEU A 550 -33.62 10.66 0.40
C LEU A 550 -32.88 11.90 -0.06
N PRO A 551 -31.57 11.89 -0.27
CA PRO A 551 -30.93 13.08 -0.85
C PRO A 551 -31.55 13.50 -2.18
N CYS A 552 -31.87 12.56 -3.06
CA CYS A 552 -32.48 12.90 -4.35
C CYS A 552 -33.86 13.50 -4.16
N ILE A 553 -34.69 12.88 -3.32
CA ILE A 553 -36.05 13.37 -3.11
C ILE A 553 -36.01 14.75 -2.47
N MET A 554 -35.13 14.94 -1.48
CA MET A 554 -34.99 16.23 -0.84
C MET A 554 -34.52 17.29 -1.84
N THR A 555 -33.60 16.94 -2.74
CA THR A 555 -33.17 17.90 -3.75
C THR A 555 -34.32 18.27 -4.68
N VAL A 556 -35.09 17.26 -5.11
CA VAL A 556 -36.21 17.53 -6.03
C VAL A 556 -37.23 18.44 -5.37
N ILE A 557 -37.53 18.21 -4.08
CA ILE A 557 -38.45 19.11 -3.38
C ILE A 557 -37.81 20.47 -3.16
N LEU A 558 -36.49 20.50 -2.95
CA LEU A 558 -35.78 21.75 -2.69
C LEU A 558 -35.77 22.63 -3.92
N SER A 559 -35.87 22.04 -5.11
CA SER A 559 -35.97 22.85 -6.32
C SER A 559 -37.35 23.50 -6.42
N GLN A 560 -38.40 22.79 -5.99
CA GLN A 560 -39.75 23.26 -6.24
C GLN A 560 -40.17 24.36 -5.28
N VAL A 561 -39.48 24.51 -4.14
CA VAL A 561 -39.83 25.56 -3.20
C VAL A 561 -39.59 26.93 -3.84
N SER A 562 -38.69 27.01 -4.81
CA SER A 562 -38.41 28.28 -5.46
C SER A 562 -39.61 28.84 -6.22
N PHE A 563 -40.62 28.02 -6.49
CA PHE A 563 -41.83 28.49 -7.16
C PHE A 563 -42.65 29.43 -6.29
N TRP A 564 -42.45 29.43 -4.97
CA TRP A 564 -43.15 30.35 -4.08
C TRP A 564 -42.44 31.70 -3.91
N LEU A 565 -41.23 31.84 -4.42
CA LEU A 565 -40.61 33.16 -4.47
C LEU A 565 -41.18 33.97 -5.63
N ASN A 566 -41.29 35.28 -5.43
CA ASN A 566 -41.88 36.14 -6.45
C ASN A 566 -41.01 36.14 -7.71
N ARG A 567 -41.69 36.25 -8.85
CA ARG A 567 -41.03 36.12 -10.15
C ARG A 567 -39.88 37.12 -10.33
N GLU A 568 -39.98 38.29 -9.70
CA GLU A 568 -38.97 39.34 -9.92
C GLU A 568 -37.68 39.09 -9.15
N SER A 569 -37.64 38.09 -8.26
CA SER A 569 -36.44 37.80 -7.47
C SER A 569 -35.48 36.91 -8.27
N VAL A 570 -34.94 37.49 -9.35
CA VAL A 570 -34.17 36.69 -10.31
C VAL A 570 -32.98 35.99 -9.66
N PRO A 571 -32.11 36.65 -8.90
CA PRO A 571 -30.94 35.96 -8.37
C PRO A 571 -31.28 34.79 -7.48
N ALA A 572 -32.31 34.92 -6.64
CA ALA A 572 -32.69 33.84 -5.73
C ALA A 572 -33.15 32.61 -6.50
N ARG A 573 -34.09 32.79 -7.44
CA ARG A 573 -34.56 31.67 -8.24
C ARG A 573 -33.41 31.02 -9.00
N THR A 574 -32.52 31.86 -9.56
CA THR A 574 -31.39 31.35 -10.32
C THR A 574 -30.50 30.48 -9.44
N VAL A 575 -30.19 30.94 -8.22
CA VAL A 575 -29.31 30.16 -7.36
C VAL A 575 -29.98 28.88 -6.89
N PHE A 576 -31.29 28.92 -6.56
CA PHE A 576 -31.97 27.65 -6.28
C PHE A 576 -31.76 26.67 -7.42
N GLY A 577 -32.11 27.07 -8.65
CA GLY A 577 -32.02 26.13 -9.75
C GLY A 577 -30.62 25.60 -9.95
N VAL A 578 -29.64 26.51 -9.98
CA VAL A 578 -28.26 26.10 -10.24
C VAL A 578 -27.77 25.17 -9.13
N THR A 579 -27.96 25.54 -7.87
CA THR A 579 -27.44 24.74 -6.78
C THR A 579 -28.07 23.36 -6.75
N THR A 580 -29.38 23.26 -7.00
CA THR A 580 -30.00 21.95 -7.02
C THR A 580 -29.51 21.11 -8.19
N VAL A 581 -29.27 21.73 -9.36
CA VAL A 581 -28.71 20.98 -10.48
C VAL A 581 -27.32 20.45 -10.12
N LEU A 582 -26.49 21.27 -9.46
CA LEU A 582 -25.19 20.79 -9.01
C LEU A 582 -25.32 19.67 -7.99
N THR A 583 -26.28 19.78 -7.07
CA THR A 583 -26.52 18.70 -6.12
C THR A 583 -26.80 17.40 -6.85
N MET A 584 -27.67 17.45 -7.86
CA MET A 584 -27.97 16.25 -8.62
C MET A 584 -26.75 15.74 -9.39
N THR A 585 -25.96 16.64 -9.95
CA THR A 585 -24.76 16.21 -10.67
C THR A 585 -23.81 15.46 -9.74
N THR A 586 -23.57 16.00 -8.53
CA THR A 586 -22.65 15.34 -7.62
C THR A 586 -23.25 14.04 -7.07
N LEU A 587 -24.56 13.99 -6.87
CA LEU A 587 -25.19 12.73 -6.48
C LEU A 587 -25.01 11.68 -7.56
N SER A 588 -25.19 12.05 -8.82
CA SER A 588 -24.97 11.11 -9.91
C SER A 588 -23.51 10.64 -9.94
N ILE A 589 -22.57 11.56 -9.75
CA ILE A 589 -21.16 11.19 -9.79
C ILE A 589 -20.84 10.20 -8.67
N SER A 590 -21.29 10.50 -7.45
CA SER A 590 -20.94 9.68 -6.30
C SER A 590 -21.59 8.29 -6.38
N ALA A 591 -22.81 8.20 -6.90
CA ALA A 591 -23.49 6.92 -6.95
C ALA A 591 -22.71 5.88 -7.75
N ARG A 592 -21.93 6.34 -8.74
CA ARG A 592 -21.18 5.41 -9.58
C ARG A 592 -20.05 4.71 -8.85
N ASN A 593 -19.63 5.22 -7.69
CA ASN A 593 -18.56 4.59 -6.92
C ASN A 593 -19.00 3.29 -6.25
N SER A 594 -20.30 3.01 -6.19
CA SER A 594 -20.81 1.85 -5.47
C SER A 594 -20.75 0.55 -6.27
N LEU A 595 -20.42 0.61 -7.56
CA LEU A 595 -20.51 -0.51 -8.46
C LEU A 595 -19.28 -0.60 -9.33
N PRO A 596 -19.04 -1.76 -9.95
CA PRO A 596 -18.04 -1.81 -11.03
C PRO A 596 -18.53 -1.02 -12.23
N LYS A 597 -17.73 -0.95 -13.29
CA LYS A 597 -18.10 -0.11 -14.42
C LYS A 597 -19.11 -0.81 -15.31
N VAL A 598 -20.30 -1.11 -14.79
CA VAL A 598 -21.32 -1.79 -15.58
C VAL A 598 -21.71 -0.90 -16.74
N ALA A 599 -21.92 -1.50 -17.91
CA ALA A 599 -22.15 -0.75 -19.13
C ALA A 599 -23.64 -0.59 -19.44
N TYR A 600 -24.49 -0.68 -18.43
CA TYR A 600 -25.92 -0.45 -18.61
C TYR A 600 -26.48 0.22 -17.37
N ALA A 601 -27.55 0.98 -17.56
CA ALA A 601 -28.13 1.75 -16.46
C ALA A 601 -28.89 0.83 -15.51
N THR A 602 -28.72 1.08 -14.21
CA THR A 602 -29.42 0.34 -13.18
C THR A 602 -30.72 1.06 -12.80
N ALA A 603 -31.45 0.47 -11.85
CA ALA A 603 -32.66 1.10 -11.35
C ALA A 603 -32.36 2.44 -10.69
N MET A 604 -31.34 2.48 -9.84
CA MET A 604 -30.99 3.73 -9.18
C MET A 604 -30.57 4.79 -10.20
N ASP A 605 -29.99 4.37 -11.32
CA ASP A 605 -29.72 5.32 -12.39
C ASP A 605 -31.02 5.88 -12.98
N TRP A 606 -32.04 5.05 -13.17
CA TRP A 606 -33.33 5.56 -13.61
C TRP A 606 -33.87 6.59 -12.62
N PHE A 607 -33.84 6.27 -11.33
CA PHE A 607 -34.38 7.19 -10.34
C PHE A 607 -33.62 8.51 -10.34
N ILE A 608 -32.28 8.42 -10.37
CA ILE A 608 -31.46 9.63 -10.36
C ILE A 608 -31.73 10.46 -11.60
N ALA A 609 -31.87 9.81 -12.76
CA ALA A 609 -32.13 10.53 -14.00
C ALA A 609 -33.48 11.24 -13.97
N VAL A 610 -34.51 10.57 -13.45
CA VAL A 610 -35.84 11.18 -13.42
C VAL A 610 -35.86 12.36 -12.44
N CYS A 611 -35.22 12.21 -11.28
CA CYS A 611 -35.12 13.32 -10.35
C CYS A 611 -34.36 14.49 -10.98
N TYR A 612 -33.27 14.18 -11.70
CA TYR A 612 -32.55 15.20 -12.42
C TYR A 612 -33.44 15.91 -13.43
N ALA A 613 -34.29 15.15 -14.13
CA ALA A 613 -35.20 15.77 -15.08
C ALA A 613 -36.13 16.74 -14.38
N PHE A 614 -36.66 16.35 -13.21
CA PHE A 614 -37.51 17.28 -12.46
C PHE A 614 -36.76 18.54 -12.05
N VAL A 615 -35.51 18.38 -11.57
CA VAL A 615 -34.70 19.54 -11.20
C VAL A 615 -34.48 20.47 -12.39
N PHE A 616 -34.09 19.90 -13.54
CA PHE A 616 -33.77 20.74 -14.68
C PHE A 616 -35.03 21.37 -15.26
N SER A 617 -36.17 20.69 -15.17
CA SER A 617 -37.45 21.30 -15.57
C SER A 617 -37.81 22.43 -14.62
N ALA A 618 -37.48 22.30 -13.34
CA ALA A 618 -37.71 23.41 -12.41
C ALA A 618 -36.89 24.63 -12.80
N LEU A 619 -35.65 24.41 -13.23
CA LEU A 619 -34.85 25.54 -13.72
C LEU A 619 -35.44 26.12 -14.99
N ILE A 620 -35.88 25.25 -15.91
CA ILE A 620 -36.42 25.71 -17.19
C ILE A 620 -37.70 26.51 -16.97
N GLU A 621 -38.48 26.15 -15.95
CA GLU A 621 -39.69 26.91 -15.65
C GLU A 621 -39.37 28.36 -15.31
N PHE A 622 -38.36 28.56 -14.45
CA PHE A 622 -37.96 29.93 -14.14
C PHE A 622 -37.42 30.63 -15.39
N ALA A 623 -36.65 29.92 -16.21
CA ALA A 623 -36.16 30.55 -17.42
C ALA A 623 -37.32 31.03 -18.30
N THR A 624 -38.34 30.20 -18.45
CA THR A 624 -39.50 30.56 -19.28
C THR A 624 -40.24 31.75 -18.70
N VAL A 625 -40.49 31.75 -17.39
CA VAL A 625 -41.25 32.85 -16.81
C VAL A 625 -40.45 34.15 -16.89
N ASN A 626 -39.14 34.07 -16.67
CA ASN A 626 -38.30 35.26 -16.77
C ASN A 626 -38.26 35.79 -18.20
N TYR A 627 -38.31 34.90 -19.19
CA TYR A 627 -38.37 35.35 -20.57
C TYR A 627 -39.70 36.06 -20.85
N PHE A 628 -40.81 35.42 -20.50
CA PHE A 628 -42.11 35.97 -20.88
C PHE A 628 -42.49 37.22 -20.08
N THR A 629 -42.01 37.35 -18.83
CA THR A 629 -42.35 38.55 -18.07
C THR A 629 -41.77 39.79 -18.72
N LYS A 630 -40.68 39.66 -19.47
CA LYS A 630 -40.10 40.77 -20.22
C LYS A 630 -40.64 40.86 -21.63
N SER A 631 -40.79 39.72 -22.31
CA SER A 631 -41.09 39.74 -23.74
C SER A 631 -42.53 40.11 -24.04
N GLN A 632 -43.49 39.62 -23.24
CA GLN A 632 -44.91 39.86 -23.50
C GLN A 632 -45.62 40.10 -22.17
N PRO A 633 -45.46 41.29 -21.58
CA PRO A 633 -46.21 41.64 -20.37
C PRO A 633 -47.67 41.98 -20.65
N ALA A 637 -48.89 40.13 -15.15
CA ALA A 637 -49.50 39.58 -16.35
C ALA A 637 -50.06 38.19 -16.07
N SER A 638 -50.74 37.62 -17.07
CA SER A 638 -51.25 36.26 -16.94
C SER A 638 -50.12 35.23 -16.88
N ILE A 639 -48.89 35.65 -17.22
CA ILE A 639 -47.75 34.75 -17.18
C ILE A 639 -47.57 34.13 -15.79
N SER A 640 -48.14 34.77 -14.75
CA SER A 640 -48.04 34.23 -13.40
C SER A 640 -48.77 32.90 -13.25
N LYS A 641 -49.70 32.60 -14.16
CA LYS A 641 -50.35 31.29 -14.10
C LYS A 641 -49.36 30.17 -14.36
N ILE A 642 -48.22 30.46 -15.00
CA ILE A 642 -47.17 29.45 -15.13
C ILE A 642 -46.69 29.02 -13.75
N ASP A 643 -46.39 29.99 -12.89
CA ASP A 643 -46.01 29.68 -11.52
C ASP A 643 -47.14 28.96 -10.81
N LYS A 644 -48.35 29.48 -10.91
CA LYS A 644 -49.47 28.87 -10.19
C LYS A 644 -49.69 27.41 -10.60
N MET A 645 -49.48 27.09 -11.88
CA MET A 645 -49.65 25.71 -12.33
C MET A 645 -48.48 24.84 -11.89
N SER A 646 -47.25 25.23 -12.25
CA SER A 646 -46.09 24.42 -11.87
C SER A 646 -46.08 24.13 -10.38
N ARG A 647 -46.44 25.12 -9.56
CA ARG A 647 -46.40 25.03 -8.11
C ARG A 647 -47.13 23.80 -7.56
N ILE A 648 -48.09 23.26 -8.31
CA ILE A 648 -48.79 22.04 -7.93
C ILE A 648 -48.46 20.89 -8.86
N VAL A 649 -48.29 21.17 -10.16
CA VAL A 649 -48.09 20.10 -11.12
C VAL A 649 -46.80 19.34 -10.83
N PHE A 650 -45.71 20.06 -10.55
CA PHE A 650 -44.45 19.35 -10.31
C PHE A 650 -44.55 18.41 -9.13
N PRO A 651 -45.03 18.84 -7.95
CA PRO A 651 -45.22 17.89 -6.85
C PRO A 651 -46.08 16.69 -7.23
N VAL A 652 -47.17 16.92 -7.95
CA VAL A 652 -48.07 15.83 -8.29
C VAL A 652 -47.38 14.83 -9.21
N LEU A 653 -46.69 15.33 -10.24
CA LEU A 653 -46.02 14.43 -11.17
C LEU A 653 -44.90 13.66 -10.49
N PHE A 654 -44.13 14.32 -9.62
CA PHE A 654 -43.08 13.60 -8.89
C PHE A 654 -43.68 12.54 -7.98
N GLY A 655 -44.81 12.85 -7.33
CA GLY A 655 -45.45 11.87 -6.49
C GLY A 655 -45.92 10.66 -7.28
N THR A 656 -46.57 10.89 -8.42
CA THR A 656 -46.99 9.76 -9.25
C THR A 656 -45.78 8.98 -9.77
N PHE A 657 -44.68 9.66 -10.09
CA PHE A 657 -43.46 8.97 -10.47
C PHE A 657 -43.04 8.00 -9.38
N ASN A 658 -43.03 8.46 -8.12
CA ASN A 658 -42.66 7.57 -7.03
C ASN A 658 -43.65 6.42 -6.88
N LEU A 659 -44.94 6.73 -6.94
CA LEU A 659 -45.97 5.69 -6.81
C LEU A 659 -45.85 4.62 -7.88
N VAL A 660 -45.31 4.96 -9.05
CA VAL A 660 -45.06 3.98 -10.09
C VAL A 660 -43.74 3.24 -9.88
N TYR A 661 -42.68 3.98 -9.57
CA TYR A 661 -41.35 3.39 -9.45
C TYR A 661 -41.29 2.37 -8.30
N TRP A 662 -41.70 2.78 -7.10
CA TRP A 662 -41.62 1.86 -5.98
C TRP A 662 -42.61 0.72 -6.11
N ALA A 663 -43.80 1.01 -6.64
CA ALA A 663 -44.75 -0.06 -6.94
C ALA A 663 -44.16 -1.06 -7.92
N THR A 664 -43.26 -0.60 -8.80
CA THR A 664 -42.61 -1.49 -9.75
C THR A 664 -41.58 -2.36 -9.06
N TYR A 665 -40.60 -1.75 -8.40
CA TYR A 665 -39.44 -2.54 -8.00
C TYR A 665 -39.60 -3.26 -6.66
N LEU A 666 -40.66 -2.98 -5.89
CA LEU A 666 -40.98 -3.84 -4.76
C LEU A 666 -41.74 -5.09 -5.18
N ASN A 667 -42.25 -5.12 -6.41
CA ASN A 667 -42.94 -6.28 -6.97
C ASN A 667 -42.18 -6.83 -8.18
N ARG A 668 -40.87 -6.90 -8.07
CA ARG A 668 -40.00 -7.27 -9.18
C ARG A 668 -38.73 -7.94 -8.69
N PRO B 31 31.20 -38.49 28.20
CA PRO B 31 31.30 -37.82 29.50
C PRO B 31 31.31 -36.29 29.36
N GLY B 32 31.01 -35.60 30.45
CA GLY B 32 30.88 -34.15 30.40
C GLY B 32 29.45 -33.73 30.12
N ASN B 33 29.08 -32.51 30.52
CA ASN B 33 27.70 -32.09 30.38
C ASN B 33 27.27 -32.02 28.92
N MET B 34 28.11 -31.46 28.05
CA MET B 34 27.69 -31.25 26.67
C MET B 34 27.33 -32.58 25.99
N SER B 35 28.25 -33.55 26.03
CA SER B 35 27.97 -34.84 25.41
C SER B 35 26.91 -35.61 26.19
N PHE B 36 26.92 -35.49 27.51
CA PHE B 36 25.91 -36.16 28.32
C PHE B 36 24.52 -35.66 27.98
N VAL B 37 24.36 -34.33 27.89
CA VAL B 37 23.06 -33.77 27.52
C VAL B 37 22.70 -34.15 26.09
N LYS B 38 23.67 -34.12 25.17
CA LYS B 38 23.38 -34.51 23.80
C LYS B 38 22.81 -35.93 23.75
N GLU B 39 23.48 -36.87 24.41
CA GLU B 39 23.02 -38.25 24.38
C GLU B 39 21.70 -38.42 25.10
N THR B 40 21.46 -37.64 26.17
CA THR B 40 20.17 -37.72 26.85
C THR B 40 19.03 -37.29 25.92
N VAL B 41 19.22 -36.17 25.22
CA VAL B 41 18.19 -35.70 24.30
C VAL B 41 18.00 -36.70 23.16
N ASP B 42 19.11 -37.25 22.66
CA ASP B 42 18.99 -38.25 21.59
C ASP B 42 18.20 -39.48 22.07
N LYS B 43 18.48 -39.93 23.29
CA LYS B 43 17.73 -41.06 23.84
C LYS B 43 16.26 -40.72 24.01
N LEU B 44 15.95 -39.47 24.36
CA LEU B 44 14.54 -39.05 24.41
C LEU B 44 13.89 -39.13 23.04
N LEU B 45 14.55 -38.57 22.02
CA LEU B 45 13.95 -38.45 20.70
C LEU B 45 14.08 -39.72 19.86
N LYS B 46 14.95 -40.66 20.25
CA LYS B 46 15.07 -41.91 19.52
C LYS B 46 13.77 -42.70 19.61
N GLY B 47 13.09 -42.88 18.47
CA GLY B 47 11.84 -43.60 18.45
C GLY B 47 10.63 -42.80 18.89
N TYR B 48 10.77 -41.50 19.08
CA TYR B 48 9.65 -40.66 19.49
C TYR B 48 8.70 -40.48 18.32
N ASP B 49 7.47 -40.99 18.47
CA ASP B 49 6.48 -40.98 17.39
C ASP B 49 5.64 -39.71 17.51
N ILE B 50 5.92 -38.73 16.64
CA ILE B 50 5.18 -37.48 16.64
C ILE B 50 3.73 -37.69 16.22
N ARG B 51 3.42 -38.85 15.64
CA ARG B 51 2.10 -39.09 15.09
C ARG B 51 1.11 -39.58 16.14
N LEU B 52 1.56 -39.74 17.39
CA LEU B 52 0.70 -40.15 18.50
C LEU B 52 0.81 -39.11 19.62
N ARG B 53 -0.34 -38.67 20.13
CA ARG B 53 -0.36 -37.69 21.21
C ARG B 53 0.11 -38.31 22.52
N PRO B 54 0.49 -37.48 23.50
CA PRO B 54 0.89 -38.02 24.80
C PRO B 54 -0.21 -38.87 25.40
N ASP B 55 0.19 -40.00 25.98
CA ASP B 55 -0.76 -40.94 26.58
C ASP B 55 -1.84 -41.33 25.57
N PHE B 56 -1.42 -41.58 24.33
CA PHE B 56 -2.36 -41.98 23.29
C PHE B 56 -3.15 -43.21 23.71
N GLY B 57 -4.46 -43.15 23.48
CA GLY B 57 -5.35 -44.24 23.85
C GLY B 57 -5.83 -44.16 25.29
N GLY B 58 -5.09 -43.43 26.12
CA GLY B 58 -5.45 -43.29 27.52
C GLY B 58 -6.27 -42.03 27.77
N PRO B 59 -6.23 -41.51 28.99
CA PRO B 59 -6.99 -40.30 29.31
C PRO B 59 -6.45 -39.10 28.55
N PRO B 60 -7.27 -38.07 28.34
CA PRO B 60 -6.82 -36.92 27.54
C PRO B 60 -5.66 -36.18 28.21
N VAL B 61 -4.82 -35.59 27.36
CA VAL B 61 -3.73 -34.75 27.85
C VAL B 61 -4.25 -33.35 28.09
N CYS B 62 -3.93 -32.78 29.26
CA CYS B 62 -4.44 -31.48 29.66
C CYS B 62 -3.44 -30.41 29.23
N VAL B 63 -3.86 -29.56 28.29
CA VAL B 63 -3.02 -28.48 27.78
C VAL B 63 -3.38 -27.21 28.52
N GLY B 64 -2.58 -26.84 29.52
CA GLY B 64 -2.73 -25.54 30.14
C GLY B 64 -2.04 -24.47 29.32
N MET B 65 -2.67 -23.31 29.24
CA MET B 65 -2.17 -22.24 28.39
C MET B 65 -2.46 -20.89 29.04
N ASN B 66 -1.64 -19.91 28.65
CA ASN B 66 -1.73 -18.55 29.17
C ASN B 66 -1.17 -17.61 28.11
N ILE B 67 -1.51 -16.33 28.24
CA ILE B 67 -1.23 -15.34 27.20
C ILE B 67 -0.69 -14.06 27.81
N ASP B 68 0.28 -13.47 27.14
CA ASP B 68 0.74 -12.11 27.42
C ASP B 68 0.52 -11.29 26.16
N ILE B 69 -0.33 -10.28 26.25
CA ILE B 69 -0.73 -9.50 25.08
C ILE B 69 0.30 -8.42 24.83
N ALA B 70 0.90 -8.43 23.64
CA ALA B 70 1.81 -7.36 23.25
C ALA B 70 1.03 -6.10 22.92
N SER B 71 -0.06 -6.22 22.17
CA SER B 71 -0.88 -5.07 21.81
C SER B 71 -2.06 -5.54 20.97
N ILE B 72 -3.13 -4.76 21.01
CA ILE B 72 -4.18 -4.78 20.00
C ILE B 72 -3.89 -3.61 19.06
N ASP B 73 -3.56 -3.93 17.81
CA ASP B 73 -2.92 -2.95 16.93
C ASP B 73 -3.93 -1.99 16.32
N MET B 74 -5.03 -2.50 15.77
CA MET B 74 -6.03 -1.65 15.16
C MET B 74 -7.38 -2.36 15.17
N VAL B 75 -8.44 -1.55 15.18
CA VAL B 75 -9.81 -2.04 15.14
C VAL B 75 -10.51 -1.34 13.99
N SER B 76 -11.23 -2.11 13.17
CA SER B 76 -11.79 -1.61 11.92
C SER B 76 -13.27 -1.98 11.84
N GLU B 77 -14.12 -0.96 11.68
CA GLU B 77 -15.54 -1.23 11.47
C GLU B 77 -15.81 -1.65 10.02
N VAL B 78 -15.09 -1.06 9.07
CA VAL B 78 -15.33 -1.40 7.67
C VAL B 78 -14.98 -2.85 7.41
N ASN B 79 -13.97 -3.39 8.09
CA ASN B 79 -13.59 -4.79 7.97
C ASN B 79 -14.24 -5.68 9.01
N MET B 80 -14.81 -5.12 10.08
CA MET B 80 -15.38 -5.90 11.17
C MET B 80 -14.35 -6.87 11.75
N ASP B 81 -13.18 -6.34 12.06
CA ASP B 81 -12.09 -7.16 12.58
C ASP B 81 -11.15 -6.29 13.41
N TYR B 82 -10.22 -6.96 14.08
CA TYR B 82 -9.19 -6.30 14.87
C TYR B 82 -7.92 -7.15 14.80
N THR B 83 -6.78 -6.50 15.02
CA THR B 83 -5.48 -7.13 14.91
C THR B 83 -4.87 -7.25 16.31
N LEU B 84 -4.48 -8.46 16.69
CA LEU B 84 -3.98 -8.76 18.01
C LEU B 84 -2.60 -9.40 17.91
N THR B 85 -1.64 -8.88 18.66
CA THR B 85 -0.31 -9.45 18.78
C THR B 85 -0.11 -9.92 20.21
N MET B 86 0.41 -11.14 20.37
CA MET B 86 0.42 -11.78 21.69
C MET B 86 1.53 -12.80 21.76
N TYR B 87 2.01 -13.03 22.98
CA TYR B 87 2.83 -14.20 23.30
C TYR B 87 1.90 -15.31 23.78
N PHE B 88 1.79 -16.37 22.99
CA PHE B 88 0.86 -17.46 23.26
C PHE B 88 1.64 -18.68 23.69
N GLN B 89 1.26 -19.27 24.83
CA GLN B 89 2.02 -20.34 25.44
C GLN B 89 1.11 -21.51 25.80
N GLN B 90 1.68 -22.71 25.77
CA GLN B 90 0.97 -23.95 26.05
C GLN B 90 1.86 -24.84 26.90
N TYR B 91 1.23 -25.71 27.68
CA TYR B 91 1.93 -26.40 28.76
C TYR B 91 1.26 -27.75 29.00
N TRP B 92 2.01 -28.84 28.81
CA TRP B 92 1.43 -30.18 28.92
C TRP B 92 2.52 -31.18 29.29
N ARG B 93 2.09 -32.31 29.84
CA ARG B 93 2.98 -33.44 30.09
C ARG B 93 3.15 -34.30 28.84
N ASP B 94 4.38 -34.77 28.63
CA ASP B 94 4.65 -35.86 27.70
C ASP B 94 5.55 -36.86 28.43
N LYS B 95 4.97 -37.97 28.86
CA LYS B 95 5.73 -38.93 29.68
C LYS B 95 6.93 -39.47 28.92
N ARG B 96 6.89 -39.44 27.59
CA ARG B 96 8.01 -39.90 26.79
C ARG B 96 9.23 -39.00 26.91
N LEU B 97 9.04 -37.73 27.25
CA LEU B 97 10.13 -36.76 27.32
C LEU B 97 10.69 -36.61 28.73
N ALA B 98 10.24 -37.42 29.68
CA ALA B 98 10.80 -37.39 31.01
C ALA B 98 12.26 -37.86 30.99
N TYR B 99 13.10 -37.17 31.75
CA TYR B 99 14.53 -37.49 31.79
C TYR B 99 15.02 -37.38 33.22
N SER B 100 16.12 -38.09 33.49
CA SER B 100 16.66 -38.18 34.84
C SER B 100 18.17 -38.03 34.79
N GLY B 101 18.75 -37.67 35.94
CA GLY B 101 20.17 -37.43 36.05
C GLY B 101 20.60 -36.01 35.76
N ILE B 102 19.70 -35.16 35.29
CA ILE B 102 19.98 -33.76 35.02
C ILE B 102 19.00 -32.92 35.83
N PRO B 103 19.46 -32.06 36.74
CA PRO B 103 18.52 -31.26 37.53
C PRO B 103 17.97 -30.04 36.81
N LEU B 104 18.57 -29.64 35.69
CA LEU B 104 18.21 -28.40 35.03
C LEU B 104 16.90 -28.55 34.26
N ASN B 105 16.22 -27.42 34.06
CA ASN B 105 15.13 -27.32 33.08
C ASN B 105 15.78 -27.07 31.73
N LEU B 106 15.87 -28.11 30.90
CA LEU B 106 16.51 -27.97 29.61
C LEU B 106 15.71 -27.04 28.70
N THR B 107 16.39 -26.04 28.15
CA THR B 107 15.84 -25.19 27.11
C THR B 107 16.57 -25.47 25.81
N LEU B 108 15.81 -25.72 24.75
CA LEU B 108 16.36 -26.20 23.49
C LEU B 108 16.07 -25.21 22.38
N ASP B 109 16.87 -25.30 21.32
CA ASP B 109 16.65 -24.47 20.14
C ASP B 109 15.25 -24.72 19.59
N ASN B 110 14.61 -23.65 19.11
CA ASN B 110 13.20 -23.74 18.73
C ASN B 110 12.96 -24.77 17.64
N ARG B 111 13.99 -25.13 16.87
CA ARG B 111 13.81 -26.09 15.78
C ARG B 111 13.43 -27.48 16.29
N VAL B 112 13.57 -27.74 17.59
CA VAL B 112 13.08 -28.99 18.16
C VAL B 112 11.57 -29.08 18.03
N ALA B 113 10.90 -27.93 17.88
CA ALA B 113 9.44 -27.93 17.79
C ALA B 113 8.93 -28.75 16.62
N ASP B 114 9.71 -28.88 15.54
CA ASP B 114 9.31 -29.70 14.42
C ASP B 114 9.55 -31.19 14.67
N GLN B 115 10.20 -31.53 15.78
CA GLN B 115 10.49 -32.91 16.13
C GLN B 115 9.65 -33.42 17.29
N LEU B 116 8.70 -32.62 17.77
CA LEU B 116 7.89 -32.96 18.94
C LEU B 116 6.41 -32.85 18.58
N TRP B 117 5.60 -33.63 19.29
CA TRP B 117 4.16 -33.47 19.20
C TRP B 117 3.73 -32.19 19.94
N VAL B 118 2.86 -31.41 19.29
CA VAL B 118 2.31 -30.21 19.92
C VAL B 118 0.83 -30.13 19.61
N PRO B 119 0.06 -29.50 20.50
CA PRO B 119 -1.39 -29.48 20.34
C PRO B 119 -1.81 -28.81 19.03
N ASP B 120 -2.92 -29.29 18.47
CA ASP B 120 -3.53 -28.68 17.29
C ASP B 120 -4.41 -27.49 17.65
N THR B 121 -3.87 -26.55 18.43
CA THR B 121 -4.65 -25.39 18.86
C THR B 121 -4.78 -24.39 17.73
N TYR B 122 -5.98 -23.85 17.54
CA TYR B 122 -6.23 -22.87 16.50
C TYR B 122 -7.27 -21.88 16.97
N PHE B 123 -7.38 -20.77 16.24
CA PHE B 123 -8.29 -19.68 16.57
C PHE B 123 -9.43 -19.69 15.57
N LEU B 124 -10.64 -19.96 16.05
CA LEU B 124 -11.77 -20.21 15.15
C LEU B 124 -12.15 -18.95 14.37
N ASN B 125 -12.15 -17.78 15.00
CA ASN B 125 -12.54 -16.55 14.35
C ASN B 125 -11.36 -15.78 13.78
N ASP B 126 -10.20 -16.43 13.62
CA ASP B 126 -9.05 -15.79 13.01
C ASP B 126 -9.29 -15.64 11.51
N LYS B 127 -9.02 -14.44 10.99
CA LYS B 127 -9.11 -14.23 9.55
C LYS B 127 -7.75 -14.39 8.89
N LYS B 128 -6.69 -13.99 9.57
CA LYS B 128 -5.34 -13.97 9.00
C LYS B 128 -4.31 -13.80 10.11
N SER B 129 -3.35 -14.70 10.18
CA SER B 129 -2.37 -14.68 11.27
C SER B 129 -1.07 -15.30 10.81
N PHE B 130 -0.02 -15.04 11.55
CA PHE B 130 1.31 -15.55 11.22
C PHE B 130 2.17 -15.56 12.48
N VAL B 131 3.09 -16.52 12.54
CA VAL B 131 4.10 -16.54 13.60
C VAL B 131 5.29 -15.72 13.13
N HIS B 132 5.79 -14.84 13.99
CA HIS B 132 6.85 -13.93 13.60
C HIS B 132 8.12 -14.72 13.29
N GLY B 133 8.86 -14.25 12.29
CA GLY B 133 9.96 -15.03 11.75
C GLY B 133 11.29 -14.32 11.56
N VAL B 134 11.42 -13.10 12.06
CA VAL B 134 12.67 -12.35 11.87
C VAL B 134 13.79 -13.05 12.63
N THR B 135 14.99 -13.02 12.05
CA THR B 135 16.15 -13.74 12.59
C THR B 135 15.89 -15.24 12.57
N VAL B 136 14.96 -15.70 13.41
CA VAL B 136 14.55 -17.10 13.44
C VAL B 136 13.14 -17.14 14.00
N LYS B 137 12.38 -18.16 13.58
CA LYS B 137 10.98 -18.24 13.93
C LYS B 137 10.80 -18.13 15.44
N ASN B 138 9.87 -17.27 15.86
CA ASN B 138 9.68 -16.92 17.27
C ASN B 138 8.90 -18.03 17.96
N ARG B 139 9.63 -19.06 18.38
CA ARG B 139 9.07 -20.14 19.18
C ARG B 139 10.04 -20.49 20.30
N MET B 140 9.51 -21.13 21.33
CA MET B 140 10.31 -21.56 22.48
C MET B 140 9.80 -22.91 22.95
N ILE B 141 10.73 -23.78 23.33
CA ILE B 141 10.41 -25.03 24.02
C ILE B 141 11.37 -25.19 25.20
N ARG B 142 10.81 -25.49 26.36
CA ARG B 142 11.58 -25.69 27.58
C ARG B 142 11.12 -26.98 28.23
N LEU B 143 12.03 -27.94 28.36
CA LEU B 143 11.71 -29.22 28.97
C LEU B 143 12.08 -29.22 30.44
N HIS B 144 11.44 -30.11 31.19
CA HIS B 144 11.67 -30.26 32.61
C HIS B 144 11.81 -31.74 32.92
N PRO B 145 12.44 -32.08 34.05
CA PRO B 145 12.72 -33.50 34.33
C PRO B 145 11.50 -34.40 34.28
N ASP B 146 10.35 -33.93 34.78
CA ASP B 146 9.15 -34.77 34.82
C ASP B 146 8.50 -34.92 33.45
N GLY B 147 9.02 -34.26 32.42
CA GLY B 147 8.48 -34.41 31.09
C GLY B 147 7.46 -33.37 30.68
N THR B 148 7.24 -32.34 31.49
CA THR B 148 6.30 -31.29 31.10
C THR B 148 6.98 -30.33 30.15
N VAL B 149 6.27 -29.96 29.08
CA VAL B 149 6.80 -29.14 28.00
C VAL B 149 6.11 -27.78 28.03
N LEU B 150 6.91 -26.72 28.01
CA LEU B 150 6.41 -25.36 27.90
C LEU B 150 6.71 -24.86 26.49
N TYR B 151 5.66 -24.63 25.70
CA TYR B 151 5.78 -24.30 24.29
C TYR B 151 5.13 -22.94 24.06
N GLY B 152 5.91 -22.00 23.54
CA GLY B 152 5.45 -20.63 23.42
C GLY B 152 5.67 -20.09 22.02
N LEU B 153 4.76 -19.20 21.61
CA LEU B 153 4.79 -18.58 20.30
C LEU B 153 4.51 -17.09 20.43
N ARG B 154 5.05 -16.30 19.51
CA ARG B 154 4.63 -14.91 19.32
C ARG B 154 3.80 -14.85 18.05
N ILE B 155 2.56 -14.38 18.18
CA ILE B 155 1.56 -14.49 17.11
C ILE B 155 0.92 -13.13 16.88
N THR B 156 0.74 -12.79 15.62
CA THR B 156 -0.12 -11.68 15.22
C THR B 156 -1.31 -12.25 14.45
N THR B 157 -2.51 -11.90 14.87
CA THR B 157 -3.72 -12.44 14.29
C THR B 157 -4.74 -11.33 14.07
N THR B 158 -5.35 -11.33 12.89
CA THR B 158 -6.47 -10.45 12.58
C THR B 158 -7.76 -11.25 12.71
N ALA B 159 -8.55 -10.93 13.73
CA ALA B 159 -9.69 -11.73 14.12
C ALA B 159 -10.99 -10.99 13.82
N ALA B 160 -12.00 -11.74 13.40
CA ALA B 160 -13.31 -11.16 13.11
C ALA B 160 -13.99 -10.71 14.39
N CYS B 161 -14.66 -9.56 14.31
CA CYS B 161 -15.45 -9.03 15.42
C CYS B 161 -16.62 -8.26 14.81
N MET B 162 -17.76 -8.93 14.68
CA MET B 162 -18.95 -8.27 14.15
C MET B 162 -19.46 -7.26 15.17
N MET B 163 -19.77 -6.06 14.70
CA MET B 163 -20.05 -4.92 15.55
C MET B 163 -21.47 -4.42 15.36
N ASP B 164 -22.11 -4.05 16.47
CA ASP B 164 -23.43 -3.41 16.44
C ASP B 164 -23.22 -1.91 16.46
N LEU B 165 -23.34 -1.28 15.30
CA LEU B 165 -23.07 0.14 15.16
C LEU B 165 -24.32 1.02 15.34
N ARG B 166 -25.45 0.44 15.72
CA ARG B 166 -26.64 1.25 15.98
C ARG B 166 -26.39 2.32 17.03
N ARG B 167 -25.42 2.09 17.92
CA ARG B 167 -25.08 3.05 18.95
C ARG B 167 -23.92 3.96 18.53
N TYR B 168 -23.38 3.75 17.33
CA TYR B 168 -22.15 4.43 16.92
C TYR B 168 -22.38 5.93 16.84
N PRO B 169 -21.39 6.77 17.22
CA PRO B 169 -20.07 6.42 17.80
C PRO B 169 -20.09 6.34 19.33
N LEU B 170 -21.28 6.32 19.93
CA LEU B 170 -21.42 6.14 21.37
C LEU B 170 -21.47 4.68 21.78
N ASP B 171 -20.80 3.81 21.02
CA ASP B 171 -20.98 2.37 21.18
C ASP B 171 -19.85 1.75 21.97
N GLU B 172 -20.11 0.54 22.48
CA GLU B 172 -19.09 -0.33 23.06
C GLU B 172 -19.25 -1.72 22.45
N GLN B 173 -18.13 -2.41 22.27
CA GLN B 173 -18.12 -3.64 21.49
C GLN B 173 -17.41 -4.75 22.25
N ASN B 174 -17.95 -5.97 22.11
CA ASN B 174 -17.42 -7.17 22.74
C ASN B 174 -16.71 -8.01 21.68
N CYS B 175 -15.43 -7.73 21.48
CA CYS B 175 -14.59 -8.52 20.59
C CYS B 175 -13.94 -9.66 21.37
N THR B 176 -13.79 -10.81 20.72
CA THR B 176 -13.32 -12.01 21.38
C THR B 176 -12.31 -12.74 20.50
N LEU B 177 -11.53 -13.62 21.15
CA LEU B 177 -10.66 -14.56 20.47
C LEU B 177 -11.07 -15.96 20.91
N GLU B 178 -11.42 -16.81 19.95
CA GLU B 178 -11.91 -18.16 20.23
C GLU B 178 -10.77 -19.14 20.01
N ILE B 179 -10.32 -19.80 21.08
CA ILE B 179 -9.24 -20.77 21.04
C ILE B 179 -9.84 -22.16 21.11
N GLU B 180 -9.37 -23.07 20.26
CA GLU B 180 -9.97 -24.39 20.14
C GLU B 180 -8.91 -25.37 19.66
N SER B 181 -9.12 -26.66 19.96
CA SER B 181 -8.32 -27.74 19.40
C SER B 181 -9.04 -28.31 18.19
N TYR B 182 -8.31 -28.45 17.08
CA TYR B 182 -8.98 -28.70 15.80
C TYR B 182 -9.20 -30.19 15.58
N GLY B 183 -8.13 -30.98 15.68
CA GLY B 183 -8.20 -32.40 15.40
C GLY B 183 -8.74 -33.27 16.53
N TYR B 184 -8.44 -32.91 17.78
CA TYR B 184 -8.72 -33.76 18.93
C TYR B 184 -9.97 -33.29 19.66
N THR B 185 -10.85 -34.23 19.98
CA THR B 185 -12.08 -33.94 20.69
C THR B 185 -11.81 -33.81 22.19
N THR B 186 -12.87 -33.60 22.97
CA THR B 186 -12.73 -33.55 24.41
C THR B 186 -12.28 -34.88 24.99
N ASP B 187 -12.42 -35.98 24.23
CA ASP B 187 -11.96 -37.28 24.69
C ASP B 187 -10.45 -37.42 24.60
N ASP B 188 -9.76 -36.47 23.97
CA ASP B 188 -8.32 -36.60 23.75
C ASP B 188 -7.56 -35.38 24.26
N ILE B 189 -8.20 -34.22 24.30
CA ILE B 189 -7.57 -32.98 24.72
C ILE B 189 -8.49 -32.25 25.70
N GLU B 190 -7.89 -31.64 26.71
CA GLU B 190 -8.59 -30.73 27.62
C GLU B 190 -7.81 -29.43 27.72
N PHE B 191 -8.52 -28.30 27.66
CA PHE B 191 -7.93 -26.99 27.78
C PHE B 191 -8.28 -26.39 29.13
N TYR B 192 -7.35 -25.60 29.68
CA TYR B 192 -7.63 -24.85 30.89
C TYR B 192 -6.69 -23.65 30.97
N TRP B 193 -7.16 -22.59 31.61
CA TRP B 193 -6.37 -21.39 31.82
C TRP B 193 -5.44 -21.61 33.00
N ARG B 194 -4.13 -21.48 32.78
CA ARG B 194 -3.18 -21.62 33.87
C ARG B 194 -3.27 -20.38 34.78
N GLY B 195 -3.55 -20.62 36.05
CA GLY B 195 -3.73 -19.53 36.99
C GLY B 195 -5.09 -18.88 36.96
N GLY B 196 -6.06 -19.48 36.26
CA GLY B 196 -7.40 -18.94 36.25
C GLY B 196 -7.43 -17.53 35.67
N ASP B 197 -8.04 -16.61 36.41
CA ASP B 197 -8.25 -15.25 35.91
C ASP B 197 -6.93 -14.53 35.65
N LYS B 198 -5.84 -14.98 36.26
CA LYS B 198 -4.53 -14.38 36.02
C LYS B 198 -3.79 -15.02 34.85
N ALA B 199 -4.48 -15.80 34.03
CA ALA B 199 -3.84 -16.46 32.90
C ALA B 199 -3.53 -15.50 31.77
N VAL B 200 -4.17 -14.35 31.70
CA VAL B 200 -3.97 -13.37 30.63
C VAL B 200 -3.39 -12.11 31.25
N THR B 201 -2.28 -11.64 30.69
CA THR B 201 -1.63 -10.42 31.14
C THR B 201 -1.32 -9.56 29.92
N GLY B 202 -0.87 -8.34 30.18
CA GLY B 202 -0.60 -7.39 29.13
C GLY B 202 -1.79 -6.57 28.70
N VAL B 203 -2.99 -6.84 29.24
CA VAL B 203 -4.15 -6.04 28.92
C VAL B 203 -3.94 -4.59 29.35
N GLU B 204 -3.04 -4.35 30.30
CA GLU B 204 -2.77 -2.99 30.77
C GLU B 204 -1.99 -2.17 29.75
N ARG B 205 -1.32 -2.81 28.80
CA ARG B 205 -0.48 -2.11 27.84
C ARG B 205 -1.09 -2.05 26.45
N ILE B 206 -2.42 -2.03 26.35
CA ILE B 206 -3.10 -1.77 25.09
C ILE B 206 -3.42 -0.29 25.01
N GLU B 207 -3.09 0.33 23.88
CA GLU B 207 -3.14 1.78 23.73
C GLU B 207 -3.93 2.19 22.49
N LEU B 208 -5.11 1.62 22.33
CA LEU B 208 -5.97 2.00 21.19
C LEU B 208 -6.39 3.47 21.31
N PRO B 209 -6.28 4.26 20.24
CA PRO B 209 -6.84 5.63 20.30
C PRO B 209 -8.35 5.65 20.45
N GLN B 210 -9.06 4.89 19.62
CA GLN B 210 -10.53 4.91 19.61
C GLN B 210 -11.17 4.27 20.83
N PHE B 211 -10.51 3.35 21.53
CA PHE B 211 -11.22 2.58 22.55
C PHE B 211 -10.41 2.54 23.85
N SER B 212 -11.13 2.40 24.95
CA SER B 212 -10.56 2.08 26.25
C SER B 212 -11.19 0.78 26.73
N ILE B 213 -10.34 -0.15 27.18
CA ILE B 213 -10.82 -1.48 27.53
C ILE B 213 -11.45 -1.41 28.91
N VAL B 214 -12.79 -1.52 28.95
CA VAL B 214 -13.49 -1.50 30.23
C VAL B 214 -13.17 -2.74 31.03
N GLU B 215 -13.15 -3.91 30.37
CA GLU B 215 -12.87 -5.16 31.07
C GLU B 215 -12.46 -6.22 30.05
N HIS B 216 -11.88 -7.30 30.57
CA HIS B 216 -11.60 -8.50 29.79
C HIS B 216 -12.06 -9.71 30.61
N ARG B 217 -12.50 -10.75 29.91
CA ARG B 217 -13.10 -11.90 30.57
C ARG B 217 -12.63 -13.19 29.93
N LEU B 218 -12.44 -14.21 30.76
CA LEU B 218 -11.93 -15.52 30.34
C LEU B 218 -13.03 -16.56 30.51
N VAL B 219 -13.20 -17.42 29.52
CA VAL B 219 -14.25 -18.43 29.53
C VAL B 219 -13.69 -19.76 29.05
N SER B 220 -14.38 -20.85 29.44
CA SER B 220 -14.04 -22.19 29.01
C SER B 220 -15.34 -22.94 28.72
N ARG B 221 -15.36 -23.69 27.62
CA ARG B 221 -16.57 -24.38 27.19
C ARG B 221 -16.23 -25.61 26.36
N ASN B 222 -17.24 -26.43 26.14
CA ASN B 222 -17.22 -27.46 25.10
C ASN B 222 -18.18 -27.07 23.98
N VAL B 223 -17.71 -27.18 22.75
CA VAL B 223 -18.53 -26.90 21.57
C VAL B 223 -18.73 -28.20 20.81
N VAL B 224 -19.96 -28.42 20.34
CA VAL B 224 -20.37 -29.68 19.73
C VAL B 224 -20.54 -29.47 18.24
N PHE B 225 -19.91 -30.34 17.45
CA PHE B 225 -20.09 -30.39 16.01
C PHE B 225 -20.55 -31.79 15.64
N ALA B 226 -20.84 -31.98 14.34
CA ALA B 226 -21.25 -33.29 13.86
C ALA B 226 -20.13 -34.32 14.01
N THR B 227 -18.88 -33.88 14.12
CA THR B 227 -17.74 -34.78 14.25
C THR B 227 -17.30 -35.00 15.69
N GLY B 228 -17.96 -34.38 16.66
CA GLY B 228 -17.62 -34.58 18.06
C GLY B 228 -17.70 -33.32 18.88
N ALA B 229 -17.37 -33.44 20.17
CA ALA B 229 -17.36 -32.31 21.10
C ALA B 229 -15.92 -31.87 21.34
N TYR B 230 -15.67 -30.58 21.23
CA TYR B 230 -14.31 -30.06 21.28
C TYR B 230 -14.17 -29.03 22.39
N PRO B 231 -13.00 -28.93 23.02
CA PRO B 231 -12.81 -27.90 24.06
C PRO B 231 -12.60 -26.53 23.45
N ARG B 232 -13.16 -25.51 24.11
CA ARG B 232 -12.99 -24.12 23.71
C ARG B 232 -12.55 -23.27 24.90
N LEU B 233 -11.65 -22.34 24.63
CA LEU B 233 -11.35 -21.24 25.52
C LEU B 233 -11.59 -19.93 24.78
N SER B 234 -12.16 -18.96 25.48
CA SER B 234 -12.54 -17.69 24.88
C SER B 234 -11.94 -16.55 25.69
N LEU B 235 -11.37 -15.57 24.98
CA LEU B 235 -10.86 -14.34 25.57
C LEU B 235 -11.65 -13.17 25.00
N SER B 236 -12.21 -12.35 25.87
CA SER B 236 -13.12 -11.29 25.47
C SER B 236 -12.65 -9.95 26.01
N PHE B 237 -12.95 -8.89 25.26
CA PHE B 237 -12.68 -7.52 25.68
C PHE B 237 -13.94 -6.70 25.51
N ARG B 238 -14.22 -5.83 26.48
CA ARG B 238 -15.27 -4.82 26.34
C ARG B 238 -14.60 -3.52 25.96
N LEU B 239 -14.80 -3.10 24.71
CA LEU B 239 -14.20 -1.88 24.18
C LEU B 239 -15.26 -0.79 24.14
N LYS B 240 -14.97 0.36 24.75
CA LYS B 240 -15.86 1.50 24.75
C LYS B 240 -15.17 2.67 24.06
N ARG B 241 -15.88 3.29 23.11
CA ARG B 241 -15.26 4.25 22.22
C ARG B 241 -15.06 5.61 22.88
N ASN B 242 -14.03 6.33 22.46
CA ASN B 242 -13.75 7.67 22.95
C ASN B 242 -14.46 8.68 22.05
N ILE B 243 -15.38 9.45 22.64
CA ILE B 243 -16.24 10.34 21.85
C ILE B 243 -15.57 11.66 21.50
N GLY B 244 -14.44 11.99 22.14
CA GLY B 244 -13.84 13.31 21.92
C GLY B 244 -13.50 13.58 20.46
N TYR B 245 -12.97 12.59 19.76
CA TYR B 245 -12.64 12.77 18.35
C TYR B 245 -13.87 13.21 17.57
N PHE B 246 -15.00 12.54 17.77
CA PHE B 246 -16.20 12.89 17.01
C PHE B 246 -16.77 14.23 17.44
N ILE B 247 -16.64 14.60 18.71
CA ILE B 247 -17.04 15.94 19.12
C ILE B 247 -16.25 16.99 18.36
N LEU B 248 -14.92 16.83 18.30
CA LEU B 248 -14.10 17.83 17.62
C LEU B 248 -14.34 17.83 16.12
N GLN B 249 -14.53 16.66 15.51
CA GLN B 249 -14.50 16.58 14.05
C GLN B 249 -15.87 16.63 13.39
N THR B 250 -16.92 16.08 13.99
CA THR B 250 -18.18 15.93 13.29
C THR B 250 -19.31 16.70 13.97
N TYR B 251 -19.56 16.44 15.25
CA TYR B 251 -20.72 17.03 15.93
C TYR B 251 -20.60 18.54 16.01
N MET B 252 -19.46 19.05 16.46
CA MET B 252 -19.30 20.50 16.61
C MET B 252 -19.45 21.22 15.28
N PRO B 253 -18.81 20.77 14.19
CA PRO B 253 -19.08 21.42 12.89
C PRO B 253 -20.54 21.38 12.48
N SER B 254 -21.25 20.29 12.77
CA SER B 254 -22.67 20.24 12.46
C SER B 254 -23.43 21.30 13.24
N ILE B 255 -23.12 21.44 14.53
CA ILE B 255 -23.78 22.47 15.33
C ILE B 255 -23.48 23.86 14.78
N LEU B 256 -22.21 24.10 14.43
CA LEU B 256 -21.82 25.41 13.94
C LEU B 256 -22.51 25.74 12.63
N ILE B 257 -22.61 24.76 11.73
CA ILE B 257 -23.34 24.98 10.48
C ILE B 257 -24.81 25.22 10.77
N THR B 258 -25.37 24.53 11.77
CA THR B 258 -26.75 24.78 12.14
C THR B 258 -26.94 26.19 12.68
N ILE B 259 -25.99 26.64 13.52
CA ILE B 259 -26.05 28.01 14.02
C ILE B 259 -25.92 28.99 12.86
N LEU B 260 -25.05 28.68 11.90
CA LEU B 260 -24.89 29.53 10.73
C LEU B 260 -26.21 29.77 10.02
N SER B 261 -27.12 28.79 10.09
CA SER B 261 -28.43 28.97 9.48
C SER B 261 -29.19 30.12 10.13
N TRP B 262 -29.10 30.24 11.45
CA TRP B 262 -29.93 31.21 12.16
C TRP B 262 -29.54 32.65 11.84
N VAL B 263 -28.38 32.87 11.22
CA VAL B 263 -28.05 34.22 10.75
C VAL B 263 -29.07 34.70 9.74
N SER B 264 -29.74 33.76 9.06
CA SER B 264 -30.73 34.14 8.05
C SER B 264 -31.79 35.07 8.62
N PHE B 265 -32.20 34.85 9.87
CA PHE B 265 -33.35 35.58 10.38
C PHE B 265 -33.00 37.01 10.77
N TRP B 266 -31.70 37.35 10.80
CA TRP B 266 -31.27 38.71 11.11
C TRP B 266 -31.09 39.55 9.86
N ILE B 267 -30.82 38.92 8.71
CA ILE B 267 -30.75 39.65 7.46
C ILE B 267 -32.15 40.15 7.10
N ASN B 268 -32.21 41.40 6.61
CA ASN B 268 -33.51 41.97 6.26
C ASN B 268 -34.21 41.11 5.22
N TYR B 269 -35.55 41.08 5.31
CA TYR B 269 -36.34 40.13 4.53
C TYR B 269 -36.39 40.47 3.04
N ASP B 270 -36.02 41.69 2.64
CA ASP B 270 -36.02 42.05 1.24
C ASP B 270 -34.69 41.79 0.54
N ALA B 271 -33.65 41.40 1.29
CA ALA B 271 -32.40 40.95 0.68
C ALA B 271 -32.49 39.45 0.35
N SER B 272 -33.35 39.15 -0.64
CA SER B 272 -33.67 37.78 -0.95
C SER B 272 -32.44 36.99 -1.36
N ALA B 273 -31.56 37.59 -2.15
CA ALA B 273 -30.39 36.87 -2.63
C ALA B 273 -29.54 36.35 -1.47
N ALA B 274 -29.31 37.19 -0.46
CA ALA B 274 -28.48 36.79 0.66
C ALA B 274 -29.15 35.71 1.50
N ARG B 275 -30.43 35.90 1.83
CA ARG B 275 -31.18 34.90 2.59
C ARG B 275 -31.08 33.54 1.91
N VAL B 276 -31.39 33.51 0.60
CA VAL B 276 -31.38 32.26 -0.14
C VAL B 276 -29.98 31.67 -0.21
N ALA B 277 -28.98 32.50 -0.51
CA ALA B 277 -27.62 31.97 -0.61
C ALA B 277 -27.19 31.31 0.69
N LEU B 278 -27.43 31.98 1.82
CA LEU B 278 -27.00 31.43 3.09
C LEU B 278 -27.76 30.15 3.42
N GLY B 279 -29.07 30.14 3.21
CA GLY B 279 -29.84 28.94 3.53
C GLY B 279 -29.46 27.75 2.68
N ILE B 280 -29.36 27.97 1.37
CA ILE B 280 -29.03 26.87 0.47
C ILE B 280 -27.59 26.39 0.72
N THR B 281 -26.68 27.31 1.04
CA THR B 281 -25.34 26.89 1.41
C THR B 281 -25.36 26.01 2.64
N THR B 282 -26.15 26.37 3.65
CA THR B 282 -26.24 25.55 4.85
C THR B 282 -26.77 24.16 4.51
N VAL B 283 -27.85 24.09 3.71
CA VAL B 283 -28.42 22.80 3.37
C VAL B 283 -27.41 21.94 2.62
N LEU B 284 -26.72 22.55 1.64
CA LEU B 284 -25.73 21.81 0.85
C LEU B 284 -24.60 21.29 1.72
N THR B 285 -24.10 22.14 2.63
CA THR B 285 -23.00 21.72 3.49
C THR B 285 -23.44 20.59 4.40
N MET B 286 -24.68 20.65 4.90
CA MET B 286 -25.18 19.57 5.75
C MET B 286 -25.28 18.27 4.96
N THR B 287 -25.75 18.34 3.71
CA THR B 287 -25.82 17.14 2.88
C THR B 287 -24.43 16.56 2.66
N THR B 288 -23.44 17.41 2.39
CA THR B 288 -22.08 16.93 2.21
C THR B 288 -21.54 16.30 3.48
N ILE B 289 -21.82 16.89 4.65
CA ILE B 289 -21.40 16.28 5.90
C ILE B 289 -22.02 14.90 6.05
N ASN B 290 -23.31 14.78 5.71
CA ASN B 290 -23.98 13.50 5.77
C ASN B 290 -23.27 12.47 4.89
N THR B 291 -23.02 12.82 3.64
CA THR B 291 -22.52 11.84 2.68
C THR B 291 -21.05 11.50 2.87
N HIS B 292 -20.24 12.43 3.37
CA HIS B 292 -18.81 12.17 3.51
C HIS B 292 -18.54 11.05 4.52
N LEU B 293 -19.26 11.05 5.64
CA LEU B 293 -18.89 10.19 6.76
C LEU B 293 -19.07 8.71 6.41
N ARG B 294 -20.13 8.37 5.67
CA ARG B 294 -20.47 6.97 5.47
C ARG B 294 -19.50 6.23 4.57
N GLU B 295 -18.55 6.92 3.94
CA GLU B 295 -17.47 6.25 3.23
C GLU B 295 -16.40 5.71 4.18
N THR B 296 -16.34 6.21 5.41
CA THR B 296 -15.31 5.81 6.37
C THR B 296 -15.66 4.56 7.15
N LEU B 297 -16.82 3.96 6.90
CA LEU B 297 -17.35 2.90 7.76
C LEU B 297 -18.32 2.08 6.93
N PRO B 298 -18.65 0.86 7.37
CA PRO B 298 -19.34 -0.06 6.47
C PRO B 298 -20.72 0.44 6.08
N LYS B 299 -21.13 0.08 4.86
CA LYS B 299 -22.43 0.44 4.34
C LYS B 299 -23.50 -0.47 4.92
N ILE B 300 -23.70 -0.37 6.24
CA ILE B 300 -24.64 -1.23 6.96
C ILE B 300 -26.05 -0.66 6.82
N PRO B 301 -27.10 -1.49 6.61
CA PRO B 301 -28.43 -0.98 6.23
C PRO B 301 -29.34 -0.61 7.41
N TYR B 302 -28.89 0.33 8.24
CA TYR B 302 -29.73 0.92 9.26
C TYR B 302 -29.18 2.27 9.69
N VAL B 303 -30.01 3.02 10.41
CA VAL B 303 -29.67 4.35 10.88
C VAL B 303 -28.86 4.25 12.16
N LYS B 304 -27.71 4.92 12.20
CA LYS B 304 -26.88 5.00 13.38
C LYS B 304 -27.24 6.25 14.19
N ALA B 305 -26.67 6.34 15.40
CA ALA B 305 -26.92 7.50 16.25
C ALA B 305 -26.55 8.79 15.52
N ILE B 306 -25.34 8.83 14.96
CA ILE B 306 -24.90 10.04 14.28
C ILE B 306 -25.77 10.31 13.06
N ASP B 307 -26.27 9.26 12.41
CA ASP B 307 -27.19 9.47 11.30
C ASP B 307 -28.47 10.15 11.75
N MET B 308 -29.03 9.73 12.88
CA MET B 308 -30.21 10.39 13.41
C MET B 308 -29.92 11.84 13.77
N TYR B 309 -28.77 12.09 14.41
CA TYR B 309 -28.39 13.47 14.73
C TYR B 309 -28.32 14.33 13.47
N LEU B 310 -27.61 13.84 12.45
CA LEU B 310 -27.42 14.64 11.25
C LEU B 310 -28.73 14.82 10.49
N MET B 311 -29.62 13.82 10.50
CA MET B 311 -30.91 14.01 9.85
C MET B 311 -31.77 15.00 10.60
N GLY B 312 -31.70 15.03 11.93
CA GLY B 312 -32.41 16.05 12.68
C GLY B 312 -31.90 17.45 12.36
N CYS B 313 -30.57 17.60 12.33
CA CYS B 313 -29.99 18.88 11.94
C CYS B 313 -30.38 19.28 10.52
N PHE B 314 -30.44 18.30 9.61
CA PHE B 314 -30.92 18.58 8.26
C PHE B 314 -32.35 19.07 8.29
N VAL B 315 -33.20 18.45 9.09
CA VAL B 315 -34.59 18.90 9.20
C VAL B 315 -34.63 20.35 9.68
N PHE B 316 -33.82 20.68 10.68
CA PHE B 316 -33.82 22.05 11.19
C PHE B 316 -33.37 23.04 10.13
N VAL B 317 -32.26 22.76 9.45
CA VAL B 317 -31.76 23.72 8.46
C VAL B 317 -32.66 23.79 7.24
N PHE B 318 -33.39 22.71 6.94
CA PHE B 318 -34.33 22.72 5.82
C PHE B 318 -35.57 23.54 6.17
N LEU B 319 -36.10 23.38 7.38
CA LEU B 319 -37.20 24.21 7.81
C LEU B 319 -36.76 25.66 7.94
N ALA B 320 -35.48 25.91 8.21
CA ALA B 320 -34.96 27.27 8.24
C ALA B 320 -34.83 27.90 6.85
N LEU B 321 -35.29 27.22 5.80
CA LEU B 321 -35.32 27.79 4.45
C LEU B 321 -36.75 27.75 3.95
N LEU B 322 -37.49 26.71 4.33
CA LEU B 322 -38.94 26.74 4.15
C LEU B 322 -39.55 27.93 4.89
N GLU B 323 -38.94 28.33 6.00
CA GLU B 323 -39.33 29.55 6.70
C GLU B 323 -39.14 30.79 5.84
N TYR B 324 -37.99 30.90 5.15
CA TYR B 324 -37.82 32.05 4.28
C TYR B 324 -38.83 32.01 3.14
N ALA B 325 -39.09 30.83 2.59
CA ALA B 325 -40.10 30.73 1.54
C ALA B 325 -41.45 31.23 2.05
N PHE B 326 -41.83 30.82 3.26
CA PHE B 326 -43.09 31.27 3.85
C PHE B 326 -43.12 32.79 3.97
N VAL B 327 -42.09 33.38 4.57
CA VAL B 327 -42.12 34.82 4.82
C VAL B 327 -42.12 35.60 3.49
N ASN B 328 -41.32 35.15 2.52
CA ASN B 328 -41.28 35.82 1.23
C ASN B 328 -42.63 35.75 0.52
N TYR B 329 -43.27 34.58 0.55
CA TYR B 329 -44.59 34.47 -0.07
C TYR B 329 -45.60 35.38 0.63
N ILE B 330 -45.57 35.42 1.96
CA ILE B 330 -46.49 36.29 2.68
C ILE B 330 -46.17 37.76 2.41
N PHE B 331 -44.89 38.08 2.23
CA PHE B 331 -44.49 39.48 2.07
C PHE B 331 -44.78 39.99 0.67
N PHE B 332 -44.35 39.26 -0.36
CA PHE B 332 -44.47 39.74 -1.74
C PHE B 332 -45.77 39.36 -2.42
N SER B 333 -46.49 38.36 -1.93
CA SER B 333 -47.66 37.86 -2.65
C SER B 333 -48.92 37.85 -1.80
N GLN B 334 -48.83 37.49 -0.53
CA GLN B 334 -50.01 37.37 0.31
C GLN B 334 -49.70 37.79 1.75
N GLU B 574 -52.27 43.53 7.37
CA GLU B 574 -51.08 43.33 8.19
C GLU B 574 -50.11 42.35 7.53
N LEU B 575 -50.63 41.51 6.65
CA LEU B 575 -49.82 40.43 6.09
C LEU B 575 -48.63 40.98 5.29
N TYR B 576 -48.86 42.03 4.51
CA TYR B 576 -47.82 42.55 3.62
C TYR B 576 -46.81 43.45 4.33
N LYS B 577 -47.07 43.86 5.57
CA LYS B 577 -46.15 44.73 6.30
C LYS B 577 -45.66 44.09 7.59
N GLY B 578 -46.60 43.66 8.44
CA GLY B 578 -46.24 43.22 9.78
C GLY B 578 -45.89 41.75 9.89
N ARG B 579 -46.73 40.88 9.32
CA ARG B 579 -46.50 39.44 9.45
C ARG B 579 -45.14 39.03 8.90
N ALA B 580 -44.61 39.79 7.93
CA ALA B 580 -43.29 39.47 7.40
C ALA B 580 -42.23 39.56 8.50
N ALA B 581 -42.29 40.62 9.31
CA ALA B 581 -41.34 40.76 10.41
C ALA B 581 -41.68 39.83 11.57
N ALA B 582 -42.97 39.52 11.75
CA ALA B 582 -43.39 38.71 12.88
C ALA B 582 -42.81 37.30 12.80
N ILE B 583 -42.73 36.73 11.60
CA ILE B 583 -42.22 35.38 11.47
C ILE B 583 -40.74 35.34 11.83
N ASP B 584 -39.95 36.31 11.35
CA ASP B 584 -38.55 36.38 11.73
C ASP B 584 -38.40 36.58 13.24
N ARG B 585 -39.27 37.41 13.82
CA ARG B 585 -39.19 37.68 15.25
C ARG B 585 -39.46 36.41 16.06
N TRP B 586 -40.46 35.63 15.66
CA TRP B 586 -40.64 34.32 16.26
C TRP B 586 -39.37 33.48 16.09
N SER B 587 -38.90 33.35 14.85
CA SER B 587 -37.89 32.35 14.54
C SER B 587 -36.60 32.59 15.30
N ARG B 588 -36.15 33.85 15.39
CA ARG B 588 -34.88 34.16 16.06
C ARG B 588 -34.76 33.55 17.46
N ILE B 589 -35.87 33.15 18.07
CA ILE B 589 -35.85 32.46 19.35
C ILE B 589 -36.39 31.05 19.24
N VAL B 590 -37.44 30.84 18.44
CA VAL B 590 -38.06 29.53 18.35
C VAL B 590 -37.08 28.50 17.80
N PHE B 591 -36.37 28.83 16.71
CA PHE B 591 -35.44 27.85 16.15
C PHE B 591 -34.31 27.52 17.12
N PRO B 592 -33.60 28.49 17.69
CA PRO B 592 -32.59 28.12 18.70
C PRO B 592 -33.16 27.32 19.85
N PHE B 593 -34.34 27.69 20.33
CA PHE B 593 -34.96 26.96 21.45
C PHE B 593 -35.24 25.52 21.07
N THR B 594 -35.91 25.32 19.92
CA THR B 594 -36.26 23.96 19.52
C THR B 594 -35.02 23.12 19.25
N PHE B 595 -34.01 23.70 18.62
CA PHE B 595 -32.78 22.94 18.37
C PHE B 595 -32.09 22.57 19.67
N SER B 596 -32.04 23.49 20.64
CA SER B 596 -31.43 23.16 21.93
C SER B 596 -32.22 22.05 22.62
N LEU B 597 -33.54 22.11 22.57
CA LEU B 597 -34.35 21.05 23.15
C LEU B 597 -34.07 19.71 22.50
N PHE B 598 -33.98 19.70 21.16
CA PHE B 598 -33.67 18.46 20.45
C PHE B 598 -32.30 17.92 20.84
N ASN B 599 -31.30 18.80 20.94
CA ASN B 599 -29.96 18.37 21.32
C ASN B 599 -29.97 17.76 22.72
N LEU B 600 -30.63 18.43 23.66
CA LEU B 600 -30.69 17.92 25.03
C LEU B 600 -31.35 16.55 25.05
N VAL B 601 -32.46 16.39 24.33
CA VAL B 601 -33.16 15.10 24.33
C VAL B 601 -32.31 14.03 23.67
N TYR B 602 -31.59 14.37 22.60
CA TYR B 602 -30.72 13.40 21.95
C TYR B 602 -29.68 12.86 22.91
N TRP B 603 -28.95 13.75 23.58
CA TRP B 603 -27.94 13.27 24.53
C TRP B 603 -28.57 12.53 25.69
N LEU B 604 -29.69 13.04 26.23
CA LEU B 604 -30.32 12.36 27.37
C LEU B 604 -30.90 11.00 26.99
N TYR B 605 -31.12 10.73 25.71
CA TYR B 605 -31.46 9.37 25.32
C TYR B 605 -30.20 8.52 25.19
N TYR B 606 -29.25 8.95 24.35
CA TYR B 606 -28.18 8.03 23.99
C TYR B 606 -27.16 7.82 25.10
N VAL B 607 -26.85 8.84 25.89
CA VAL B 607 -25.85 8.70 26.94
C VAL B 607 -26.46 8.11 28.21
N ASN B 608 -27.65 8.56 28.60
CA ASN B 608 -28.26 8.11 29.85
C ASN B 608 -29.07 6.83 29.71
N SER B 609 -29.49 6.48 28.49
CA SER B 609 -30.33 5.30 28.29
C SER B 609 -30.19 4.76 26.87
N PRO C 31 47.83 -26.35 3.96
CA PRO C 31 47.82 -25.99 2.54
C PRO C 31 46.52 -25.31 2.11
N GLY C 32 46.49 -24.84 0.87
CA GLY C 32 45.31 -24.25 0.29
C GLY C 32 44.38 -25.25 -0.38
N ASN C 33 44.65 -26.55 -0.24
CA ASN C 33 43.83 -27.56 -0.88
C ASN C 33 42.38 -27.45 -0.41
N MET C 34 41.45 -27.44 -1.37
CA MET C 34 40.04 -27.36 -1.01
C MET C 34 39.57 -28.62 -0.30
N SER C 35 40.16 -29.78 -0.65
CA SER C 35 39.83 -31.00 0.06
C SER C 35 40.24 -30.91 1.52
N PHE C 36 41.40 -30.31 1.79
CA PHE C 36 41.83 -30.13 3.18
C PHE C 36 40.83 -29.28 3.95
N VAL C 37 40.31 -28.23 3.33
CA VAL C 37 39.30 -27.40 3.98
C VAL C 37 38.02 -28.19 4.17
N LYS C 38 37.60 -28.95 3.17
CA LYS C 38 36.35 -29.71 3.28
C LYS C 38 36.40 -30.68 4.45
N GLU C 39 37.47 -31.47 4.55
CA GLU C 39 37.60 -32.41 5.65
C GLU C 39 37.82 -31.71 6.99
N THR C 40 38.17 -30.42 6.98
CA THR C 40 38.21 -29.66 8.22
C THR C 40 36.81 -29.24 8.64
N VAL C 41 36.03 -28.69 7.70
CA VAL C 41 34.67 -28.27 8.02
C VAL C 41 33.83 -29.48 8.44
N ASP C 42 33.95 -30.58 7.71
CA ASP C 42 33.17 -31.77 8.04
C ASP C 42 33.48 -32.28 9.43
N LYS C 43 34.71 -32.11 9.90
CA LYS C 43 35.04 -32.49 11.27
C LYS C 43 34.46 -31.54 12.30
N LEU C 44 34.18 -30.30 11.91
CA LEU C 44 33.49 -29.39 12.82
C LEU C 44 32.02 -29.74 12.94
N LEU C 45 31.38 -30.08 11.81
CA LEU C 45 29.95 -30.36 11.82
C LEU C 45 29.62 -31.77 12.28
N LYS C 46 30.56 -32.71 12.15
CA LYS C 46 30.30 -34.08 12.59
C LYS C 46 30.10 -34.11 14.09
N GLY C 47 28.95 -34.62 14.52
CA GLY C 47 28.60 -34.65 15.93
C GLY C 47 28.07 -33.33 16.46
N TYR C 48 28.02 -32.29 15.64
CA TYR C 48 27.50 -31.01 16.09
C TYR C 48 25.99 -31.08 16.29
N ASP C 49 25.51 -30.49 17.38
CA ASP C 49 24.10 -30.51 17.72
C ASP C 49 23.60 -29.06 17.74
N ILE C 50 22.70 -28.74 16.80
CA ILE C 50 22.14 -27.40 16.73
C ILE C 50 21.22 -27.11 17.89
N ARG C 51 20.73 -28.16 18.57
CA ARG C 51 19.73 -27.97 19.62
C ARG C 51 20.31 -27.43 20.91
N LEU C 52 21.64 -27.46 21.07
CA LEU C 52 22.30 -27.06 22.30
C LEU C 52 23.15 -25.82 22.06
N ARG C 53 23.02 -24.82 22.94
CA ARG C 53 23.78 -23.59 22.81
C ARG C 53 25.24 -23.82 23.16
N PRO C 54 26.12 -22.92 22.73
CA PRO C 54 27.54 -23.04 23.10
C PRO C 54 27.72 -23.05 24.61
N ASP C 55 28.67 -23.87 25.07
CA ASP C 55 28.96 -23.98 26.49
C ASP C 55 27.70 -24.30 27.29
N PHE C 56 26.89 -25.23 26.76
CA PHE C 56 25.65 -25.60 27.41
C PHE C 56 25.91 -26.07 28.84
N GLY C 57 25.07 -25.61 29.76
CA GLY C 57 25.23 -25.93 31.17
C GLY C 57 26.23 -25.01 31.86
N GLY C 58 27.13 -24.42 31.10
CA GLY C 58 28.13 -23.53 31.64
C GLY C 58 27.61 -22.10 31.71
N PRO C 59 28.53 -21.14 31.80
CA PRO C 59 28.12 -19.74 31.92
C PRO C 59 27.42 -19.25 30.66
N PRO C 60 26.79 -18.08 30.71
CA PRO C 60 26.03 -17.60 29.55
C PRO C 60 26.92 -17.33 28.35
N VAL C 61 26.31 -17.39 27.17
CA VAL C 61 27.00 -17.06 25.93
C VAL C 61 26.96 -15.56 25.73
N CYS C 62 28.12 -14.94 25.56
CA CYS C 62 28.20 -13.51 25.28
C CYS C 62 28.00 -13.28 23.79
N VAL C 63 26.92 -12.58 23.43
CA VAL C 63 26.59 -12.29 22.03
C VAL C 63 26.75 -10.79 21.83
N GLY C 64 27.63 -10.41 20.92
CA GLY C 64 27.89 -9.00 20.65
C GLY C 64 27.12 -8.47 19.46
N MET C 65 26.16 -7.58 19.72
CA MET C 65 25.35 -7.02 18.65
C MET C 65 26.07 -5.86 17.97
N ASN C 66 25.77 -5.68 16.68
CA ASN C 66 26.32 -4.59 15.90
C ASN C 66 25.40 -4.35 14.71
N ILE C 67 25.17 -3.07 14.40
CA ILE C 67 24.20 -2.68 13.39
C ILE C 67 24.80 -1.60 12.51
N ASP C 68 24.52 -1.69 11.21
CA ASP C 68 24.77 -0.61 10.27
C ASP C 68 23.44 -0.23 9.63
N ILE C 69 22.98 0.99 9.87
CA ILE C 69 21.67 1.42 9.40
C ILE C 69 21.74 1.72 7.91
N ALA C 70 20.84 1.11 7.15
CA ALA C 70 20.76 1.36 5.72
C ALA C 70 19.84 2.54 5.42
N SER C 71 18.65 2.57 6.02
CA SER C 71 17.72 3.67 5.80
C SER C 71 16.51 3.48 6.69
N ILE C 72 15.81 4.58 6.95
CA ILE C 72 14.46 4.56 7.52
C ILE C 72 13.51 4.96 6.41
N ASP C 73 12.72 4.01 5.93
CA ASP C 73 11.97 4.21 4.69
C ASP C 73 10.71 5.06 4.89
N MET C 74 10.13 5.06 6.09
CA MET C 74 8.98 5.92 6.35
C MET C 74 8.74 6.01 7.84
N VAL C 75 8.10 7.11 8.24
CA VAL C 75 7.56 7.29 9.59
C VAL C 75 6.13 7.77 9.44
N SER C 76 5.19 7.05 10.04
CA SER C 76 3.77 7.31 9.83
C SER C 76 3.05 7.44 11.16
N GLU C 77 2.30 8.53 11.31
CA GLU C 77 1.50 8.72 12.52
C GLU C 77 0.23 7.88 12.49
N VAL C 78 -0.39 7.75 11.31
CA VAL C 78 -1.67 7.06 11.23
C VAL C 78 -1.54 5.61 11.68
N ASN C 79 -0.34 5.03 11.55
CA ASN C 79 -0.09 3.65 11.98
C ASN C 79 0.78 3.59 13.23
N MET C 80 1.33 4.71 13.69
CA MET C 80 2.23 4.73 14.84
C MET C 80 3.36 3.71 14.65
N ASP C 81 4.09 3.88 13.56
CA ASP C 81 5.16 2.97 13.20
C ASP C 81 6.20 3.67 12.34
N TYR C 82 7.34 3.02 12.16
CA TYR C 82 8.35 3.44 11.21
C TYR C 82 9.02 2.19 10.65
N THR C 83 9.49 2.29 9.41
CA THR C 83 10.09 1.18 8.68
C THR C 83 11.60 1.38 8.64
N LEU C 84 12.34 0.37 9.09
CA LEU C 84 13.78 0.45 9.22
C LEU C 84 14.43 -0.70 8.45
N THR C 85 15.48 -0.38 7.70
CA THR C 85 16.28 -1.36 6.98
C THR C 85 17.71 -1.25 7.45
N MET C 86 18.33 -2.38 7.75
CA MET C 86 19.61 -2.37 8.45
C MET C 86 20.38 -3.65 8.16
N TYR C 87 21.69 -3.57 8.32
CA TYR C 87 22.56 -4.74 8.38
C TYR C 87 22.71 -5.13 9.85
N PHE C 88 22.15 -6.28 10.22
CA PHE C 88 22.15 -6.73 11.60
C PHE C 88 23.18 -7.85 11.75
N GLN C 89 24.09 -7.69 12.71
CA GLN C 89 25.24 -8.57 12.86
C GLN C 89 25.35 -9.04 14.31
N GLN C 90 25.92 -10.23 14.50
CA GLN C 90 26.02 -10.85 15.82
C GLN C 90 27.34 -11.60 15.91
N TYR C 91 27.96 -11.55 17.09
CA TYR C 91 29.24 -12.21 17.34
C TYR C 91 29.12 -13.12 18.56
N TRP C 92 29.68 -14.32 18.47
CA TRP C 92 29.79 -15.19 19.64
C TRP C 92 30.84 -16.25 19.34
N ARG C 93 31.34 -16.86 20.41
CA ARG C 93 32.31 -17.94 20.32
C ARG C 93 31.63 -19.28 20.61
N ASP C 94 31.73 -20.21 19.68
CA ASP C 94 31.29 -21.59 19.87
C ASP C 94 32.51 -22.48 19.78
N LYS C 95 32.93 -23.05 20.92
CA LYS C 95 34.15 -23.84 20.95
C LYS C 95 34.11 -25.02 20.00
N ARG C 96 32.91 -25.51 19.67
CA ARG C 96 32.79 -26.65 18.77
C ARG C 96 33.28 -26.31 17.36
N LEU C 97 33.35 -25.03 17.00
CA LEU C 97 33.73 -24.62 15.66
C LEU C 97 35.17 -24.14 15.58
N ALA C 98 35.96 -24.31 16.62
CA ALA C 98 37.38 -23.96 16.56
C ALA C 98 38.12 -24.94 15.67
N TYR C 99 39.07 -24.42 14.89
CA TYR C 99 39.83 -25.24 13.96
C TYR C 99 41.27 -24.75 13.91
N SER C 100 42.15 -25.65 13.49
CA SER C 100 43.58 -25.36 13.45
C SER C 100 44.15 -25.83 12.11
N GLY C 101 45.32 -25.29 11.77
CA GLY C 101 45.96 -25.58 10.51
C GLY C 101 45.55 -24.67 9.37
N ILE C 102 44.58 -23.79 9.58
CA ILE C 102 44.12 -22.87 8.54
C ILE C 102 44.19 -21.44 9.11
N PRO C 103 45.16 -20.62 8.71
CA PRO C 103 45.22 -19.25 9.23
C PRO C 103 44.04 -18.39 8.81
N LEU C 104 43.29 -18.79 7.79
CA LEU C 104 42.26 -17.93 7.23
C LEU C 104 41.07 -17.79 8.17
N ASN C 105 40.31 -16.72 7.96
CA ASN C 105 38.98 -16.56 8.56
C ASN C 105 37.98 -17.11 7.54
N LEU C 106 37.60 -18.37 7.72
CA LEU C 106 36.71 -19.05 6.78
C LEU C 106 35.43 -18.27 6.56
N THR C 107 35.13 -17.97 5.30
CA THR C 107 33.83 -17.45 4.90
C THR C 107 33.12 -18.53 4.09
N LEU C 108 31.89 -18.84 4.48
CA LEU C 108 31.17 -19.99 3.94
C LEU C 108 29.86 -19.56 3.31
N ASP C 109 29.35 -20.41 2.42
CA ASP C 109 28.04 -20.17 1.80
C ASP C 109 26.99 -20.04 2.88
N ASN C 110 26.05 -19.10 2.68
CA ASN C 110 25.10 -18.76 3.73
C ASN C 110 24.21 -19.94 4.11
N ARG C 111 24.14 -20.98 3.29
CA ARG C 111 23.32 -22.14 3.63
C ARG C 111 23.87 -22.91 4.83
N VAL C 112 25.10 -22.61 5.25
CA VAL C 112 25.63 -23.19 6.49
C VAL C 112 24.79 -22.76 7.68
N ALA C 113 24.11 -21.62 7.58
CA ALA C 113 23.31 -21.12 8.68
C ALA C 113 22.25 -22.11 9.13
N ASP C 114 21.78 -22.98 8.22
CA ASP C 114 20.77 -23.97 8.57
C ASP C 114 21.33 -25.12 9.38
N GLN C 115 22.66 -25.19 9.57
CA GLN C 115 23.29 -26.33 10.21
C GLN C 115 24.02 -25.96 11.50
N LEU C 116 23.96 -24.71 11.93
CA LEU C 116 24.66 -24.24 13.12
C LEU C 116 23.66 -23.67 14.12
N TRP C 117 24.09 -23.59 15.38
CA TRP C 117 23.32 -22.86 16.38
C TRP C 117 23.52 -21.37 16.20
N VAL C 118 22.42 -20.62 16.20
CA VAL C 118 22.47 -19.16 16.14
C VAL C 118 21.50 -18.62 17.19
N PRO C 119 21.81 -17.49 17.83
CA PRO C 119 20.91 -16.97 18.86
C PRO C 119 19.56 -16.58 18.27
N ASP C 120 18.53 -16.64 19.12
CA ASP C 120 17.16 -16.39 18.70
C ASP C 120 16.76 -14.93 18.88
N THR C 121 17.69 -14.01 18.66
CA THR C 121 17.41 -12.60 18.84
C THR C 121 16.21 -12.19 17.99
N TYR C 122 15.28 -11.46 18.61
CA TYR C 122 14.09 -10.95 17.94
C TYR C 122 13.81 -9.55 18.43
N PHE C 123 12.90 -8.86 17.74
CA PHE C 123 12.52 -7.49 18.05
C PHE C 123 11.11 -7.48 18.62
N LEU C 124 10.97 -6.95 19.85
CA LEU C 124 9.68 -6.98 20.52
C LEU C 124 8.65 -6.10 19.84
N ASN C 125 9.05 -4.89 19.40
CA ASN C 125 8.10 -3.89 18.94
C ASN C 125 7.98 -3.85 17.41
N ASP C 126 8.39 -4.91 16.72
CA ASP C 126 8.20 -4.95 15.27
C ASP C 126 6.77 -5.38 14.94
N LYS C 127 6.17 -4.71 13.95
CA LYS C 127 4.84 -5.06 13.51
C LYS C 127 4.90 -6.26 12.56
N LYS C 128 5.81 -6.21 11.59
CA LYS C 128 6.22 -7.39 10.86
C LYS C 128 7.55 -7.08 10.18
N SER C 129 8.30 -8.13 9.87
CA SER C 129 9.64 -7.97 9.34
C SER C 129 9.99 -9.17 8.47
N PHE C 130 11.05 -9.01 7.67
CA PHE C 130 11.50 -10.07 6.79
C PHE C 130 12.99 -9.89 6.51
N VAL C 131 13.63 -10.99 6.13
CA VAL C 131 15.02 -10.98 5.69
C VAL C 131 15.04 -11.01 4.18
N HIS C 132 15.81 -10.10 3.57
CA HIS C 132 15.80 -9.94 2.12
C HIS C 132 16.34 -11.21 1.46
N GLY C 133 15.68 -11.65 0.40
CA GLY C 133 15.95 -12.94 -0.19
C GLY C 133 16.36 -12.94 -1.66
N VAL C 134 16.58 -11.76 -2.24
CA VAL C 134 16.87 -11.68 -3.67
C VAL C 134 18.13 -12.49 -3.97
N THR C 135 18.11 -13.19 -5.12
CA THR C 135 19.19 -14.11 -5.48
C THR C 135 19.27 -15.25 -4.49
N VAL C 136 19.71 -14.96 -3.26
CA VAL C 136 19.77 -15.94 -2.19
C VAL C 136 19.70 -15.17 -0.88
N LYS C 137 19.15 -15.82 0.15
CA LYS C 137 18.90 -15.15 1.41
C LYS C 137 20.12 -14.37 1.86
N ASN C 138 19.91 -13.09 2.19
CA ASN C 138 21.00 -12.19 2.53
C ASN C 138 21.54 -12.47 3.92
N ARG C 139 22.36 -13.52 4.04
CA ARG C 139 22.97 -13.91 5.29
C ARG C 139 24.48 -14.04 5.11
N MET C 140 25.20 -13.80 6.21
CA MET C 140 26.65 -13.88 6.25
C MET C 140 27.05 -14.82 7.39
N ILE C 141 28.03 -15.68 7.12
CA ILE C 141 28.68 -16.46 8.17
C ILE C 141 30.17 -16.47 7.90
N ARG C 142 30.95 -16.17 8.93
CA ARG C 142 32.41 -16.15 8.85
C ARG C 142 32.96 -16.73 10.14
N LEU C 143 33.75 -17.79 10.00
CA LEU C 143 34.28 -18.54 11.15
C LEU C 143 35.74 -18.17 11.35
N HIS C 144 36.09 -17.79 12.56
CA HIS C 144 37.47 -17.49 12.89
C HIS C 144 38.12 -18.70 13.58
N PRO C 145 39.44 -18.81 13.53
CA PRO C 145 40.09 -20.03 14.05
C PRO C 145 39.73 -20.38 15.47
N ASP C 146 39.57 -19.38 16.35
CA ASP C 146 39.25 -19.64 17.75
C ASP C 146 37.78 -19.95 17.98
N GLY C 147 36.98 -20.13 16.93
CA GLY C 147 35.59 -20.47 17.06
C GLY C 147 34.63 -19.31 17.09
N THR C 148 35.11 -18.08 16.94
CA THR C 148 34.24 -16.90 16.95
C THR C 148 33.43 -16.86 15.66
N VAL C 149 32.11 -16.98 15.79
CA VAL C 149 31.22 -16.88 14.64
C VAL C 149 30.84 -15.43 14.43
N LEU C 150 30.92 -14.96 13.19
CA LEU C 150 30.36 -13.69 12.77
C LEU C 150 29.18 -13.97 11.87
N TYR C 151 27.97 -13.67 12.35
CA TYR C 151 26.74 -14.00 11.66
C TYR C 151 25.92 -12.74 11.50
N GLY C 152 25.57 -12.40 10.26
CA GLY C 152 24.86 -11.17 9.99
C GLY C 152 23.89 -11.37 8.84
N LEU C 153 22.89 -10.50 8.79
CA LEU C 153 21.84 -10.58 7.79
C LEU C 153 21.15 -9.23 7.66
N ARG C 154 20.62 -8.97 6.47
CA ARG C 154 19.99 -7.69 6.15
C ARG C 154 18.48 -7.82 6.37
N ILE C 155 17.92 -6.89 7.14
CA ILE C 155 16.56 -6.99 7.64
C ILE C 155 15.82 -5.69 7.38
N THR C 156 14.54 -5.79 7.07
CA THR C 156 13.63 -4.64 7.03
C THR C 156 12.53 -4.87 8.06
N THR C 157 12.37 -3.92 8.98
CA THR C 157 11.42 -4.03 10.08
C THR C 157 10.47 -2.85 10.05
N THR C 158 9.18 -3.14 10.18
CA THR C 158 8.16 -2.11 10.41
C THR C 158 7.91 -2.07 11.91
N ALA C 159 8.55 -1.14 12.60
CA ALA C 159 8.59 -1.13 14.05
C ALA C 159 7.60 -0.11 14.61
N ALA C 160 6.82 -0.54 15.59
CA ALA C 160 5.86 0.36 16.22
C ALA C 160 6.58 1.46 16.99
N CYS C 161 6.05 2.67 16.90
CA CYS C 161 6.57 3.80 17.67
C CYS C 161 5.37 4.70 18.00
N MET C 162 4.96 4.69 19.26
CA MET C 162 3.88 5.57 19.70
C MET C 162 4.39 7.01 19.74
N MET C 163 3.55 7.94 19.30
CA MET C 163 3.94 9.33 19.13
C MET C 163 2.98 10.24 19.88
N ASP C 164 3.51 11.32 20.45
CA ASP C 164 2.71 12.30 21.19
C ASP C 164 2.35 13.43 20.23
N LEU C 165 1.11 13.43 19.75
CA LEU C 165 0.66 14.39 18.75
C LEU C 165 0.06 15.65 19.35
N ARG C 166 0.14 15.82 20.68
CA ARG C 166 -0.43 17.01 21.31
C ARG C 166 0.27 18.28 20.84
N ARG C 167 1.52 18.16 20.38
CA ARG C 167 2.27 19.26 19.78
C ARG C 167 2.51 19.06 18.29
N TYR C 168 1.49 18.60 17.54
CA TYR C 168 1.70 17.97 16.25
C TYR C 168 2.75 18.61 15.33
N PRO C 169 2.62 19.87 14.89
CA PRO C 169 3.65 20.39 13.99
C PRO C 169 4.96 20.71 14.68
N LEU C 170 4.96 20.89 16.00
CA LEU C 170 6.16 21.24 16.75
C LEU C 170 6.45 20.20 17.83
N ASP C 171 6.26 18.93 17.49
CA ASP C 171 6.52 17.84 18.42
C ASP C 171 7.95 17.34 18.28
N GLU C 172 8.32 16.38 19.12
CA GLU C 172 9.67 15.82 19.10
C GLU C 172 9.57 14.40 19.66
N GLN C 173 9.67 13.40 18.78
CA GLN C 173 9.34 12.03 19.14
C GLN C 173 10.58 11.22 19.51
N ASN C 174 10.34 10.17 20.27
CA ASN C 174 11.34 9.16 20.65
C ASN C 174 10.87 7.82 20.12
N CYS C 175 11.62 7.25 19.18
CA CYS C 175 11.35 5.93 18.63
C CYS C 175 12.52 5.02 18.94
N THR C 176 12.23 3.75 19.25
CA THR C 176 13.24 2.81 19.65
C THR C 176 13.03 1.47 18.96
N LEU C 177 14.13 0.74 18.79
CA LEU C 177 14.12 -0.66 18.40
C LEU C 177 14.57 -1.49 19.59
N GLU C 178 13.73 -2.43 20.02
CA GLU C 178 14.01 -3.23 21.19
C GLU C 178 14.47 -4.62 20.75
N ILE C 179 15.66 -5.01 21.21
CA ILE C 179 16.32 -6.24 20.76
C ILE C 179 16.43 -7.18 21.95
N GLU C 180 15.94 -8.41 21.79
CA GLU C 180 15.87 -9.35 22.90
C GLU C 180 15.95 -10.78 22.39
N SER C 181 16.41 -11.68 23.27
CA SER C 181 16.39 -13.11 22.97
C SER C 181 15.05 -13.68 23.39
N TYR C 182 14.50 -14.56 22.54
CA TYR C 182 13.14 -15.04 22.77
C TYR C 182 13.10 -16.12 23.86
N GLY C 183 13.97 -17.13 23.74
CA GLY C 183 13.88 -18.28 24.62
C GLY C 183 14.91 -18.32 25.74
N TYR C 184 16.15 -17.95 25.45
CA TYR C 184 17.23 -18.08 26.41
C TYR C 184 17.21 -16.91 27.39
N THR C 185 17.27 -17.22 28.68
CA THR C 185 17.25 -16.21 29.73
C THR C 185 18.66 -15.70 30.00
N THR C 186 18.79 -14.83 31.01
CA THR C 186 20.10 -14.29 31.35
C THR C 186 21.05 -15.38 31.84
N ASP C 187 20.51 -16.51 32.32
CA ASP C 187 21.35 -17.63 32.73
C ASP C 187 22.04 -18.29 31.55
N ASP C 188 21.60 -18.01 30.32
CA ASP C 188 22.13 -18.66 29.12
C ASP C 188 22.77 -17.72 28.13
N ILE C 189 22.27 -16.49 27.98
CA ILE C 189 22.76 -15.56 26.96
C ILE C 189 22.90 -14.18 27.58
N GLU C 190 23.97 -13.48 27.20
CA GLU C 190 24.17 -12.09 27.58
C GLU C 190 24.43 -11.27 26.31
N PHE C 191 23.56 -10.31 26.04
CA PHE C 191 23.78 -9.38 24.95
C PHE C 191 24.69 -8.24 25.39
N TYR C 192 25.41 -7.67 24.42
CA TYR C 192 26.16 -6.46 24.66
C TYR C 192 26.44 -5.78 23.33
N TRP C 193 26.54 -4.44 23.37
CA TRP C 193 26.84 -3.65 22.18
C TRP C 193 28.32 -3.79 21.87
N ARG C 194 28.64 -4.51 20.80
CA ARG C 194 30.04 -4.76 20.47
C ARG C 194 30.69 -3.48 19.98
N GLY C 195 31.69 -3.00 20.70
CA GLY C 195 32.34 -1.74 20.40
C GLY C 195 31.84 -0.56 21.21
N GLY C 196 30.87 -0.76 22.09
CA GLY C 196 30.39 0.35 22.89
C GLY C 196 29.49 1.26 22.07
N ASP C 197 29.70 2.57 22.23
CA ASP C 197 28.89 3.55 21.51
C ASP C 197 29.13 3.50 20.01
N LYS C 198 30.19 2.82 19.56
CA LYS C 198 30.42 2.63 18.13
C LYS C 198 29.56 1.53 17.54
N ALA C 199 28.77 0.83 18.36
CA ALA C 199 28.10 -0.40 17.92
C ALA C 199 27.09 -0.16 16.81
N VAL C 200 26.56 1.05 16.69
CA VAL C 200 25.58 1.39 15.64
C VAL C 200 26.16 2.50 14.80
N THR C 201 26.17 2.29 13.48
CA THR C 201 26.68 3.27 12.54
C THR C 201 25.70 3.39 11.38
N GLY C 202 25.94 4.38 10.53
CA GLY C 202 25.08 4.63 9.39
C GLY C 202 23.87 5.49 9.68
N VAL C 203 23.72 5.98 10.90
CA VAL C 203 22.62 6.90 11.20
C VAL C 203 22.76 8.19 10.41
N GLU C 204 23.96 8.47 9.90
CA GLU C 204 24.15 9.62 9.03
C GLU C 204 23.34 9.51 7.74
N ARG C 205 22.87 8.31 7.40
CA ARG C 205 22.19 8.07 6.14
C ARG C 205 20.68 8.35 6.21
N ILE C 206 20.17 8.78 7.35
CA ILE C 206 18.73 8.98 7.52
C ILE C 206 18.33 10.35 6.96
N GLU C 207 18.04 10.40 5.67
CA GLU C 207 17.59 11.64 5.03
C GLU C 207 16.07 11.65 4.93
N LEU C 208 15.42 11.74 6.09
CA LEU C 208 13.98 11.80 6.13
C LEU C 208 13.49 13.21 5.78
N PRO C 209 12.41 13.33 5.00
CA PRO C 209 11.85 14.65 4.70
C PRO C 209 11.14 15.27 5.89
N GLN C 210 10.34 14.46 6.58
CA GLN C 210 9.52 14.97 7.67
C GLN C 210 10.34 15.28 8.92
N PHE C 211 11.36 14.47 9.21
CA PHE C 211 12.05 14.52 10.48
C PHE C 211 13.55 14.64 10.27
N SER C 212 14.26 14.97 11.34
CA SER C 212 15.70 14.94 11.40
C SER C 212 16.14 14.31 12.71
N ILE C 213 17.22 13.51 12.66
CA ILE C 213 17.69 12.81 13.85
C ILE C 213 18.47 13.81 14.71
N VAL C 214 17.88 14.21 15.84
CA VAL C 214 18.60 15.04 16.80
C VAL C 214 19.68 14.25 17.49
N GLU C 215 19.38 13.02 17.91
CA GLU C 215 20.28 12.24 18.74
C GLU C 215 19.87 10.78 18.71
N HIS C 216 20.85 9.91 18.97
CA HIS C 216 20.60 8.50 19.20
C HIS C 216 21.55 8.02 20.29
N ARG C 217 21.12 7.02 21.05
CA ARG C 217 21.96 6.45 22.09
C ARG C 217 21.51 5.04 22.40
N LEU C 218 22.44 4.25 22.95
CA LEU C 218 22.31 2.81 23.06
C LEU C 218 22.11 2.43 24.52
N VAL C 219 21.24 1.45 24.75
CA VAL C 219 20.89 1.01 26.10
C VAL C 219 21.02 -0.51 26.17
N SER C 220 21.44 -0.99 27.34
CA SER C 220 21.53 -2.42 27.63
C SER C 220 20.99 -2.66 29.02
N ARG C 221 20.20 -3.72 29.19
CA ARG C 221 19.53 -3.99 30.45
C ARG C 221 19.04 -5.42 30.46
N ASN C 222 18.57 -5.84 31.63
CA ASN C 222 17.88 -7.11 31.82
C ASN C 222 16.42 -6.85 32.09
N VAL C 223 15.53 -7.57 31.40
CA VAL C 223 14.09 -7.42 31.53
C VAL C 223 13.52 -8.74 32.00
N VAL C 224 12.68 -8.69 33.04
CA VAL C 224 12.22 -9.88 33.75
C VAL C 224 10.75 -10.12 33.47
N PHE C 225 10.42 -11.37 33.15
CA PHE C 225 9.05 -11.85 33.05
C PHE C 225 8.86 -12.96 34.08
N ALA C 226 7.66 -13.55 34.08
CA ALA C 226 7.40 -14.66 34.98
C ALA C 226 8.28 -15.86 34.66
N THR C 227 8.63 -16.05 33.39
CA THR C 227 9.42 -17.21 32.98
C THR C 227 10.92 -17.00 33.18
N GLY C 228 11.36 -15.81 33.52
CA GLY C 228 12.76 -15.57 33.79
C GLY C 228 13.17 -14.17 33.38
N ALA C 229 14.43 -13.86 33.67
CA ALA C 229 15.03 -12.58 33.32
C ALA C 229 15.78 -12.71 31.99
N TYR C 230 15.44 -11.86 31.03
CA TYR C 230 15.99 -11.95 29.69
C TYR C 230 16.90 -10.77 29.39
N PRO C 231 17.96 -10.96 28.62
CA PRO C 231 18.80 -9.83 28.21
C PRO C 231 18.10 -8.99 27.16
N ARG C 232 18.45 -7.69 27.14
CA ARG C 232 17.92 -6.79 26.13
C ARG C 232 18.93 -5.72 25.76
N LEU C 233 18.95 -5.38 24.48
CA LEU C 233 19.55 -4.14 23.98
C LEU C 233 18.46 -3.35 23.26
N SER C 234 18.59 -2.03 23.27
CA SER C 234 17.62 -1.18 22.61
C SER C 234 18.31 0.02 21.99
N LEU C 235 17.87 0.40 20.80
CA LEU C 235 18.43 1.51 20.05
C LEU C 235 17.37 2.61 19.96
N SER C 236 17.76 3.83 20.31
CA SER C 236 16.82 4.94 20.47
C SER C 236 17.17 6.07 19.52
N PHE C 237 16.14 6.66 18.90
CA PHE C 237 16.27 7.84 18.06
C PHE C 237 15.34 8.94 18.59
N ARG C 238 15.82 10.18 18.55
CA ARG C 238 15.02 11.34 18.89
C ARG C 238 14.81 12.17 17.63
N LEU C 239 13.55 12.38 17.27
CA LEU C 239 13.16 12.96 15.99
C LEU C 239 12.64 14.38 16.20
N LYS C 240 13.14 15.32 15.41
CA LYS C 240 12.64 16.69 15.38
C LYS C 240 11.95 16.91 14.04
N ARG C 241 10.69 17.33 14.09
CA ARG C 241 9.91 17.52 12.86
C ARG C 241 10.31 18.80 12.15
N ASN C 242 10.34 18.76 10.82
CA ASN C 242 10.60 19.93 10.02
C ASN C 242 9.31 20.71 9.82
N ILE C 243 9.30 21.98 10.24
CA ILE C 243 8.08 22.76 10.26
C ILE C 243 7.73 23.32 8.88
N GLY C 244 8.67 23.29 7.93
CA GLY C 244 8.47 24.01 6.68
C GLY C 244 7.22 23.61 5.93
N TYR C 245 6.96 22.30 5.81
CA TYR C 245 5.83 21.84 5.03
C TYR C 245 4.51 22.40 5.58
N PHE C 246 4.37 22.42 6.91
CA PHE C 246 3.10 22.82 7.50
C PHE C 246 2.88 24.33 7.41
N ILE C 247 3.95 25.13 7.46
CA ILE C 247 3.80 26.58 7.26
C ILE C 247 3.27 26.86 5.86
N LEU C 248 3.94 26.31 4.85
CA LEU C 248 3.66 26.68 3.47
C LEU C 248 2.34 26.10 2.98
N GLN C 249 1.81 25.07 3.65
CA GLN C 249 0.75 24.27 3.04
C GLN C 249 -0.53 24.21 3.86
N THR C 250 -0.48 24.41 5.18
CA THR C 250 -1.71 24.42 5.97
C THR C 250 -1.90 25.69 6.80
N TYR C 251 -0.82 26.25 7.37
CA TYR C 251 -0.97 27.48 8.14
C TYR C 251 -1.18 28.70 7.26
N MET C 252 -0.38 28.83 6.19
CA MET C 252 -0.56 29.98 5.31
C MET C 252 -1.96 30.02 4.73
N PRO C 253 -2.51 28.96 4.16
CA PRO C 253 -3.91 29.01 3.71
C PRO C 253 -4.87 29.45 4.81
N SER C 254 -4.66 28.97 6.04
CA SER C 254 -5.54 29.40 7.14
C SER C 254 -5.41 30.89 7.40
N ILE C 255 -4.18 31.41 7.41
CA ILE C 255 -3.97 32.83 7.66
C ILE C 255 -4.57 33.65 6.53
N LEU C 256 -4.28 33.27 5.28
CA LEU C 256 -4.76 34.05 4.14
C LEU C 256 -6.27 34.06 4.05
N ILE C 257 -6.92 32.91 4.30
CA ILE C 257 -8.37 32.88 4.26
C ILE C 257 -8.97 33.74 5.37
N THR C 258 -8.37 33.69 6.56
CA THR C 258 -8.83 34.57 7.65
C THR C 258 -8.60 36.03 7.30
N ILE C 259 -7.43 36.35 6.73
CA ILE C 259 -7.17 37.71 6.28
C ILE C 259 -8.19 38.12 5.24
N LEU C 260 -8.53 37.20 4.32
CA LEU C 260 -9.52 37.51 3.30
C LEU C 260 -10.89 37.78 3.92
N SER C 261 -11.25 37.03 4.95
CA SER C 261 -12.57 37.18 5.55
C SER C 261 -12.81 38.62 6.02
N TRP C 262 -11.76 39.36 6.36
CA TRP C 262 -11.92 40.71 6.87
C TRP C 262 -12.34 41.71 5.80
N VAL C 263 -12.10 41.44 4.52
CA VAL C 263 -12.37 42.46 3.51
C VAL C 263 -13.86 42.79 3.45
N SER C 264 -14.69 41.97 4.10
CA SER C 264 -16.11 42.31 4.22
C SER C 264 -16.29 43.70 4.80
N PHE C 265 -15.42 44.08 5.74
CA PHE C 265 -15.54 45.36 6.41
C PHE C 265 -15.29 46.53 5.47
N TRP C 266 -14.71 46.28 4.30
CA TRP C 266 -14.50 47.31 3.30
C TRP C 266 -15.59 47.32 2.22
N ILE C 267 -16.29 46.21 2.03
CA ILE C 267 -17.51 46.21 1.22
C ILE C 267 -18.60 46.96 1.99
N ASN C 268 -19.45 47.68 1.27
CA ASN C 268 -20.48 48.48 1.91
C ASN C 268 -21.64 47.62 2.42
N TYR C 269 -22.02 47.89 3.67
CA TYR C 269 -23.07 47.19 4.40
C TYR C 269 -24.43 47.19 3.72
N ASP C 270 -24.62 48.02 2.69
CA ASP C 270 -25.80 47.93 1.84
C ASP C 270 -25.74 46.76 0.86
N ALA C 271 -24.55 46.32 0.47
CA ALA C 271 -24.39 45.20 -0.45
C ALA C 271 -24.50 43.88 0.33
N SER C 272 -25.74 43.52 0.66
CA SER C 272 -26.00 42.33 1.46
C SER C 272 -25.53 41.07 0.75
N ALA C 273 -25.89 40.92 -0.53
CA ALA C 273 -25.54 39.70 -1.26
C ALA C 273 -24.04 39.49 -1.36
N ALA C 274 -23.25 40.56 -1.24
CA ALA C 274 -21.80 40.41 -1.35
C ALA C 274 -21.17 40.04 -0.01
N ARG C 275 -21.48 40.81 1.04
CA ARG C 275 -20.83 40.58 2.33
C ARG C 275 -21.26 39.25 2.96
N VAL C 276 -22.51 38.85 2.73
CA VAL C 276 -22.95 37.52 3.19
C VAL C 276 -22.22 36.43 2.41
N ALA C 277 -22.18 36.55 1.09
CA ALA C 277 -21.56 35.52 0.26
C ALA C 277 -20.08 35.36 0.60
N LEU C 278 -19.37 36.48 0.75
CA LEU C 278 -17.94 36.41 1.04
C LEU C 278 -17.70 35.77 2.40
N GLY C 279 -18.49 36.15 3.40
CA GLY C 279 -18.33 35.63 4.75
C GLY C 279 -18.55 34.13 4.83
N ILE C 280 -19.69 33.65 4.33
CA ILE C 280 -19.98 32.22 4.40
C ILE C 280 -18.98 31.42 3.58
N THR C 281 -18.53 31.97 2.45
CA THR C 281 -17.56 31.26 1.63
C THR C 281 -16.27 31.00 2.39
N THR C 282 -15.81 31.97 3.17
CA THR C 282 -14.63 31.73 4.01
C THR C 282 -14.93 30.70 5.09
N VAL C 283 -16.14 30.73 5.64
CA VAL C 283 -16.52 29.74 6.66
C VAL C 283 -16.45 28.34 6.07
N LEU C 284 -16.96 28.16 4.85
CA LEU C 284 -16.87 26.87 4.19
C LEU C 284 -15.41 26.47 3.98
N THR C 285 -14.56 27.43 3.60
CA THR C 285 -13.16 27.12 3.35
C THR C 285 -12.46 26.64 4.61
N MET C 286 -12.73 27.28 5.75
CA MET C 286 -12.11 26.85 7.00
C MET C 286 -12.49 25.42 7.34
N THR C 287 -13.77 25.08 7.20
CA THR C 287 -14.17 23.69 7.39
C THR C 287 -13.52 22.78 6.37
N THR C 288 -13.35 23.27 5.14
CA THR C 288 -12.71 22.45 4.11
C THR C 288 -11.29 22.06 4.50
N ILE C 289 -10.58 22.92 5.23
CA ILE C 289 -9.27 22.56 5.73
C ILE C 289 -9.39 21.47 6.79
N ASN C 290 -10.39 21.58 7.66
CA ASN C 290 -10.58 20.58 8.71
C ASN C 290 -10.88 19.22 8.13
N THR C 291 -11.73 19.15 7.10
CA THR C 291 -12.07 17.86 6.50
C THR C 291 -10.86 17.17 5.89
N HIS C 292 -9.83 17.91 5.51
CA HIS C 292 -8.60 17.29 5.04
C HIS C 292 -7.72 16.84 6.19
N LEU C 293 -7.51 17.72 7.18
CA LEU C 293 -6.73 17.34 8.35
C LEU C 293 -7.38 16.19 9.11
N ARG C 294 -8.68 15.96 8.88
CA ARG C 294 -9.34 14.78 9.41
C ARG C 294 -8.73 13.50 8.86
N GLU C 295 -8.15 13.56 7.66
CA GLU C 295 -7.74 12.36 6.94
C GLU C 295 -6.28 11.97 7.16
N THR C 296 -5.39 12.96 7.27
CA THR C 296 -3.95 12.70 7.22
C THR C 296 -3.41 12.09 8.51
N LEU C 297 -4.17 12.09 9.60
CA LEU C 297 -3.68 11.74 10.91
C LEU C 297 -4.60 10.71 11.55
N PRO C 298 -4.10 9.96 12.53
CA PRO C 298 -4.96 8.99 13.21
C PRO C 298 -6.09 9.68 13.97
N LYS C 299 -7.19 8.96 14.11
CA LYS C 299 -8.40 9.51 14.70
C LYS C 299 -8.25 9.63 16.22
N ILE C 300 -7.34 10.50 16.65
CA ILE C 300 -7.03 10.62 18.07
C ILE C 300 -8.13 11.40 18.78
N PRO C 301 -8.36 11.17 20.09
CA PRO C 301 -9.38 11.95 20.79
C PRO C 301 -8.98 13.38 21.10
N TYR C 302 -7.75 13.61 21.60
CA TYR C 302 -7.41 14.89 22.19
C TYR C 302 -7.12 15.95 21.13
N VAL C 303 -7.26 17.21 21.52
CA VAL C 303 -7.06 18.32 20.61
C VAL C 303 -5.57 18.56 20.41
N LYS C 304 -5.16 18.72 19.16
CA LYS C 304 -3.76 18.92 18.80
C LYS C 304 -3.48 20.41 18.58
N ALA C 305 -2.19 20.74 18.54
CA ALA C 305 -1.79 22.14 18.39
C ALA C 305 -2.37 22.75 17.12
N ILE C 306 -2.35 22.00 16.01
CA ILE C 306 -2.92 22.51 14.78
C ILE C 306 -4.42 22.72 14.93
N ASP C 307 -5.12 21.80 15.59
CA ASP C 307 -6.55 21.97 15.81
C ASP C 307 -6.84 23.23 16.60
N MET C 308 -6.02 23.51 17.63
CA MET C 308 -6.20 24.73 18.41
C MET C 308 -6.04 25.98 17.54
N TYR C 309 -5.23 25.89 16.49
CA TYR C 309 -5.07 27.02 15.58
C TYR C 309 -6.24 27.15 14.63
N LEU C 310 -6.62 26.04 13.98
CA LEU C 310 -7.69 26.10 12.99
C LEU C 310 -8.99 26.57 13.61
N MET C 311 -9.33 26.05 14.79
CA MET C 311 -10.51 26.55 15.49
C MET C 311 -10.34 27.98 15.96
N GLY C 312 -9.09 28.41 16.19
CA GLY C 312 -8.85 29.82 16.43
C GLY C 312 -9.15 30.67 15.21
N CYS C 313 -8.73 30.20 14.04
CA CYS C 313 -9.06 30.90 12.80
C CYS C 313 -10.56 30.87 12.53
N PHE C 314 -11.21 29.74 12.82
CA PHE C 314 -12.63 29.62 12.51
C PHE C 314 -13.45 30.66 13.27
N VAL C 315 -13.16 30.86 14.55
CA VAL C 315 -13.94 31.81 15.35
C VAL C 315 -13.76 33.23 14.82
N PHE C 316 -12.55 33.56 14.33
CA PHE C 316 -12.36 34.83 13.64
C PHE C 316 -13.21 34.90 12.38
N VAL C 317 -13.15 33.85 11.56
CA VAL C 317 -13.94 33.83 10.33
C VAL C 317 -15.44 33.79 10.66
N PHE C 318 -15.81 33.07 11.71
CA PHE C 318 -17.22 32.99 12.08
C PHE C 318 -17.73 34.34 12.59
N LEU C 319 -16.95 34.98 13.47
CA LEU C 319 -17.38 36.28 13.99
C LEU C 319 -17.43 37.33 12.90
N ALA C 320 -16.55 37.22 11.89
CA ALA C 320 -16.58 38.17 10.78
C ALA C 320 -17.91 38.16 10.05
N LEU C 321 -18.66 37.06 10.10
CA LEU C 321 -19.99 37.01 9.53
C LEU C 321 -21.04 37.51 10.50
N LEU C 322 -20.89 37.21 11.80
CA LEU C 322 -21.78 37.81 12.80
C LEU C 322 -21.64 39.33 12.81
N GLU C 323 -20.48 39.83 12.41
CA GLU C 323 -20.30 41.29 12.31
C GLU C 323 -21.30 41.91 11.35
N TYR C 324 -21.38 41.39 10.12
CA TYR C 324 -22.35 41.91 9.19
C TYR C 324 -23.78 41.56 9.60
N ALA C 325 -23.99 40.40 10.22
CA ALA C 325 -25.33 39.99 10.59
C ALA C 325 -26.03 41.06 11.42
N PHE C 326 -25.28 41.77 12.26
CA PHE C 326 -25.88 42.80 13.10
C PHE C 326 -25.73 44.19 12.49
N VAL C 327 -24.71 44.42 11.66
CA VAL C 327 -24.65 45.65 10.89
C VAL C 327 -25.87 45.77 9.98
N ASN C 328 -26.23 44.65 9.32
CA ASN C 328 -27.44 44.63 8.53
C ASN C 328 -28.67 44.88 9.38
N TYR C 329 -28.75 44.24 10.55
CA TYR C 329 -29.91 44.40 11.41
C TYR C 329 -30.04 45.83 11.91
N ILE C 330 -28.95 46.38 12.46
CA ILE C 330 -29.03 47.71 13.04
C ILE C 330 -29.31 48.76 11.97
N PHE C 331 -28.70 48.63 10.81
CA PHE C 331 -28.94 49.60 9.74
C PHE C 331 -30.39 49.58 9.27
N PHE C 332 -30.92 48.41 8.94
CA PHE C 332 -32.27 48.34 8.41
C PHE C 332 -33.34 48.35 9.49
N SER C 333 -32.94 48.36 10.76
CA SER C 333 -33.90 48.49 11.86
C SER C 333 -34.07 49.96 12.24
N GLU C 574 -30.79 59.63 11.44
CA GLU C 574 -29.74 58.92 10.74
C GLU C 574 -28.80 58.20 11.72
N LEU C 575 -29.31 57.93 12.93
CA LEU C 575 -28.50 57.22 13.92
C LEU C 575 -28.15 55.83 13.42
N TYR C 576 -29.07 55.16 12.73
CA TYR C 576 -28.79 53.83 12.22
C TYR C 576 -27.65 53.85 11.22
N LYS C 577 -27.60 54.87 10.35
CA LYS C 577 -26.48 54.98 9.43
C LYS C 577 -25.16 55.16 10.17
N GLY C 578 -25.15 56.02 11.19
CA GLY C 578 -23.94 56.22 11.97
C GLY C 578 -23.50 54.96 12.68
N ARG C 579 -24.46 54.24 13.28
CA ARG C 579 -24.13 53.01 13.97
C ARG C 579 -23.51 51.99 13.02
N ALA C 580 -24.08 51.85 11.82
CA ALA C 580 -23.55 50.90 10.85
C ALA C 580 -22.11 51.26 10.48
N ALA C 581 -21.85 52.54 10.22
CA ALA C 581 -20.50 52.97 9.89
C ALA C 581 -19.55 52.79 11.06
N ALA C 582 -20.03 53.07 12.28
CA ALA C 582 -19.17 52.98 13.45
C ALA C 582 -18.66 51.56 13.65
N ILE C 583 -19.53 50.57 13.48
CA ILE C 583 -19.13 49.17 13.70
C ILE C 583 -18.04 48.79 12.71
N ASP C 584 -18.20 49.18 11.45
CA ASP C 584 -17.17 48.92 10.45
C ASP C 584 -15.87 49.60 10.81
N ARG C 585 -15.94 50.84 11.30
CA ARG C 585 -14.73 51.57 11.66
C ARG C 585 -13.94 50.85 12.74
N TRP C 586 -14.61 50.14 13.65
CA TRP C 586 -13.92 49.35 14.66
C TRP C 586 -13.43 48.03 14.08
N SER C 587 -14.32 47.28 13.43
CA SER C 587 -13.93 45.97 12.88
C SER C 587 -12.80 46.12 11.86
N ARG C 588 -12.70 47.29 11.23
CA ARG C 588 -11.62 47.52 10.27
C ARG C 588 -10.24 47.41 10.90
N ILE C 589 -10.13 47.62 12.22
CA ILE C 589 -8.84 47.55 12.90
C ILE C 589 -8.86 46.46 13.96
N VAL C 590 -9.99 46.32 14.66
CA VAL C 590 -10.05 45.41 15.80
C VAL C 590 -9.74 43.98 15.35
N PHE C 591 -10.35 43.53 14.25
CA PHE C 591 -10.08 42.17 13.78
C PHE C 591 -8.61 41.97 13.44
N PRO C 592 -7.97 42.81 12.61
CA PRO C 592 -6.53 42.64 12.39
C PRO C 592 -5.71 42.69 13.66
N PHE C 593 -6.06 43.58 14.60
CA PHE C 593 -5.31 43.66 15.85
C PHE C 593 -5.47 42.40 16.68
N THR C 594 -6.70 41.90 16.80
CA THR C 594 -6.93 40.70 17.60
C THR C 594 -6.25 39.49 16.99
N PHE C 595 -6.30 39.36 15.66
CA PHE C 595 -5.66 38.22 15.02
C PHE C 595 -4.16 38.24 15.23
N SER C 596 -3.53 39.41 15.11
CA SER C 596 -2.10 39.51 15.38
C SER C 596 -1.80 39.18 16.83
N LEU C 597 -2.66 39.64 17.75
CA LEU C 597 -2.49 39.29 19.16
C LEU C 597 -2.62 37.79 19.37
N PHE C 598 -3.64 37.17 18.78
CA PHE C 598 -3.80 35.72 18.90
C PHE C 598 -2.62 34.99 18.28
N ASN C 599 -2.20 35.40 17.08
CA ASN C 599 -1.14 34.68 16.39
C ASN C 599 0.17 34.75 17.16
N LEU C 600 0.48 35.92 17.73
CA LEU C 600 1.73 36.07 18.47
C LEU C 600 1.73 35.18 19.71
N VAL C 601 0.60 35.14 20.43
CA VAL C 601 0.51 34.30 21.62
C VAL C 601 0.69 32.83 21.25
N TYR C 602 0.06 32.39 20.17
CA TYR C 602 0.10 30.98 19.79
C TYR C 602 1.53 30.52 19.51
N TRP C 603 2.25 31.24 18.64
CA TRP C 603 3.55 30.75 18.18
C TRP C 603 4.59 30.83 19.29
N LEU C 604 4.59 31.91 20.08
CA LEU C 604 5.54 32.02 21.17
C LEU C 604 5.33 30.91 22.20
N TYR C 605 4.06 30.53 22.41
CA TYR C 605 3.75 29.48 23.38
C TYR C 605 4.43 28.17 23.01
N TYR C 606 4.30 27.75 21.75
CA TYR C 606 4.84 26.46 21.34
C TYR C 606 6.33 26.52 21.01
N VAL C 607 6.78 27.60 20.37
CA VAL C 607 8.17 27.67 19.92
C VAL C 607 9.12 27.77 21.11
N ASN C 608 8.81 28.62 22.08
CA ASN C 608 9.72 28.82 23.21
C ASN C 608 9.69 27.66 24.19
N SER C 609 8.56 26.97 24.31
CA SER C 609 8.44 25.84 25.22
C SER C 609 9.07 24.59 24.63
N PRO D 31 27.77 -37.52 -26.90
CA PRO D 31 26.89 -38.51 -27.50
C PRO D 31 25.43 -38.34 -27.10
N GLY D 32 24.52 -38.92 -27.88
CA GLY D 32 23.11 -38.86 -27.55
C GLY D 32 22.66 -39.82 -26.47
N ASN D 33 23.55 -40.71 -26.02
CA ASN D 33 23.22 -41.66 -24.97
C ASN D 33 23.10 -40.92 -23.65
N MET D 34 21.86 -40.78 -23.16
CA MET D 34 21.63 -40.02 -21.92
C MET D 34 22.32 -40.68 -20.73
N SER D 35 22.48 -42.00 -20.76
CA SER D 35 23.15 -42.68 -19.65
C SER D 35 24.58 -42.18 -19.50
N PHE D 36 25.29 -42.01 -20.61
CA PHE D 36 26.65 -41.49 -20.53
C PHE D 36 26.66 -40.09 -19.92
N VAL D 37 25.71 -39.24 -20.32
CA VAL D 37 25.66 -37.89 -19.77
C VAL D 37 25.34 -37.92 -18.28
N LYS D 38 24.40 -38.79 -17.87
CA LYS D 38 24.03 -38.85 -16.46
C LYS D 38 25.23 -39.15 -15.59
N GLU D 39 25.97 -40.22 -15.90
CA GLU D 39 27.12 -40.56 -15.09
C GLU D 39 28.20 -39.49 -15.16
N THR D 40 28.28 -38.78 -16.28
CA THR D 40 29.20 -37.64 -16.37
C THR D 40 28.80 -36.54 -15.41
N VAL D 41 27.50 -36.24 -15.33
CA VAL D 41 27.03 -35.20 -14.42
C VAL D 41 27.21 -35.62 -12.97
N ASP D 42 26.81 -36.86 -12.66
CA ASP D 42 26.98 -37.36 -11.30
C ASP D 42 28.43 -37.33 -10.87
N LYS D 43 29.35 -37.59 -11.81
CA LYS D 43 30.77 -37.53 -11.48
C LYS D 43 31.17 -36.14 -11.02
N LEU D 44 30.54 -35.10 -11.55
CA LEU D 44 30.85 -33.74 -11.13
C LEU D 44 30.35 -33.46 -9.72
N LEU D 45 29.11 -33.86 -9.43
CA LEU D 45 28.50 -33.56 -8.15
C LEU D 45 29.00 -34.46 -7.03
N LYS D 46 29.57 -35.63 -7.36
CA LYS D 46 30.09 -36.53 -6.36
C LYS D 46 31.27 -35.87 -5.64
N GLY D 47 31.11 -35.63 -4.33
CA GLY D 47 32.15 -34.95 -3.57
C GLY D 47 32.14 -33.45 -3.71
N TYR D 48 31.21 -32.88 -4.46
CA TYR D 48 31.16 -31.43 -4.63
C TYR D 48 30.62 -30.78 -3.37
N ASP D 49 31.29 -29.72 -2.93
CA ASP D 49 30.94 -29.00 -1.71
C ASP D 49 30.37 -27.64 -2.08
N ILE D 50 29.10 -27.42 -1.75
CA ILE D 50 28.47 -26.12 -2.03
C ILE D 50 28.95 -25.05 -1.07
N ARG D 51 29.54 -25.45 0.07
CA ARG D 51 29.88 -24.49 1.11
C ARG D 51 31.11 -23.66 0.78
N LEU D 52 31.95 -24.11 -0.16
CA LEU D 52 33.19 -23.44 -0.49
C LEU D 52 33.08 -22.81 -1.87
N ARG D 53 33.55 -21.57 -2.00
CA ARG D 53 33.57 -20.90 -3.28
C ARG D 53 34.59 -21.56 -4.21
N PRO D 54 34.43 -21.40 -5.51
CA PRO D 54 35.44 -21.94 -6.44
C PRO D 54 36.82 -21.39 -6.13
N ASP D 55 37.81 -22.28 -6.20
CA ASP D 55 39.20 -21.91 -5.93
C ASP D 55 39.36 -21.32 -4.53
N PHE D 56 38.67 -21.91 -3.55
CA PHE D 56 38.73 -21.41 -2.18
C PHE D 56 40.17 -21.41 -1.68
N GLY D 57 40.56 -20.30 -1.04
CA GLY D 57 41.90 -20.15 -0.54
C GLY D 57 42.85 -19.59 -1.59
N GLY D 58 42.44 -19.65 -2.85
CA GLY D 58 43.22 -19.12 -3.94
C GLY D 58 42.78 -17.72 -4.32
N PRO D 59 43.11 -17.29 -5.53
CA PRO D 59 42.75 -15.93 -5.96
C PRO D 59 41.25 -15.77 -6.09
N PRO D 60 40.77 -14.53 -6.23
CA PRO D 60 39.32 -14.30 -6.20
C PRO D 60 38.60 -14.93 -7.38
N VAL D 61 37.32 -15.20 -7.20
CA VAL D 61 36.45 -15.64 -8.28
C VAL D 61 35.96 -14.42 -9.04
N CYS D 62 36.20 -14.40 -10.35
CA CYS D 62 35.70 -13.31 -11.19
C CYS D 62 34.32 -13.67 -11.70
N VAL D 63 33.32 -12.84 -11.37
CA VAL D 63 31.94 -13.05 -11.79
C VAL D 63 31.58 -11.92 -12.75
N GLY D 64 31.14 -12.29 -13.96
CA GLY D 64 30.77 -11.32 -14.95
C GLY D 64 29.28 -11.10 -15.00
N MET D 65 28.83 -9.87 -14.71
CA MET D 65 27.41 -9.55 -14.70
C MET D 65 26.96 -9.13 -16.10
N ASN D 66 25.68 -9.36 -16.37
CA ASN D 66 25.07 -8.99 -17.64
C ASN D 66 23.56 -8.95 -17.43
N ILE D 67 22.92 -7.90 -17.94
CA ILE D 67 21.52 -7.62 -17.64
C ILE D 67 20.78 -7.29 -18.92
N ASP D 68 19.56 -7.80 -19.03
CA ASP D 68 18.61 -7.39 -20.07
C ASP D 68 17.38 -6.82 -19.39
N ILE D 69 17.11 -5.55 -19.63
CA ILE D 69 16.06 -4.83 -18.92
C ILE D 69 14.73 -5.14 -19.59
N ALA D 70 13.84 -5.82 -18.87
CA ALA D 70 12.51 -6.10 -19.41
C ALA D 70 11.66 -4.83 -19.42
N SER D 71 11.69 -4.07 -18.34
CA SER D 71 10.89 -2.86 -18.23
C SER D 71 11.13 -2.21 -16.88
N ILE D 72 10.89 -0.90 -16.82
CA ILE D 72 10.75 -0.17 -15.58
C ILE D 72 9.26 0.12 -15.42
N ASP D 73 8.61 -0.55 -14.46
CA ASP D 73 7.16 -0.51 -14.41
C ASP D 73 6.63 0.86 -13.99
N MET D 74 7.29 1.52 -13.04
CA MET D 74 6.84 2.83 -12.62
C MET D 74 7.92 3.50 -11.80
N VAL D 75 7.94 4.84 -11.87
CA VAL D 75 8.75 5.68 -11.01
C VAL D 75 7.81 6.56 -10.20
N SER D 76 7.95 6.51 -8.87
CA SER D 76 7.01 7.18 -7.97
C SER D 76 7.76 8.14 -7.06
N GLU D 77 7.27 9.37 -6.99
CA GLU D 77 7.85 10.34 -6.05
C GLU D 77 7.28 10.16 -4.66
N VAL D 78 6.01 9.73 -4.56
CA VAL D 78 5.39 9.60 -3.25
C VAL D 78 6.13 8.58 -2.38
N ASN D 79 6.85 7.66 -3.00
CA ASN D 79 7.62 6.65 -2.26
C ASN D 79 9.12 6.69 -2.58
N MET D 80 9.55 7.63 -3.42
CA MET D 80 10.97 7.79 -3.75
C MET D 80 11.59 6.46 -4.19
N ASP D 81 10.96 5.83 -5.17
CA ASP D 81 11.39 4.51 -5.63
C ASP D 81 10.99 4.31 -7.08
N TYR D 82 11.44 3.19 -7.64
CA TYR D 82 11.01 2.74 -8.96
C TYR D 82 11.01 1.22 -8.98
N THR D 83 10.15 0.64 -9.81
CA THR D 83 10.00 -0.80 -9.93
C THR D 83 10.61 -1.25 -11.24
N LEU D 84 11.48 -2.26 -11.18
CA LEU D 84 12.27 -2.70 -12.32
C LEU D 84 12.19 -4.21 -12.47
N THR D 85 12.08 -4.66 -13.72
CA THR D 85 12.08 -6.07 -14.06
C THR D 85 13.17 -6.33 -15.09
N MET D 86 13.88 -7.45 -14.94
CA MET D 86 15.08 -7.67 -15.72
C MET D 86 15.42 -9.15 -15.78
N TYR D 87 16.22 -9.52 -16.78
CA TYR D 87 16.92 -10.80 -16.81
C TYR D 87 18.33 -10.57 -16.31
N PHE D 88 18.66 -11.14 -15.16
CA PHE D 88 19.95 -10.93 -14.52
C PHE D 88 20.82 -12.16 -14.78
N GLN D 89 21.99 -11.94 -15.38
CA GLN D 89 22.87 -13.02 -15.83
C GLN D 89 24.20 -12.93 -15.12
N GLN D 90 24.79 -14.09 -14.83
CA GLN D 90 26.08 -14.16 -14.15
C GLN D 90 26.93 -15.26 -14.77
N TYR D 91 28.23 -14.98 -14.92
CA TYR D 91 29.18 -15.92 -15.48
C TYR D 91 30.35 -16.07 -14.52
N TRP D 92 30.76 -17.32 -14.27
CA TRP D 92 31.97 -17.57 -13.51
C TRP D 92 32.51 -18.94 -13.89
N ARG D 93 33.77 -19.19 -13.53
CA ARG D 93 34.46 -20.44 -13.82
C ARG D 93 34.62 -21.22 -12.53
N ASP D 94 34.15 -22.46 -12.54
CA ASP D 94 34.31 -23.38 -11.41
C ASP D 94 34.98 -24.64 -11.95
N LYS D 95 36.30 -24.76 -11.71
CA LYS D 95 37.05 -25.87 -12.27
C LYS D 95 36.51 -27.23 -11.83
N ARG D 96 35.82 -27.27 -10.69
CA ARG D 96 35.26 -28.53 -10.20
C ARG D 96 34.19 -29.08 -11.14
N LEU D 97 33.60 -28.23 -11.99
CA LEU D 97 32.54 -28.65 -12.90
C LEU D 97 33.05 -28.89 -14.32
N ALA D 98 34.36 -28.83 -14.54
CA ALA D 98 34.90 -29.10 -15.86
C ALA D 98 34.66 -30.56 -16.23
N TYR D 99 34.30 -30.79 -17.49
CA TYR D 99 33.99 -32.13 -17.97
C TYR D 99 34.53 -32.31 -19.37
N SER D 100 34.71 -33.57 -19.76
CA SER D 100 35.25 -33.92 -21.06
C SER D 100 34.44 -35.06 -21.65
N GLY D 101 34.59 -35.25 -22.96
CA GLY D 101 33.84 -36.25 -23.69
C GLY D 101 32.52 -35.77 -24.26
N ILE D 102 32.09 -34.56 -23.94
CA ILE D 102 30.86 -33.99 -24.46
C ILE D 102 31.20 -32.62 -25.03
N PRO D 103 31.17 -32.44 -26.37
CA PRO D 103 31.40 -31.10 -26.92
C PRO D 103 30.29 -30.11 -26.62
N LEU D 104 29.09 -30.58 -26.26
CA LEU D 104 27.94 -29.71 -26.12
C LEU D 104 28.04 -28.85 -24.86
N ASN D 105 27.23 -27.79 -24.83
CA ASN D 105 26.98 -27.07 -23.60
C ASN D 105 25.84 -27.74 -22.85
N LEU D 106 26.07 -28.09 -21.59
CA LEU D 106 25.07 -28.83 -20.81
C LEU D 106 24.06 -27.85 -20.24
N THR D 107 22.92 -27.73 -20.90
CA THR D 107 21.81 -26.93 -20.39
C THR D 107 20.97 -27.83 -19.49
N LEU D 108 21.28 -27.82 -18.20
CA LEU D 108 20.63 -28.69 -17.24
C LEU D 108 19.39 -28.03 -16.67
N ASP D 109 18.52 -28.85 -16.07
CA ASP D 109 17.32 -28.33 -15.43
C ASP D 109 17.71 -27.35 -14.34
N ASN D 110 16.91 -26.30 -14.19
CA ASN D 110 17.27 -25.22 -13.28
C ASN D 110 17.40 -25.70 -11.84
N ARG D 111 16.81 -26.85 -11.51
CA ARG D 111 16.87 -27.37 -10.14
C ARG D 111 18.29 -27.78 -9.76
N VAL D 112 19.22 -27.84 -10.72
CA VAL D 112 20.62 -28.08 -10.39
C VAL D 112 21.16 -26.94 -9.54
N ALA D 113 20.69 -25.71 -9.77
CA ALA D 113 21.25 -24.56 -9.11
C ALA D 113 21.24 -24.70 -7.59
N ASP D 114 20.27 -25.44 -7.05
CA ASP D 114 20.23 -25.68 -5.61
C ASP D 114 21.33 -26.62 -5.15
N GLN D 115 22.03 -27.28 -6.08
CA GLN D 115 23.09 -28.23 -5.75
C GLN D 115 24.48 -27.70 -6.07
N LEU D 116 24.61 -26.42 -6.41
CA LEU D 116 25.88 -25.83 -6.80
C LEU D 116 26.16 -24.59 -5.97
N TRP D 117 27.42 -24.20 -5.94
CA TRP D 117 27.79 -22.89 -5.40
C TRP D 117 27.43 -21.80 -6.39
N VAL D 118 26.75 -20.76 -5.90
CA VAL D 118 26.41 -19.60 -6.72
C VAL D 118 26.70 -18.34 -5.93
N PRO D 119 27.08 -17.27 -6.63
CA PRO D 119 27.46 -16.04 -5.92
C PRO D 119 26.30 -15.44 -5.15
N ASP D 120 26.65 -14.75 -4.06
CA ASP D 120 25.67 -14.17 -3.14
C ASP D 120 25.23 -12.77 -3.55
N THR D 121 25.23 -12.46 -4.84
CA THR D 121 24.95 -11.10 -5.29
C THR D 121 23.61 -10.62 -4.76
N TYR D 122 23.57 -9.37 -4.32
CA TYR D 122 22.36 -8.75 -3.82
C TYR D 122 22.37 -7.27 -4.20
N PHE D 123 21.19 -6.66 -4.16
CA PHE D 123 21.00 -5.27 -4.56
C PHE D 123 20.88 -4.40 -3.32
N LEU D 124 21.75 -3.40 -3.22
CA LEU D 124 21.85 -2.62 -1.98
C LEU D 124 20.57 -1.85 -1.69
N ASN D 125 20.01 -1.19 -2.72
CA ASN D 125 18.93 -0.22 -2.51
C ASN D 125 17.57 -0.77 -2.90
N ASP D 126 17.41 -2.09 -2.94
CA ASP D 126 16.09 -2.65 -3.21
C ASP D 126 15.21 -2.56 -1.96
N LYS D 127 13.99 -2.06 -2.14
CA LYS D 127 13.05 -2.03 -1.03
C LYS D 127 12.39 -3.39 -0.84
N LYS D 128 12.11 -4.08 -1.93
CA LYS D 128 11.90 -5.52 -1.90
C LYS D 128 12.01 -6.06 -3.31
N SER D 129 12.25 -7.37 -3.41
CA SER D 129 12.42 -8.02 -4.70
C SER D 129 11.93 -9.45 -4.59
N PHE D 130 11.61 -10.05 -5.74
CA PHE D 130 11.19 -11.44 -5.78
C PHE D 130 11.52 -12.01 -7.15
N VAL D 131 11.79 -13.31 -7.19
CA VAL D 131 12.13 -14.02 -8.42
C VAL D 131 10.88 -14.74 -8.90
N HIS D 132 10.54 -14.55 -10.17
CA HIS D 132 9.29 -15.08 -10.70
C HIS D 132 9.31 -16.60 -10.66
N GLY D 133 8.15 -17.21 -10.41
CA GLY D 133 8.12 -18.62 -10.06
C GLY D 133 7.10 -19.51 -10.74
N VAL D 134 6.25 -18.98 -11.60
CA VAL D 134 5.12 -19.74 -12.12
C VAL D 134 5.61 -20.78 -13.13
N THR D 135 5.18 -22.02 -12.89
CA THR D 135 5.46 -23.22 -13.69
C THR D 135 6.88 -23.73 -13.47
N VAL D 136 7.77 -22.86 -13.00
CA VAL D 136 9.09 -23.19 -12.49
C VAL D 136 9.66 -21.91 -11.91
N LYS D 137 10.57 -22.03 -10.95
CA LYS D 137 11.34 -20.86 -10.57
C LYS D 137 12.21 -20.44 -11.76
N ASN D 138 12.08 -19.19 -12.18
CA ASN D 138 12.67 -18.72 -13.43
C ASN D 138 14.18 -18.57 -13.25
N ARG D 139 14.89 -19.67 -13.54
CA ARG D 139 16.35 -19.71 -13.48
C ARG D 139 16.89 -20.49 -14.68
N MET D 140 18.15 -20.25 -14.99
CA MET D 140 18.85 -20.92 -16.07
C MET D 140 20.20 -21.39 -15.58
N ILE D 141 20.56 -22.63 -15.94
CA ILE D 141 21.89 -23.18 -15.69
C ILE D 141 22.41 -23.74 -17.00
N ARG D 142 23.65 -23.40 -17.34
CA ARG D 142 24.27 -23.88 -18.56
C ARG D 142 25.76 -24.06 -18.30
N LEU D 143 26.22 -25.30 -18.35
CA LEU D 143 27.61 -25.64 -18.03
C LEU D 143 28.40 -25.81 -19.32
N HIS D 144 29.55 -25.16 -19.39
CA HIS D 144 30.44 -25.34 -20.52
C HIS D 144 31.57 -26.30 -20.18
N PRO D 145 32.14 -26.99 -21.17
CA PRO D 145 33.13 -28.03 -20.86
C PRO D 145 34.31 -27.55 -20.04
N ASP D 146 34.77 -26.31 -20.24
CA ASP D 146 35.91 -25.81 -19.51
C ASP D 146 35.60 -25.44 -18.06
N GLY D 147 34.36 -25.64 -17.61
CA GLY D 147 33.96 -25.34 -16.26
C GLY D 147 33.23 -24.03 -16.08
N THR D 148 33.04 -23.25 -17.14
CA THR D 148 32.32 -22.00 -17.02
C THR D 148 30.84 -22.26 -16.78
N VAL D 149 30.27 -21.53 -15.82
CA VAL D 149 28.86 -21.64 -15.48
C VAL D 149 28.16 -20.35 -15.88
N LEU D 150 27.08 -20.47 -16.65
CA LEU D 150 26.19 -19.35 -16.92
C LEU D 150 24.92 -19.53 -16.11
N TYR D 151 24.66 -18.56 -15.23
CA TYR D 151 23.54 -18.62 -14.31
C TYR D 151 22.73 -17.33 -14.44
N GLY D 152 21.43 -17.47 -14.61
CA GLY D 152 20.58 -16.33 -14.81
C GLY D 152 19.16 -16.55 -14.31
N LEU D 153 18.48 -15.46 -13.97
CA LEU D 153 17.14 -15.54 -13.40
C LEU D 153 16.43 -14.21 -13.63
N ARG D 154 15.10 -14.28 -13.69
CA ARG D 154 14.26 -13.12 -13.95
C ARG D 154 13.79 -12.53 -12.62
N ILE D 155 14.12 -11.25 -12.40
CA ILE D 155 13.92 -10.60 -11.11
C ILE D 155 13.10 -9.33 -11.32
N THR D 156 12.14 -9.10 -10.43
CA THR D 156 11.44 -7.83 -10.32
C THR D 156 11.81 -7.18 -9.00
N THR D 157 12.37 -5.97 -9.07
CA THR D 157 12.87 -5.26 -7.90
C THR D 157 12.21 -3.90 -7.78
N THR D 158 11.88 -3.52 -6.54
CA THR D 158 11.45 -2.17 -6.21
C THR D 158 12.60 -1.50 -5.47
N ALA D 159 13.20 -0.49 -6.09
CA ALA D 159 14.45 0.07 -5.62
C ALA D 159 14.27 1.53 -5.22
N ALA D 160 14.98 1.93 -4.16
CA ALA D 160 14.92 3.30 -3.69
C ALA D 160 15.64 4.23 -4.65
N CYS D 161 15.09 5.44 -4.81
CA CYS D 161 15.70 6.46 -5.65
C CYS D 161 15.31 7.82 -5.07
N MET D 162 16.23 8.43 -4.33
CA MET D 162 15.99 9.76 -3.79
C MET D 162 15.93 10.76 -4.94
N MET D 163 14.96 11.66 -4.89
CA MET D 163 14.69 12.57 -6.00
C MET D 163 14.77 14.01 -5.51
N ASP D 164 15.37 14.87 -6.33
CA ASP D 164 15.46 16.31 -6.04
C ASP D 164 14.31 17.00 -6.75
N LEU D 165 13.21 17.20 -6.00
CA LEU D 165 12.00 17.78 -6.56
C LEU D 165 12.02 19.31 -6.59
N ARG D 166 13.16 19.93 -6.30
CA ARG D 166 13.21 21.39 -6.23
C ARG D 166 12.85 22.06 -7.56
N ARG D 167 12.93 21.31 -8.66
CA ARG D 167 12.53 21.79 -9.98
C ARG D 167 11.42 20.91 -10.57
N TYR D 168 10.39 20.60 -9.77
CA TYR D 168 9.55 19.41 -10.00
C TYR D 168 9.10 19.22 -11.45
N PRO D 169 8.30 20.10 -12.06
CA PRO D 169 7.82 19.78 -13.41
C PRO D 169 8.93 19.71 -14.44
N LEU D 170 10.06 20.35 -14.19
CA LEU D 170 11.17 20.43 -15.12
C LEU D 170 12.45 19.87 -14.50
N ASP D 171 12.30 18.82 -13.69
CA ASP D 171 13.43 18.24 -12.97
C ASP D 171 14.13 17.20 -13.85
N GLU D 172 15.21 16.62 -13.30
CA GLU D 172 15.99 15.61 -14.01
C GLU D 172 16.58 14.69 -12.95
N GLN D 173 15.94 13.54 -12.74
CA GLN D 173 16.30 12.65 -11.65
C GLN D 173 17.33 11.62 -12.10
N ASN D 174 18.02 11.04 -11.11
CA ASN D 174 19.12 10.10 -11.32
C ASN D 174 18.92 8.90 -10.38
N CYS D 175 18.28 7.86 -10.91
CA CYS D 175 18.12 6.61 -10.18
C CYS D 175 19.24 5.64 -10.54
N THR D 176 19.54 4.73 -9.61
CA THR D 176 20.61 3.77 -9.80
C THR D 176 20.20 2.42 -9.21
N LEU D 177 20.83 1.37 -9.72
CA LEU D 177 20.77 0.04 -9.14
C LEU D 177 22.18 -0.38 -8.76
N GLU D 178 22.40 -0.67 -7.49
CA GLU D 178 23.73 -0.97 -6.97
C GLU D 178 23.82 -2.45 -6.66
N ILE D 179 24.85 -3.12 -7.18
CA ILE D 179 24.98 -4.56 -7.13
C ILE D 179 26.25 -4.90 -6.34
N GLU D 180 26.12 -5.80 -5.37
CA GLU D 180 27.23 -6.10 -4.46
C GLU D 180 27.11 -7.55 -3.99
N SER D 181 28.26 -8.11 -3.59
CA SER D 181 28.30 -9.43 -2.98
C SER D 181 28.07 -9.30 -1.48
N TYR D 182 27.11 -10.06 -0.96
CA TYR D 182 26.74 -9.89 0.45
C TYR D 182 27.85 -10.42 1.36
N GLY D 183 28.37 -11.61 1.08
CA GLY D 183 29.27 -12.27 2.02
C GLY D 183 30.75 -12.16 1.72
N TYR D 184 31.14 -12.38 0.46
CA TYR D 184 32.56 -12.46 0.12
C TYR D 184 33.12 -11.06 -0.15
N THR D 185 34.33 -10.81 0.37
CA THR D 185 35.00 -9.54 0.18
C THR D 185 35.82 -9.56 -1.10
N THR D 186 36.52 -8.46 -1.36
CA THR D 186 37.37 -8.38 -2.56
C THR D 186 38.44 -9.46 -2.56
N ASP D 187 38.85 -9.94 -1.39
CA ASP D 187 39.82 -11.02 -1.32
C ASP D 187 39.28 -12.35 -1.83
N ASP D 188 37.97 -12.45 -2.06
CA ASP D 188 37.35 -13.70 -2.46
C ASP D 188 36.57 -13.60 -3.76
N ILE D 189 35.97 -12.46 -4.08
CA ILE D 189 35.16 -12.31 -5.28
C ILE D 189 35.47 -10.96 -5.94
N GLU D 190 35.44 -10.94 -7.27
CA GLU D 190 35.53 -9.71 -8.05
C GLU D 190 34.40 -9.69 -9.06
N PHE D 191 33.76 -8.53 -9.20
CA PHE D 191 32.71 -8.32 -10.19
C PHE D 191 33.25 -7.52 -11.37
N TYR D 192 32.69 -7.79 -12.55
CA TYR D 192 32.98 -7.00 -13.73
C TYR D 192 31.81 -7.08 -14.68
N TRP D 193 31.66 -6.04 -15.51
CA TRP D 193 30.61 -6.03 -16.52
C TRP D 193 31.08 -6.83 -17.73
N ARG D 194 30.41 -7.95 -18.01
CA ARG D 194 30.82 -8.80 -19.12
C ARG D 194 30.43 -8.11 -20.42
N GLY D 195 31.45 -7.63 -21.15
CA GLY D 195 31.23 -6.85 -22.34
C GLY D 195 31.38 -5.35 -22.16
N GLY D 196 31.80 -4.90 -20.99
CA GLY D 196 31.98 -3.47 -20.78
C GLY D 196 30.67 -2.73 -20.91
N ASP D 197 30.69 -1.62 -21.65
CA ASP D 197 29.50 -0.81 -21.82
C ASP D 197 28.40 -1.53 -22.58
N LYS D 198 28.71 -2.65 -23.24
CA LYS D 198 27.70 -3.46 -23.92
C LYS D 198 26.89 -4.31 -22.96
N ALA D 199 27.20 -4.28 -21.66
CA ALA D 199 26.74 -5.30 -20.74
C ALA D 199 25.27 -5.19 -20.36
N VAL D 200 24.60 -4.07 -20.66
CA VAL D 200 23.21 -3.87 -20.30
C VAL D 200 22.42 -3.58 -21.57
N THR D 201 21.30 -4.28 -21.74
CA THR D 201 20.44 -4.13 -22.90
C THR D 201 19.00 -3.97 -22.44
N GLY D 202 18.12 -3.66 -23.39
CA GLY D 202 16.73 -3.43 -23.10
C GLY D 202 16.39 -2.02 -22.69
N VAL D 203 17.39 -1.13 -22.54
CA VAL D 203 17.12 0.25 -22.22
C VAL D 203 16.30 0.93 -23.32
N GLU D 204 16.27 0.34 -24.52
CA GLU D 204 15.50 0.90 -25.63
C GLU D 204 14.01 0.70 -25.45
N ARG D 205 13.58 -0.26 -24.63
CA ARG D 205 12.19 -0.64 -24.49
C ARG D 205 11.60 -0.23 -23.15
N ILE D 206 11.95 0.96 -22.66
CA ILE D 206 11.32 1.54 -21.48
C ILE D 206 10.11 2.35 -21.92
N GLU D 207 8.95 2.06 -21.32
CA GLU D 207 7.70 2.66 -21.75
C GLU D 207 7.15 3.64 -20.71
N LEU D 208 8.02 4.39 -20.05
CA LEU D 208 7.58 5.31 -18.99
C LEU D 208 6.78 6.46 -19.59
N PRO D 209 5.56 6.73 -19.10
CA PRO D 209 4.81 7.90 -19.59
C PRO D 209 5.32 9.20 -19.00
N GLN D 210 5.71 9.18 -17.73
CA GLN D 210 6.15 10.38 -17.03
C GLN D 210 7.58 10.77 -17.34
N PHE D 211 8.43 9.82 -17.75
CA PHE D 211 9.85 10.07 -17.89
C PHE D 211 10.35 9.49 -19.22
N SER D 212 11.56 9.89 -19.58
CA SER D 212 12.26 9.33 -20.73
C SER D 212 13.73 9.15 -20.38
N ILE D 213 14.32 8.04 -20.81
CA ILE D 213 15.70 7.74 -20.48
C ILE D 213 16.64 8.58 -21.34
N VAL D 214 17.21 9.63 -20.75
CA VAL D 214 18.19 10.45 -21.46
C VAL D 214 19.48 9.68 -21.67
N GLU D 215 19.92 8.94 -20.65
CA GLU D 215 21.23 8.31 -20.69
C GLU D 215 21.32 7.23 -19.63
N HIS D 216 22.18 6.25 -19.87
CA HIS D 216 22.58 5.29 -18.86
C HIS D 216 24.06 4.98 -19.02
N ARG D 217 24.73 4.80 -17.89
CA ARG D 217 26.09 4.30 -17.90
C ARG D 217 26.39 3.51 -16.63
N LEU D 218 27.44 2.70 -16.73
CA LEU D 218 27.73 1.60 -15.84
C LEU D 218 28.97 1.93 -15.01
N VAL D 219 29.02 1.46 -13.78
CA VAL D 219 30.11 1.77 -12.87
C VAL D 219 30.60 0.49 -12.21
N SER D 220 31.88 0.48 -11.84
CA SER D 220 32.49 -0.62 -11.11
C SER D 220 33.49 -0.05 -10.12
N ARG D 221 33.46 -0.53 -8.88
CA ARG D 221 34.35 -0.01 -7.85
C ARG D 221 34.35 -0.96 -6.66
N ASN D 222 35.33 -0.75 -5.79
CA ASN D 222 35.41 -1.46 -4.51
C ASN D 222 35.00 -0.50 -3.40
N VAL D 223 34.06 -0.93 -2.57
CA VAL D 223 33.54 -0.12 -1.47
C VAL D 223 33.87 -0.83 -0.17
N VAL D 224 34.41 -0.07 0.79
CA VAL D 224 35.04 -0.63 1.98
C VAL D 224 34.15 -0.41 3.20
N PHE D 225 34.01 -1.45 4.01
CA PHE D 225 33.31 -1.38 5.28
C PHE D 225 34.26 -1.83 6.39
N ALA D 226 33.76 -1.84 7.62
CA ALA D 226 34.55 -2.35 8.74
C ALA D 226 34.86 -3.84 8.56
N THR D 227 33.95 -4.59 7.94
CA THR D 227 34.15 -6.02 7.73
C THR D 227 35.05 -6.33 6.54
N GLY D 228 35.43 -5.33 5.76
CA GLY D 228 36.32 -5.54 4.62
C GLY D 228 35.93 -4.74 3.40
N ALA D 229 36.67 -4.89 2.31
CA ALA D 229 36.40 -4.21 1.05
C ALA D 229 35.63 -5.14 0.13
N TYR D 230 34.53 -4.63 -0.45
CA TYR D 230 33.63 -5.46 -1.21
C TYR D 230 33.56 -5.02 -2.66
N PRO D 231 33.42 -5.95 -3.60
CA PRO D 231 33.24 -5.57 -5.01
C PRO D 231 31.83 -5.06 -5.26
N ARG D 232 31.70 -4.06 -6.12
CA ARG D 232 30.40 -3.48 -6.42
C ARG D 232 30.32 -3.04 -7.87
N LEU D 233 29.16 -3.30 -8.47
CA LEU D 233 28.78 -2.74 -9.77
C LEU D 233 27.48 -1.98 -9.58
N SER D 234 27.27 -0.96 -10.42
CA SER D 234 26.05 -0.17 -10.31
C SER D 234 25.62 0.31 -11.68
N LEU D 235 24.31 0.27 -11.91
CA LEU D 235 23.70 0.70 -13.16
C LEU D 235 22.84 1.92 -12.87
N SER D 236 22.95 2.93 -13.73
CA SER D 236 22.37 4.24 -13.49
C SER D 236 21.53 4.69 -14.68
N PHE D 237 20.43 5.39 -14.39
CA PHE D 237 19.53 5.93 -15.39
C PHE D 237 19.30 7.40 -15.11
N ARG D 238 19.44 8.24 -16.15
CA ARG D 238 19.16 9.67 -16.05
C ARG D 238 17.82 9.95 -16.71
N LEU D 239 16.87 10.47 -15.93
CA LEU D 239 15.50 10.64 -16.35
C LEU D 239 15.19 12.11 -16.57
N LYS D 240 14.50 12.42 -17.67
CA LYS D 240 13.97 13.75 -17.93
C LYS D 240 12.46 13.65 -18.03
N ARG D 241 11.76 14.54 -17.33
CA ARG D 241 10.32 14.43 -17.17
C ARG D 241 9.60 14.97 -18.40
N ASN D 242 8.45 14.36 -18.72
CA ASN D 242 7.60 14.82 -19.82
C ASN D 242 6.67 15.89 -19.28
N ILE D 243 6.91 17.14 -19.69
CA ILE D 243 6.18 18.28 -19.14
C ILE D 243 4.72 18.29 -19.58
N GLY D 244 4.36 17.48 -20.58
CA GLY D 244 3.04 17.62 -21.19
C GLY D 244 1.90 17.50 -20.21
N TYR D 245 1.95 16.51 -19.31
CA TYR D 245 0.83 16.29 -18.41
C TYR D 245 0.57 17.49 -17.51
N PHE D 246 1.64 18.10 -17.00
CA PHE D 246 1.48 19.16 -16.01
C PHE D 246 0.97 20.46 -16.64
N ILE D 247 1.23 20.66 -17.94
CA ILE D 247 0.66 21.81 -18.63
C ILE D 247 -0.87 21.71 -18.65
N LEU D 248 -1.39 20.51 -18.95
CA LEU D 248 -2.82 20.35 -19.13
C LEU D 248 -3.58 20.40 -17.82
N GLN D 249 -2.98 19.90 -16.73
CA GLN D 249 -3.70 19.68 -15.48
C GLN D 249 -3.20 20.50 -14.30
N THR D 250 -2.20 21.37 -14.49
CA THR D 250 -1.92 22.35 -13.44
C THR D 250 -1.83 23.77 -13.97
N TYR D 251 -1.21 23.96 -15.13
CA TYR D 251 -0.91 25.32 -15.57
C TYR D 251 -2.03 25.91 -16.41
N MET D 252 -2.68 25.09 -17.25
CA MET D 252 -3.84 25.58 -17.98
C MET D 252 -4.95 25.98 -17.01
N PRO D 253 -5.32 25.17 -16.01
CA PRO D 253 -6.26 25.66 -14.99
C PRO D 253 -5.79 26.94 -14.29
N SER D 254 -4.51 27.01 -13.94
CA SER D 254 -4.01 28.16 -13.21
C SER D 254 -4.05 29.42 -14.08
N ILE D 255 -3.60 29.32 -15.33
CA ILE D 255 -3.62 30.47 -16.22
C ILE D 255 -5.05 30.89 -16.50
N LEU D 256 -5.92 29.91 -16.77
CA LEU D 256 -7.31 30.22 -17.11
C LEU D 256 -8.04 30.88 -15.94
N ILE D 257 -7.85 30.37 -14.73
CA ILE D 257 -8.49 30.98 -13.57
C ILE D 257 -7.94 32.38 -13.32
N THR D 258 -6.64 32.57 -13.52
CA THR D 258 -6.06 33.90 -13.41
C THR D 258 -6.66 34.84 -14.47
N ILE D 259 -6.80 34.35 -15.70
CA ILE D 259 -7.40 35.15 -16.76
C ILE D 259 -8.85 35.48 -16.40
N LEU D 260 -9.60 34.47 -15.95
CA LEU D 260 -11.01 34.68 -15.63
C LEU D 260 -11.17 35.68 -14.50
N SER D 261 -10.18 35.77 -13.60
CA SER D 261 -10.25 36.73 -12.51
C SER D 261 -10.26 38.17 -13.02
N TRP D 262 -9.58 38.43 -14.14
CA TRP D 262 -9.55 39.80 -14.65
C TRP D 262 -10.89 40.21 -15.26
N VAL D 263 -11.81 39.27 -15.46
CA VAL D 263 -13.14 39.62 -15.94
C VAL D 263 -13.82 40.58 -14.96
N SER D 264 -13.42 40.54 -13.69
CA SER D 264 -13.98 41.45 -12.70
C SER D 264 -13.75 42.90 -13.09
N PHE D 265 -12.64 43.19 -13.75
CA PHE D 265 -12.32 44.55 -14.15
C PHE D 265 -13.19 45.06 -15.29
N TRP D 266 -13.95 44.18 -15.95
CA TRP D 266 -14.84 44.57 -17.04
C TRP D 266 -16.30 44.67 -16.60
N ILE D 267 -16.68 43.94 -15.55
CA ILE D 267 -18.00 44.14 -14.96
C ILE D 267 -18.07 45.54 -14.37
N ASN D 268 -19.24 46.15 -14.44
CA ASN D 268 -19.39 47.51 -13.93
C ASN D 268 -19.17 47.55 -12.42
N TYR D 269 -18.60 48.66 -11.94
CA TYR D 269 -18.21 48.76 -10.54
C TYR D 269 -19.39 48.65 -9.60
N ASP D 270 -20.59 49.05 -10.02
CA ASP D 270 -21.74 49.06 -9.13
C ASP D 270 -22.23 47.66 -8.79
N ALA D 271 -21.87 46.65 -9.60
CA ALA D 271 -22.31 45.28 -9.36
C ALA D 271 -21.44 44.61 -8.30
N SER D 272 -21.68 45.00 -7.04
CA SER D 272 -20.90 44.47 -5.92
C SER D 272 -21.05 42.95 -5.82
N ALA D 273 -22.28 42.46 -5.95
CA ALA D 273 -22.52 41.02 -5.82
C ALA D 273 -21.76 40.24 -6.89
N ALA D 274 -21.82 40.70 -8.14
CA ALA D 274 -21.19 39.97 -9.23
C ALA D 274 -19.67 39.99 -9.11
N ARG D 275 -19.09 41.17 -8.88
CA ARG D 275 -17.63 41.29 -8.85
C ARG D 275 -17.04 40.55 -7.66
N VAL D 276 -17.74 40.56 -6.52
CA VAL D 276 -17.26 39.82 -5.36
C VAL D 276 -17.41 38.33 -5.57
N ALA D 277 -18.58 37.89 -6.05
CA ALA D 277 -18.79 36.46 -6.28
C ALA D 277 -17.80 35.93 -7.31
N LEU D 278 -17.54 36.71 -8.36
CA LEU D 278 -16.56 36.32 -9.36
C LEU D 278 -15.16 36.20 -8.74
N GLY D 279 -14.75 37.24 -7.99
CA GLY D 279 -13.41 37.23 -7.44
C GLY D 279 -13.18 36.11 -6.44
N ILE D 280 -14.12 35.93 -5.51
CA ILE D 280 -13.93 34.93 -4.46
C ILE D 280 -13.87 33.53 -5.05
N THR D 281 -14.67 33.26 -6.09
CA THR D 281 -14.66 31.93 -6.70
C THR D 281 -13.29 31.60 -7.26
N THR D 282 -12.64 32.57 -7.92
CA THR D 282 -11.31 32.34 -8.44
C THR D 282 -10.32 32.08 -7.31
N VAL D 283 -10.47 32.79 -6.18
CA VAL D 283 -9.57 32.59 -5.06
C VAL D 283 -9.70 31.16 -4.53
N LEU D 284 -10.94 30.70 -4.34
CA LEU D 284 -11.14 29.33 -3.86
C LEU D 284 -10.60 28.32 -4.85
N THR D 285 -10.86 28.53 -6.15
CA THR D 285 -10.35 27.61 -7.16
C THR D 285 -8.83 27.59 -7.18
N MET D 286 -8.19 28.76 -7.03
CA MET D 286 -6.74 28.80 -6.97
C MET D 286 -6.24 28.03 -5.74
N THR D 287 -6.90 28.22 -4.60
CA THR D 287 -6.55 27.44 -3.42
C THR D 287 -6.81 25.96 -3.64
N THR D 288 -7.90 25.63 -4.34
CA THR D 288 -8.23 24.23 -4.59
C THR D 288 -7.13 23.51 -5.36
N ILE D 289 -6.47 24.21 -6.28
CA ILE D 289 -5.38 23.58 -7.02
C ILE D 289 -4.24 23.21 -6.08
N ASN D 290 -3.99 24.04 -5.06
CA ASN D 290 -2.99 23.69 -4.06
C ASN D 290 -3.39 22.44 -3.30
N THR D 291 -4.67 22.31 -2.98
CA THR D 291 -5.12 21.13 -2.24
C THR D 291 -5.01 19.86 -3.07
N HIS D 292 -5.19 19.96 -4.40
CA HIS D 292 -4.95 18.81 -5.26
C HIS D 292 -3.48 18.41 -5.25
N LEU D 293 -2.58 19.39 -5.34
CA LEU D 293 -1.16 19.10 -5.26
C LEU D 293 -0.74 18.64 -3.87
N ARG D 294 -1.57 18.91 -2.86
CA ARG D 294 -1.30 18.38 -1.53
C ARG D 294 -1.33 16.86 -1.52
N GLU D 295 -2.11 16.26 -2.42
CA GLU D 295 -2.36 14.82 -2.41
C GLU D 295 -1.39 14.04 -3.30
N THR D 296 -0.98 14.62 -4.44
CA THR D 296 -0.26 13.86 -5.46
C THR D 296 1.20 13.61 -5.11
N LEU D 297 1.82 14.42 -4.27
CA LEU D 297 3.26 14.47 -4.11
C LEU D 297 3.62 14.27 -2.65
N PRO D 298 4.85 13.86 -2.36
CA PRO D 298 5.25 13.66 -0.96
C PRO D 298 5.32 14.98 -0.20
N LYS D 299 5.41 14.85 1.11
CA LYS D 299 5.33 16.00 2.03
C LYS D 299 6.75 16.54 2.31
N ILE D 300 7.33 17.12 1.27
CA ILE D 300 8.70 17.64 1.35
C ILE D 300 8.70 18.98 2.05
N PRO D 301 9.77 19.36 2.78
CA PRO D 301 9.75 20.66 3.47
C PRO D 301 9.79 21.87 2.54
N TYR D 302 10.67 21.86 1.54
CA TYR D 302 11.00 23.05 0.79
C TYR D 302 10.03 23.29 -0.37
N VAL D 303 10.00 24.55 -0.82
CA VAL D 303 9.06 24.96 -1.85
C VAL D 303 9.53 24.46 -3.21
N LYS D 304 8.60 23.95 -4.00
CA LYS D 304 8.88 23.42 -5.33
C LYS D 304 8.61 24.47 -6.40
N ALA D 305 9.07 24.17 -7.62
CA ALA D 305 8.84 25.08 -8.74
C ALA D 305 7.35 25.30 -9.00
N ILE D 306 6.57 24.21 -8.95
CA ILE D 306 5.13 24.32 -9.19
C ILE D 306 4.48 25.16 -8.09
N ASP D 307 4.99 25.08 -6.86
CA ASP D 307 4.47 25.92 -5.79
C ASP D 307 4.74 27.40 -6.06
N MET D 308 5.92 27.72 -6.61
CA MET D 308 6.25 29.11 -6.89
C MET D 308 5.28 29.71 -7.90
N TYR D 309 4.92 28.96 -8.94
CA TYR D 309 3.96 29.45 -9.92
C TYR D 309 2.61 29.71 -9.27
N LEU D 310 2.13 28.78 -8.45
CA LEU D 310 0.83 28.96 -7.81
C LEU D 310 0.87 30.05 -6.76
N MET D 311 2.02 30.26 -6.12
CA MET D 311 2.18 31.45 -5.29
C MET D 311 2.01 32.71 -6.11
N GLY D 312 2.62 32.74 -7.30
CA GLY D 312 2.43 33.89 -8.18
C GLY D 312 0.99 34.04 -8.61
N CYS D 313 0.36 32.94 -9.03
CA CYS D 313 -1.02 33.00 -9.47
C CYS D 313 -1.94 33.46 -8.35
N PHE D 314 -1.75 32.93 -7.14
CA PHE D 314 -2.59 33.31 -6.02
C PHE D 314 -2.43 34.80 -5.70
N VAL D 315 -1.20 35.29 -5.72
CA VAL D 315 -0.96 36.70 -5.41
C VAL D 315 -1.71 37.60 -6.37
N PHE D 316 -1.65 37.28 -7.67
CA PHE D 316 -2.42 38.06 -8.64
C PHE D 316 -3.92 37.90 -8.42
N VAL D 317 -4.38 36.67 -8.19
CA VAL D 317 -5.80 36.44 -7.97
C VAL D 317 -6.24 37.07 -6.67
N PHE D 318 -5.39 37.03 -5.64
CA PHE D 318 -5.72 37.67 -4.37
C PHE D 318 -5.78 39.18 -4.51
N LEU D 319 -4.79 39.78 -5.17
CA LEU D 319 -4.81 41.22 -5.39
C LEU D 319 -5.96 41.63 -6.30
N ALA D 320 -6.40 40.74 -7.20
CA ALA D 320 -7.53 41.05 -8.06
C ALA D 320 -8.80 41.30 -7.25
N LEU D 321 -8.88 40.76 -6.04
CA LEU D 321 -10.03 41.00 -5.17
C LEU D 321 -9.82 42.22 -4.28
N LEU D 322 -8.59 42.41 -3.77
CA LEU D 322 -8.28 43.63 -3.04
C LEU D 322 -8.41 44.85 -3.95
N GLU D 323 -8.18 44.67 -5.26
CA GLU D 323 -8.34 45.76 -6.19
C GLU D 323 -9.77 46.31 -6.15
N TYR D 324 -10.77 45.41 -6.15
CA TYR D 324 -12.15 45.86 -6.07
C TYR D 324 -12.46 46.47 -4.71
N ALA D 325 -11.88 45.92 -3.64
CA ALA D 325 -12.12 46.48 -2.31
C ALA D 325 -11.77 47.96 -2.27
N PHE D 326 -10.70 48.36 -2.96
CA PHE D 326 -10.35 49.77 -3.05
C PHE D 326 -11.36 50.53 -3.90
N VAL D 327 -11.74 49.94 -5.04
CA VAL D 327 -12.73 50.58 -5.91
C VAL D 327 -14.05 50.77 -5.17
N ASN D 328 -14.50 49.72 -4.47
CA ASN D 328 -15.78 49.77 -3.79
C ASN D 328 -15.75 50.77 -2.64
N TYR D 329 -14.66 50.79 -1.88
CA TYR D 329 -14.50 51.77 -0.83
C TYR D 329 -14.44 53.20 -1.38
N ILE D 330 -13.62 53.42 -2.41
CA ILE D 330 -13.35 54.77 -2.89
C ILE D 330 -14.60 55.41 -3.49
N PHE D 331 -15.35 54.64 -4.29
CA PHE D 331 -16.57 55.15 -4.91
C PHE D 331 -17.51 55.74 -3.86
N PHE D 332 -17.70 55.02 -2.76
CA PHE D 332 -18.58 55.38 -1.66
C PHE D 332 -17.89 56.10 -0.51
N SER D 333 -16.76 56.76 -0.77
CA SER D 333 -16.09 57.58 0.25
C SER D 333 -15.35 58.76 -0.38
N GLU D 574 -11.66 65.96 -4.08
CA GLU D 574 -12.67 65.28 -4.87
C GLU D 574 -12.02 64.37 -5.92
N LEU D 575 -10.69 64.32 -5.92
CA LEU D 575 -9.98 63.48 -6.89
C LEU D 575 -10.39 62.03 -6.76
N TYR D 576 -10.80 61.60 -5.56
CA TYR D 576 -11.17 60.20 -5.37
C TYR D 576 -12.39 59.81 -6.18
N LYS D 577 -13.23 60.79 -6.54
CA LYS D 577 -14.31 60.51 -7.48
C LYS D 577 -13.76 60.10 -8.84
N GLY D 578 -12.57 60.57 -9.19
CA GLY D 578 -11.92 60.17 -10.42
C GLY D 578 -11.21 58.83 -10.29
N ARG D 579 -10.51 58.64 -9.16
CA ARG D 579 -9.80 57.38 -8.94
C ARG D 579 -10.77 56.20 -8.94
N ALA D 580 -12.03 56.43 -8.56
CA ALA D 580 -13.00 55.35 -8.58
C ALA D 580 -13.12 54.71 -9.95
N ALA D 581 -12.94 55.50 -11.01
CA ALA D 581 -12.98 54.98 -12.37
C ALA D 581 -11.59 54.75 -12.95
N ALA D 582 -10.62 55.62 -12.62
CA ALA D 582 -9.28 55.46 -13.15
C ALA D 582 -8.65 54.15 -12.68
N ILE D 583 -8.85 53.79 -11.42
CA ILE D 583 -8.30 52.53 -10.90
C ILE D 583 -8.80 51.36 -11.74
N ASP D 584 -10.08 51.37 -12.10
CA ASP D 584 -10.63 50.30 -12.92
C ASP D 584 -10.05 50.31 -14.33
N ARG D 585 -9.74 51.49 -14.86
CA ARG D 585 -9.15 51.56 -16.19
C ARG D 585 -7.76 50.95 -16.21
N TRP D 586 -6.95 51.24 -15.18
CA TRP D 586 -5.58 50.72 -15.15
C TRP D 586 -5.55 49.22 -14.92
N SER D 587 -6.44 48.72 -14.05
CA SER D 587 -6.41 47.29 -13.73
C SER D 587 -6.73 46.43 -14.94
N ARG D 588 -7.45 46.97 -15.93
CA ARG D 588 -7.75 46.21 -17.13
C ARG D 588 -6.52 45.98 -18.00
N ILE D 589 -5.40 46.64 -17.73
CA ILE D 589 -4.17 46.44 -18.50
C ILE D 589 -3.03 46.02 -17.57
N VAL D 590 -2.87 46.71 -16.44
CA VAL D 590 -1.71 46.50 -15.60
C VAL D 590 -1.67 45.07 -15.06
N PHE D 591 -2.82 44.56 -14.60
CA PHE D 591 -2.84 43.19 -14.09
C PHE D 591 -2.46 42.19 -15.16
N PRO D 592 -3.11 42.16 -16.33
CA PRO D 592 -2.66 41.22 -17.38
C PRO D 592 -1.21 41.41 -17.77
N PHE D 593 -0.74 42.67 -17.83
CA PHE D 593 0.64 42.93 -18.20
C PHE D 593 1.61 42.32 -17.18
N THR D 594 1.35 42.55 -15.89
CA THR D 594 2.28 42.06 -14.87
C THR D 594 2.26 40.55 -14.78
N PHE D 595 1.11 39.91 -14.97
CA PHE D 595 1.06 38.45 -14.96
C PHE D 595 1.90 37.88 -16.08
N SER D 596 1.72 38.38 -17.31
CA SER D 596 2.54 37.91 -18.42
C SER D 596 4.02 38.17 -18.17
N LEU D 597 4.34 39.30 -17.54
CA LEU D 597 5.73 39.58 -17.19
C LEU D 597 6.26 38.57 -16.18
N PHE D 598 5.46 38.24 -15.16
CA PHE D 598 5.85 37.20 -14.23
C PHE D 598 5.96 35.84 -14.93
N ASN D 599 5.00 35.53 -15.80
CA ASN D 599 5.05 34.27 -16.52
C ASN D 599 6.30 34.17 -17.38
N LEU D 600 6.68 35.28 -18.01
CA LEU D 600 7.90 35.28 -18.82
C LEU D 600 9.14 35.02 -17.96
N VAL D 601 9.21 35.68 -16.80
CA VAL D 601 10.37 35.49 -15.92
C VAL D 601 10.42 34.05 -15.41
N TYR D 602 9.25 33.49 -15.07
CA TYR D 602 9.22 32.15 -14.50
C TYR D 602 9.77 31.11 -15.46
N TRP D 603 9.16 31.00 -16.65
CA TRP D 603 9.57 29.95 -17.58
C TRP D 603 11.03 30.09 -18.00
N LEU D 604 11.48 31.32 -18.26
CA LEU D 604 12.86 31.50 -18.68
C LEU D 604 13.83 31.00 -17.63
N TYR D 605 13.52 31.21 -16.35
CA TYR D 605 14.39 30.76 -15.28
C TYR D 605 14.48 29.23 -15.24
N TYR D 606 13.33 28.56 -15.20
CA TYR D 606 13.32 27.12 -14.94
C TYR D 606 13.58 26.30 -16.21
N VAL D 607 13.69 26.95 -17.36
CA VAL D 607 14.14 26.27 -18.59
C VAL D 607 15.62 26.53 -18.84
N ASN D 608 16.07 27.77 -18.63
CA ASN D 608 17.43 28.16 -18.98
C ASN D 608 18.41 28.08 -17.82
N SER D 609 17.93 28.12 -16.58
CA SER D 609 18.83 28.07 -15.43
C SER D 609 19.43 26.68 -15.27
N PRO E 31 -6.95 -57.39 -8.22
CA PRO E 31 -6.35 -58.01 -7.03
C PRO E 31 -4.85 -57.71 -6.92
N GLY E 32 -4.04 -58.34 -7.77
CA GLY E 32 -2.61 -58.08 -7.80
C GLY E 32 -2.21 -56.87 -8.61
N ASN E 33 -3.19 -56.17 -9.22
CA ASN E 33 -2.86 -55.03 -10.07
C ASN E 33 -2.15 -53.95 -9.27
N MET E 34 -2.59 -53.71 -8.03
CA MET E 34 -2.00 -52.64 -7.23
C MET E 34 -0.49 -52.79 -7.11
N SER E 35 -0.02 -53.96 -6.70
CA SER E 35 1.42 -54.18 -6.61
C SER E 35 2.07 -54.10 -7.98
N PHE E 36 1.40 -54.63 -9.00
CA PHE E 36 1.95 -54.61 -10.35
C PHE E 36 2.19 -53.18 -10.82
N VAL E 37 1.19 -52.31 -10.68
CA VAL E 37 1.35 -50.92 -11.11
C VAL E 37 2.32 -50.16 -10.21
N LYS E 38 2.33 -50.45 -8.90
CA LYS E 38 3.33 -49.81 -8.04
C LYS E 38 4.74 -50.12 -8.51
N GLU E 39 5.04 -51.40 -8.76
CA GLU E 39 6.37 -51.76 -9.19
C GLU E 39 6.67 -51.24 -10.59
N THR E 40 5.64 -51.14 -11.45
CA THR E 40 5.84 -50.52 -12.75
C THR E 40 6.30 -49.07 -12.61
N VAL E 41 5.61 -48.30 -11.79
CA VAL E 41 5.96 -46.89 -11.60
C VAL E 41 7.35 -46.77 -10.97
N ASP E 42 7.63 -47.64 -9.99
CA ASP E 42 8.95 -47.61 -9.35
C ASP E 42 10.05 -47.92 -10.36
N LYS E 43 9.81 -48.90 -11.24
CA LYS E 43 10.78 -49.21 -12.28
C LYS E 43 10.97 -48.03 -13.22
N LEU E 44 9.90 -47.31 -13.54
CA LEU E 44 10.05 -46.11 -14.36
C LEU E 44 10.92 -45.07 -13.67
N LEU E 45 10.62 -44.76 -12.40
CA LEU E 45 11.33 -43.68 -11.72
C LEU E 45 12.74 -44.09 -11.31
N LYS E 46 12.98 -45.36 -11.02
CA LYS E 46 14.29 -45.79 -10.56
C LYS E 46 15.32 -45.56 -11.66
N GLY E 47 16.34 -44.76 -11.36
CA GLY E 47 17.34 -44.38 -12.32
C GLY E 47 17.00 -43.16 -13.14
N TYR E 48 15.78 -42.63 -13.01
CA TYR E 48 15.36 -41.46 -13.78
C TYR E 48 16.10 -40.23 -13.27
N ASP E 49 16.60 -39.42 -14.20
CA ASP E 49 17.35 -38.21 -13.87
C ASP E 49 16.48 -36.99 -14.15
N ILE E 50 16.27 -36.17 -13.12
CA ILE E 50 15.49 -34.94 -13.30
C ILE E 50 16.22 -33.98 -14.21
N ARG E 51 17.57 -34.01 -14.18
CA ARG E 51 18.37 -32.97 -14.80
C ARG E 51 18.26 -32.93 -16.32
N LEU E 52 17.95 -34.06 -16.95
CA LEU E 52 18.09 -34.20 -18.39
C LEU E 52 16.72 -34.21 -19.06
N ARG E 53 16.57 -33.38 -20.10
CA ARG E 53 15.35 -33.36 -20.88
C ARG E 53 15.23 -34.64 -21.70
N PRO E 54 14.02 -34.98 -22.16
CA PRO E 54 13.87 -36.17 -23.01
C PRO E 54 14.78 -36.09 -24.23
N ASP E 55 15.40 -37.21 -24.58
CA ASP E 55 16.30 -37.28 -25.72
C ASP E 55 17.37 -36.21 -25.67
N PHE E 56 17.95 -36.02 -24.48
CA PHE E 56 19.02 -35.03 -24.33
C PHE E 56 20.15 -35.33 -25.30
N GLY E 57 20.65 -34.28 -25.94
CA GLY E 57 21.62 -34.41 -27.01
C GLY E 57 21.03 -34.77 -28.35
N GLY E 58 19.83 -35.34 -28.39
CA GLY E 58 19.16 -35.68 -29.62
C GLY E 58 18.31 -34.54 -30.12
N PRO E 59 17.28 -34.86 -30.91
CA PRO E 59 16.42 -33.80 -31.46
C PRO E 59 15.59 -33.14 -30.37
N PRO E 60 15.11 -31.92 -30.62
CA PRO E 60 14.36 -31.20 -29.59
C PRO E 60 13.04 -31.89 -29.27
N VAL E 61 12.55 -31.68 -28.05
CA VAL E 61 11.28 -32.24 -27.61
C VAL E 61 10.16 -31.27 -27.98
N CYS E 62 9.06 -31.81 -28.48
CA CYS E 62 7.92 -31.01 -28.92
C CYS E 62 6.90 -30.95 -27.79
N VAL E 63 6.72 -29.76 -27.21
CA VAL E 63 5.77 -29.54 -26.13
C VAL E 63 4.52 -28.90 -26.73
N GLY E 64 3.43 -29.67 -26.78
CA GLY E 64 2.15 -29.14 -27.23
C GLY E 64 1.37 -28.58 -26.06
N MET E 65 0.71 -27.46 -26.28
CA MET E 65 0.07 -26.70 -25.20
C MET E 65 -1.38 -26.42 -25.50
N ASN E 66 -2.19 -26.41 -24.44
CA ASN E 66 -3.59 -25.99 -24.48
C ASN E 66 -3.84 -25.02 -23.34
N ILE E 67 -4.78 -24.11 -23.54
CA ILE E 67 -5.25 -23.20 -22.50
C ILE E 67 -6.77 -23.20 -22.51
N ASP E 68 -7.36 -23.33 -21.33
CA ASP E 68 -8.80 -23.18 -21.15
C ASP E 68 -9.02 -21.97 -20.26
N ILE E 69 -9.50 -20.87 -20.85
CA ILE E 69 -9.64 -19.63 -20.11
C ILE E 69 -10.79 -19.76 -19.13
N ALA E 70 -10.49 -19.59 -17.85
CA ALA E 70 -11.54 -19.60 -16.84
C ALA E 70 -12.26 -18.26 -16.79
N SER E 71 -11.50 -17.17 -16.74
CA SER E 71 -12.06 -15.83 -16.75
C SER E 71 -10.92 -14.83 -16.84
N ILE E 72 -11.26 -13.62 -17.29
CA ILE E 72 -10.33 -12.49 -17.31
C ILE E 72 -10.80 -11.51 -16.25
N ASP E 73 -9.93 -11.24 -15.27
CA ASP E 73 -10.26 -10.33 -14.20
C ASP E 73 -10.06 -8.89 -14.68
N MET E 74 -9.98 -7.94 -13.76
CA MET E 74 -9.98 -6.53 -14.12
C MET E 74 -8.98 -6.23 -15.23
N VAL E 75 -9.40 -5.38 -16.17
CA VAL E 75 -8.52 -4.77 -17.17
C VAL E 75 -8.31 -3.32 -16.75
N SER E 76 -7.05 -2.94 -16.56
CA SER E 76 -6.70 -1.68 -15.90
C SER E 76 -5.94 -0.79 -16.88
N GLU E 77 -6.54 0.35 -17.21
CA GLU E 77 -5.81 1.38 -17.96
C GLU E 77 -4.74 2.03 -17.09
N VAL E 78 -5.07 2.27 -15.81
CA VAL E 78 -4.13 2.97 -14.94
C VAL E 78 -2.88 2.14 -14.72
N ASN E 79 -3.02 0.82 -14.58
CA ASN E 79 -1.87 -0.06 -14.40
C ASN E 79 -1.34 -0.62 -15.71
N MET E 80 -2.02 -0.41 -16.83
CA MET E 80 -1.59 -0.94 -18.12
C MET E 80 -1.36 -2.44 -18.05
N ASP E 81 -2.31 -3.15 -17.44
CA ASP E 81 -2.22 -4.59 -17.31
C ASP E 81 -3.61 -5.19 -17.22
N TYR E 82 -3.67 -6.51 -17.31
CA TYR E 82 -4.90 -7.26 -17.09
C TYR E 82 -4.55 -8.56 -16.37
N THR E 83 -5.52 -9.09 -15.64
CA THR E 83 -5.35 -10.30 -14.85
C THR E 83 -6.16 -11.43 -15.46
N LEU E 84 -5.52 -12.60 -15.59
CA LEU E 84 -6.09 -13.73 -16.32
C LEU E 84 -5.98 -14.99 -15.48
N THR E 85 -7.05 -15.79 -15.48
CA THR E 85 -7.10 -17.07 -14.79
C THR E 85 -7.44 -18.15 -15.81
N MET E 86 -6.71 -19.27 -15.75
CA MET E 86 -6.76 -20.24 -16.83
C MET E 86 -6.29 -21.61 -16.35
N TYR E 87 -6.72 -22.63 -17.07
CA TYR E 87 -6.14 -23.97 -16.99
C TYR E 87 -5.13 -24.10 -18.12
N PHE E 88 -3.89 -24.44 -17.78
CA PHE E 88 -2.77 -24.41 -18.71
C PHE E 88 -2.16 -25.80 -18.76
N GLN E 89 -2.16 -26.41 -19.94
CA GLN E 89 -1.82 -27.81 -20.11
C GLN E 89 -0.67 -27.94 -21.10
N GLN E 90 0.18 -28.94 -20.89
CA GLN E 90 1.35 -29.18 -21.73
C GLN E 90 1.49 -30.67 -22.00
N TYR E 91 1.76 -31.02 -23.26
CA TYR E 91 1.93 -32.40 -23.68
C TYR E 91 3.32 -32.59 -24.26
N TRP E 92 4.00 -33.66 -23.86
CA TRP E 92 5.24 -34.06 -24.50
C TRP E 92 5.41 -35.56 -24.27
N ARG E 93 6.32 -36.17 -25.05
CA ARG E 93 6.60 -37.59 -24.96
C ARG E 93 8.00 -37.79 -24.38
N ASP E 94 8.09 -38.62 -23.35
CA ASP E 94 9.37 -38.97 -22.72
C ASP E 94 9.49 -40.49 -22.75
N LYS E 95 10.40 -40.99 -23.58
CA LYS E 95 10.56 -42.43 -23.74
C LYS E 95 10.86 -43.13 -22.42
N ARG E 96 11.45 -42.42 -21.46
CA ARG E 96 11.82 -43.04 -20.19
C ARG E 96 10.61 -43.48 -19.38
N LEU E 97 9.42 -42.99 -19.72
CA LEU E 97 8.21 -43.25 -18.94
C LEU E 97 7.26 -44.22 -19.64
N ALA E 98 7.71 -44.95 -20.65
CA ALA E 98 6.85 -45.89 -21.34
C ALA E 98 6.64 -47.15 -20.48
N TYR E 99 5.40 -47.66 -20.51
CA TYR E 99 5.07 -48.87 -19.78
C TYR E 99 4.06 -49.66 -20.61
N SER E 100 4.04 -50.98 -20.41
CA SER E 100 3.28 -51.88 -21.26
C SER E 100 2.28 -52.76 -20.52
N GLY E 101 2.52 -53.09 -19.25
CA GLY E 101 1.66 -54.04 -18.57
C GLY E 101 0.29 -53.49 -18.23
N ILE E 102 0.17 -52.17 -18.09
CA ILE E 102 -1.05 -51.51 -17.64
C ILE E 102 -1.65 -50.75 -18.81
N PRO E 103 -2.88 -51.05 -19.24
CA PRO E 103 -3.46 -50.34 -20.38
C PRO E 103 -4.01 -48.96 -20.04
N LEU E 104 -4.09 -48.61 -18.76
CA LEU E 104 -4.74 -47.38 -18.35
C LEU E 104 -3.90 -46.16 -18.70
N ASN E 105 -4.58 -45.05 -19.02
CA ASN E 105 -3.96 -43.73 -18.93
C ASN E 105 -3.81 -43.42 -17.45
N LEU E 106 -2.57 -43.51 -16.95
CA LEU E 106 -2.30 -43.60 -15.52
C LEU E 106 -2.21 -42.20 -14.93
N THR E 107 -3.19 -41.83 -14.12
CA THR E 107 -3.15 -40.59 -13.37
C THR E 107 -2.42 -40.82 -12.04
N LEU E 108 -1.52 -39.91 -11.70
CA LEU E 108 -0.71 -40.04 -10.50
C LEU E 108 -0.85 -38.79 -9.63
N ASP E 109 -0.62 -38.96 -8.33
CA ASP E 109 -0.69 -37.84 -7.40
C ASP E 109 0.31 -36.78 -7.82
N ASN E 110 -0.06 -35.51 -7.62
CA ASN E 110 0.68 -34.42 -8.24
C ASN E 110 2.11 -34.28 -7.70
N ARG E 111 2.43 -34.91 -6.56
CA ARG E 111 3.80 -34.87 -6.09
C ARG E 111 4.78 -35.49 -7.08
N VAL E 112 4.30 -36.33 -8.00
CA VAL E 112 5.18 -36.94 -8.98
C VAL E 112 5.84 -35.87 -9.84
N ALA E 113 5.16 -34.72 -10.04
CA ALA E 113 5.73 -33.66 -10.86
C ALA E 113 7.08 -33.19 -10.35
N ASP E 114 7.32 -33.29 -9.04
CA ASP E 114 8.63 -32.98 -8.49
C ASP E 114 9.65 -34.09 -8.75
N GLN E 115 9.20 -35.25 -9.21
CA GLN E 115 10.07 -36.38 -9.51
C GLN E 115 10.24 -36.60 -11.01
N LEU E 116 9.79 -35.65 -11.83
CA LEU E 116 9.85 -35.77 -13.29
C LEU E 116 10.43 -34.50 -13.88
N TRP E 117 11.00 -34.64 -15.09
CA TRP E 117 11.35 -33.48 -15.87
C TRP E 117 10.11 -32.83 -16.45
N VAL E 118 10.00 -31.52 -16.27
CA VAL E 118 8.91 -30.75 -16.87
C VAL E 118 9.47 -29.48 -17.48
N PRO E 119 8.87 -29.02 -18.58
CA PRO E 119 9.43 -27.87 -19.28
C PRO E 119 9.39 -26.61 -18.43
N ASP E 120 10.34 -25.71 -18.70
CA ASP E 120 10.51 -24.48 -17.94
C ASP E 120 9.72 -23.32 -18.55
N THR E 121 8.55 -23.60 -19.11
CA THR E 121 7.74 -22.55 -19.72
C THR E 121 7.47 -21.43 -18.73
N TYR E 122 7.53 -20.21 -19.22
CA TYR E 122 7.25 -19.04 -18.40
C TYR E 122 6.56 -17.99 -19.27
N PHE E 123 5.83 -17.09 -18.62
CA PHE E 123 5.08 -16.05 -19.29
C PHE E 123 5.93 -14.79 -19.33
N LEU E 124 6.36 -14.39 -20.53
CA LEU E 124 7.39 -13.38 -20.65
C LEU E 124 6.89 -11.98 -20.28
N ASN E 125 5.58 -11.76 -20.39
CA ASN E 125 5.01 -10.44 -20.14
C ASN E 125 4.15 -10.39 -18.87
N ASP E 126 4.30 -11.37 -17.98
CA ASP E 126 3.54 -11.35 -16.74
C ASP E 126 4.18 -10.40 -15.73
N LYS E 127 3.34 -9.89 -14.83
CA LYS E 127 3.78 -8.98 -13.77
C LYS E 127 3.71 -9.61 -12.39
N LYS E 128 2.71 -10.46 -12.15
CA LYS E 128 2.58 -11.18 -10.89
C LYS E 128 1.62 -12.34 -11.13
N SER E 129 2.01 -13.54 -10.73
CA SER E 129 1.24 -14.73 -11.04
C SER E 129 1.54 -15.81 -10.02
N PHE E 130 0.61 -16.76 -9.90
CA PHE E 130 0.73 -17.82 -8.91
C PHE E 130 -0.10 -19.02 -9.36
N VAL E 131 0.34 -20.20 -8.95
CA VAL E 131 -0.44 -21.42 -9.16
C VAL E 131 -1.35 -21.64 -7.96
N HIS E 132 -2.57 -22.10 -8.21
CA HIS E 132 -3.57 -22.19 -7.15
C HIS E 132 -3.28 -23.38 -6.23
N GLY E 133 -3.59 -23.20 -4.96
CA GLY E 133 -3.36 -24.20 -3.93
C GLY E 133 -4.52 -24.34 -2.96
N VAL E 134 -5.75 -24.30 -3.46
CA VAL E 134 -6.92 -24.16 -2.59
C VAL E 134 -6.92 -25.24 -1.52
N THR E 135 -6.76 -26.50 -1.91
CA THR E 135 -6.59 -27.59 -0.95
C THR E 135 -5.28 -28.34 -1.16
N VAL E 136 -4.94 -28.65 -2.41
CA VAL E 136 -3.62 -29.10 -2.80
C VAL E 136 -3.22 -28.25 -4.00
N LYS E 137 -1.91 -28.14 -4.22
CA LYS E 137 -1.44 -27.34 -5.34
C LYS E 137 -2.05 -27.88 -6.63
N ASN E 138 -2.64 -26.99 -7.42
CA ASN E 138 -3.42 -27.40 -8.59
C ASN E 138 -2.47 -27.78 -9.72
N ARG E 139 -1.93 -29.00 -9.62
CA ARG E 139 -1.14 -29.61 -10.68
C ARG E 139 -1.80 -30.92 -11.11
N MET E 140 -1.45 -31.36 -12.31
CA MET E 140 -1.96 -32.61 -12.87
C MET E 140 -0.83 -33.34 -13.57
N ILE E 141 -0.71 -34.63 -13.29
CA ILE E 141 0.22 -35.51 -14.00
C ILE E 141 -0.55 -36.74 -14.43
N ARG E 142 -0.64 -36.98 -15.73
CA ARG E 142 -1.27 -38.17 -16.29
C ARG E 142 -0.35 -38.77 -17.33
N LEU E 143 0.06 -40.02 -17.10
CA LEU E 143 0.93 -40.74 -18.01
C LEU E 143 0.11 -41.63 -18.93
N HIS E 144 0.70 -42.00 -20.06
CA HIS E 144 0.08 -42.88 -21.03
C HIS E 144 1.09 -43.95 -21.42
N PRO E 145 0.61 -45.10 -21.91
CA PRO E 145 1.52 -46.22 -22.17
C PRO E 145 2.69 -45.87 -23.08
N ASP E 146 2.47 -45.03 -24.08
CA ASP E 146 3.51 -44.68 -25.04
C ASP E 146 4.49 -43.65 -24.51
N GLY E 147 4.38 -43.24 -23.25
CA GLY E 147 5.32 -42.31 -22.67
C GLY E 147 4.93 -40.86 -22.75
N THR E 148 3.80 -40.51 -23.35
CA THR E 148 3.35 -39.13 -23.36
C THR E 148 2.89 -38.70 -21.98
N VAL E 149 3.31 -37.51 -21.57
CA VAL E 149 2.98 -36.93 -20.28
C VAL E 149 2.04 -35.76 -20.50
N LEU E 150 0.94 -35.73 -19.75
CA LEU E 150 0.03 -34.60 -19.73
C LEU E 150 0.19 -33.88 -18.41
N TYR E 151 0.65 -32.63 -18.47
CA TYR E 151 0.97 -31.84 -17.29
C TYR E 151 0.10 -30.60 -17.29
N GLY E 152 -0.66 -30.41 -16.22
CA GLY E 152 -1.66 -29.36 -16.18
C GLY E 152 -1.52 -28.48 -14.96
N LEU E 153 -1.83 -27.20 -15.13
CA LEU E 153 -1.78 -26.21 -14.06
C LEU E 153 -3.01 -25.32 -14.14
N ARG E 154 -3.42 -24.79 -12.99
CA ARG E 154 -4.40 -23.71 -12.94
C ARG E 154 -3.69 -22.48 -12.40
N ILE E 155 -3.68 -21.41 -13.19
CA ILE E 155 -2.83 -20.25 -12.94
C ILE E 155 -3.67 -18.99 -12.98
N THR E 156 -3.36 -18.04 -12.09
CA THR E 156 -3.83 -16.67 -12.18
C THR E 156 -2.63 -15.78 -12.41
N THR E 157 -2.67 -14.96 -13.47
CA THR E 157 -1.53 -14.18 -13.87
C THR E 157 -1.96 -12.77 -14.22
N THR E 158 -1.21 -11.79 -13.73
CA THR E 158 -1.39 -10.38 -14.09
C THR E 158 -0.32 -10.03 -15.13
N ALA E 159 -0.75 -9.64 -16.32
CA ALA E 159 0.15 -9.48 -17.45
C ALA E 159 0.11 -8.05 -17.96
N ALA E 160 1.28 -7.55 -18.36
CA ALA E 160 1.37 -6.21 -18.91
C ALA E 160 0.56 -6.12 -20.20
N CYS E 161 -0.15 -4.99 -20.36
CA CYS E 161 -1.02 -4.79 -21.51
C CYS E 161 -1.02 -3.29 -21.82
N MET E 162 -0.14 -2.89 -22.75
CA MET E 162 -0.05 -1.49 -23.13
C MET E 162 -1.20 -1.09 -24.04
N MET E 163 -1.70 0.13 -23.83
CA MET E 163 -2.94 0.59 -24.45
C MET E 163 -2.72 1.92 -25.15
N ASP E 164 -3.27 2.04 -26.34
CA ASP E 164 -3.20 3.28 -27.13
C ASP E 164 -4.40 4.15 -26.73
N LEU E 165 -4.17 5.00 -25.74
CA LEU E 165 -5.23 5.86 -25.23
C LEU E 165 -5.42 7.13 -26.06
N ARG E 166 -4.82 7.21 -27.24
CA ARG E 166 -4.99 8.38 -28.10
C ARG E 166 -6.45 8.58 -28.49
N ARG E 167 -7.27 7.54 -28.41
CA ARG E 167 -8.66 7.59 -28.85
C ARG E 167 -9.63 7.20 -27.74
N TYR E 168 -9.14 6.96 -26.53
CA TYR E 168 -9.99 6.63 -25.41
C TYR E 168 -11.01 7.73 -25.16
N PRO E 169 -12.28 7.39 -24.83
CA PRO E 169 -12.86 6.05 -24.68
C PRO E 169 -13.44 5.42 -25.95
N LEU E 170 -13.07 5.82 -27.16
CA LEU E 170 -13.58 5.18 -28.37
C LEU E 170 -12.55 4.26 -29.01
N ASP E 171 -11.72 3.62 -28.19
CA ASP E 171 -10.60 2.82 -28.67
C ASP E 171 -10.93 1.33 -28.62
N GLU E 172 -10.09 0.55 -29.30
CA GLU E 172 -10.08 -0.90 -29.18
C GLU E 172 -8.64 -1.34 -29.00
N GLN E 173 -8.41 -2.24 -28.05
CA GLN E 173 -7.06 -2.57 -27.59
C GLN E 173 -6.71 -4.01 -27.91
N ASN E 174 -5.47 -4.23 -28.35
CA ASN E 174 -4.90 -5.55 -28.56
C ASN E 174 -3.69 -5.72 -27.65
N CYS E 175 -3.70 -6.78 -26.85
CA CYS E 175 -2.54 -7.15 -26.04
C CYS E 175 -2.63 -8.64 -25.74
N THR E 176 -1.50 -9.22 -25.36
CA THR E 176 -1.26 -10.63 -25.54
C THR E 176 -0.72 -11.29 -24.27
N LEU E 177 -0.66 -12.61 -24.31
CA LEU E 177 0.07 -13.43 -23.35
C LEU E 177 1.21 -14.11 -24.10
N GLU E 178 2.44 -13.88 -23.64
CA GLU E 178 3.63 -14.38 -24.30
C GLU E 178 4.16 -15.58 -23.54
N ILE E 179 4.27 -16.72 -24.22
CA ILE E 179 4.65 -17.99 -23.61
C ILE E 179 5.97 -18.43 -24.22
N GLU E 180 6.96 -18.66 -23.37
CA GLU E 180 8.33 -18.93 -23.82
C GLU E 180 9.02 -19.88 -22.85
N SER E 181 10.03 -20.58 -23.36
CA SER E 181 10.89 -21.43 -22.53
C SER E 181 12.08 -20.63 -22.03
N TYR E 182 12.33 -20.70 -20.73
CA TYR E 182 13.32 -19.80 -20.13
C TYR E 182 14.74 -20.19 -20.50
N GLY E 183 15.08 -21.47 -20.41
CA GLY E 183 16.47 -21.89 -20.53
C GLY E 183 16.84 -22.58 -21.83
N TYR E 184 15.94 -23.40 -22.35
CA TYR E 184 16.22 -24.22 -23.52
C TYR E 184 15.97 -23.43 -24.80
N THR E 185 16.89 -23.55 -25.75
CA THR E 185 16.76 -22.91 -27.04
C THR E 185 15.95 -23.78 -28.00
N THR E 186 15.74 -23.27 -29.21
CA THR E 186 14.90 -23.96 -30.18
C THR E 186 15.46 -25.32 -30.59
N ASP E 187 16.77 -25.53 -30.41
CA ASP E 187 17.38 -26.82 -30.71
C ASP E 187 17.22 -27.81 -29.56
N ASP E 188 16.61 -27.40 -28.45
CA ASP E 188 16.30 -28.30 -27.35
C ASP E 188 14.80 -28.52 -27.16
N ILE E 189 13.98 -27.48 -27.33
CA ILE E 189 12.52 -27.60 -27.21
C ILE E 189 11.87 -26.90 -28.39
N GLU E 190 10.73 -27.44 -28.82
CA GLU E 190 9.84 -26.79 -29.78
C GLU E 190 8.45 -26.69 -29.17
N PHE E 191 7.87 -25.49 -29.20
CA PHE E 191 6.49 -25.30 -28.81
C PHE E 191 5.57 -25.39 -30.02
N TYR E 192 4.33 -25.81 -29.78
CA TYR E 192 3.30 -25.76 -30.81
C TYR E 192 1.94 -25.77 -30.14
N TRP E 193 0.98 -25.12 -30.77
CA TRP E 193 -0.40 -25.13 -30.28
C TRP E 193 -1.03 -26.48 -30.61
N ARG E 194 -1.34 -27.26 -29.58
CA ARG E 194 -1.89 -28.59 -29.77
C ARG E 194 -3.35 -28.45 -30.17
N GLY E 195 -3.67 -28.83 -31.40
CA GLY E 195 -4.99 -28.67 -31.95
C GLY E 195 -5.17 -27.47 -32.86
N GLY E 196 -4.10 -26.75 -33.17
CA GLY E 196 -4.21 -25.63 -34.09
C GLY E 196 -5.07 -24.52 -33.50
N ASP E 197 -5.92 -23.93 -34.35
CA ASP E 197 -6.73 -22.80 -33.92
C ASP E 197 -7.75 -23.18 -32.87
N LYS E 198 -7.99 -24.48 -32.67
CA LYS E 198 -8.91 -24.94 -31.63
C LYS E 198 -8.22 -25.12 -30.28
N ALA E 199 -6.95 -24.74 -30.15
CA ALA E 199 -6.16 -25.04 -28.97
C ALA E 199 -6.60 -24.28 -27.73
N VAL E 200 -7.35 -23.18 -27.88
CA VAL E 200 -7.76 -22.36 -26.75
C VAL E 200 -9.28 -22.31 -26.71
N THR E 201 -9.84 -22.41 -25.51
CA THR E 201 -11.27 -22.41 -25.31
C THR E 201 -11.62 -21.45 -24.17
N GLY E 202 -12.92 -21.16 -24.06
CA GLY E 202 -13.40 -20.28 -23.01
C GLY E 202 -13.39 -18.81 -23.43
N VAL E 203 -12.42 -18.42 -24.24
CA VAL E 203 -12.33 -17.03 -24.69
C VAL E 203 -13.59 -16.63 -25.43
N GLU E 204 -14.27 -17.58 -26.06
CA GLU E 204 -15.50 -17.29 -26.80
C GLU E 204 -16.69 -17.06 -25.89
N ARG E 205 -16.51 -17.13 -24.57
CA ARG E 205 -17.61 -17.11 -23.63
C ARG E 205 -17.43 -16.13 -22.46
N ILE E 206 -16.21 -15.66 -22.19
CA ILE E 206 -16.01 -14.75 -21.08
C ILE E 206 -16.72 -13.42 -21.35
N GLU E 207 -17.00 -12.69 -20.26
CA GLU E 207 -17.72 -11.42 -20.32
C GLU E 207 -17.01 -10.40 -19.43
N LEU E 208 -16.93 -9.16 -19.91
CA LEU E 208 -16.31 -8.08 -19.16
C LEU E 208 -17.23 -6.86 -19.13
N PRO E 209 -17.15 -6.04 -18.08
CA PRO E 209 -17.99 -4.84 -18.03
C PRO E 209 -17.61 -3.82 -19.09
N GLN E 210 -16.33 -3.44 -19.14
CA GLN E 210 -15.88 -2.44 -20.11
C GLN E 210 -15.74 -2.97 -21.53
N PHE E 211 -15.35 -4.23 -21.70
CA PHE E 211 -14.87 -4.69 -23.00
C PHE E 211 -15.63 -5.93 -23.43
N SER E 212 -15.59 -6.18 -24.74
CA SER E 212 -16.07 -7.42 -25.33
C SER E 212 -15.00 -7.94 -26.27
N ILE E 213 -14.79 -9.26 -26.25
CA ILE E 213 -13.74 -9.87 -27.04
C ILE E 213 -14.20 -9.94 -28.50
N VAL E 214 -13.55 -9.16 -29.36
CA VAL E 214 -13.87 -9.20 -30.78
C VAL E 214 -13.24 -10.43 -31.44
N GLU E 215 -12.00 -10.73 -31.08
CA GLU E 215 -11.22 -11.73 -31.79
C GLU E 215 -10.03 -12.15 -30.93
N HIS E 216 -9.61 -13.40 -31.11
CA HIS E 216 -8.40 -13.91 -30.48
C HIS E 216 -7.60 -14.69 -31.51
N ARG E 217 -6.28 -14.55 -31.46
CA ARG E 217 -5.39 -15.17 -32.43
C ARG E 217 -4.31 -15.95 -31.70
N LEU E 218 -3.90 -17.08 -32.29
CA LEU E 218 -2.84 -17.93 -31.77
C LEU E 218 -1.66 -17.86 -32.71
N VAL E 219 -0.49 -17.52 -32.18
CA VAL E 219 0.72 -17.35 -32.97
C VAL E 219 1.85 -18.16 -32.35
N SER E 220 2.74 -18.66 -33.20
CA SER E 220 3.93 -19.38 -32.77
C SER E 220 5.11 -18.95 -33.62
N ARG E 221 6.25 -18.74 -32.97
CA ARG E 221 7.44 -18.26 -33.65
C ARG E 221 8.65 -18.57 -32.77
N ASN E 222 9.80 -18.00 -33.13
CA ASN E 222 10.99 -18.05 -32.30
C ASN E 222 11.62 -16.66 -32.25
N VAL E 223 12.33 -16.39 -31.17
CA VAL E 223 12.98 -15.10 -30.95
C VAL E 223 14.46 -15.35 -30.67
N VAL E 224 15.29 -14.37 -31.02
CA VAL E 224 16.74 -14.52 -30.99
C VAL E 224 17.32 -13.59 -29.94
N PHE E 225 18.17 -14.13 -29.07
CA PHE E 225 18.96 -13.36 -28.12
C PHE E 225 20.43 -13.72 -28.31
N ALA E 226 21.29 -12.98 -27.61
CA ALA E 226 22.71 -13.30 -27.66
C ALA E 226 23.00 -14.69 -27.12
N THR E 227 22.14 -15.19 -26.22
CA THR E 227 22.31 -16.52 -25.67
C THR E 227 21.75 -17.62 -26.56
N GLY E 228 21.06 -17.27 -27.65
CA GLY E 228 20.50 -18.25 -28.56
C GLY E 228 19.10 -17.92 -29.02
N ALA E 229 18.50 -18.80 -29.82
CA ALA E 229 17.15 -18.62 -30.32
C ALA E 229 16.19 -19.47 -29.49
N TYR E 230 15.07 -18.87 -29.09
CA TYR E 230 14.14 -19.53 -28.17
C TYR E 230 12.76 -19.65 -28.81
N PRO E 231 12.04 -20.73 -28.53
CA PRO E 231 10.68 -20.87 -29.06
C PRO E 231 9.70 -19.95 -28.34
N ARG E 232 8.56 -19.71 -28.98
CA ARG E 232 7.52 -18.92 -28.35
C ARG E 232 6.15 -19.27 -28.92
N LEU E 233 5.15 -19.19 -28.05
CA LEU E 233 3.75 -19.11 -28.44
C LEU E 233 3.18 -17.80 -27.92
N SER E 234 2.26 -17.21 -28.69
CA SER E 234 1.64 -15.94 -28.32
C SER E 234 0.14 -16.06 -28.47
N LEU E 235 -0.60 -15.62 -27.45
CA LEU E 235 -2.04 -15.58 -27.46
C LEU E 235 -2.49 -14.12 -27.35
N SER E 236 -3.34 -13.70 -28.28
CA SER E 236 -3.73 -12.30 -28.41
C SER E 236 -5.23 -12.16 -28.29
N PHE E 237 -5.68 -11.09 -27.64
CA PHE E 237 -7.07 -10.71 -27.56
C PHE E 237 -7.23 -9.29 -28.10
N ARG E 238 -8.29 -9.04 -28.85
CA ARG E 238 -8.64 -7.72 -29.33
C ARG E 238 -9.93 -7.29 -28.66
N LEU E 239 -9.89 -6.15 -27.97
CA LEU E 239 -10.97 -5.72 -27.09
C LEU E 239 -11.67 -4.51 -27.69
N LYS E 240 -12.99 -4.58 -27.79
CA LYS E 240 -13.82 -3.44 -28.16
C LYS E 240 -14.51 -2.90 -26.91
N ARG E 241 -14.41 -1.60 -26.71
CA ARG E 241 -14.93 -0.96 -25.51
C ARG E 241 -16.45 -0.80 -25.59
N ASN E 242 -17.12 -1.07 -24.46
CA ASN E 242 -18.55 -0.82 -24.34
C ASN E 242 -18.77 0.64 -23.99
N ILE E 243 -19.41 1.39 -24.88
CA ILE E 243 -19.47 2.84 -24.76
C ILE E 243 -20.44 3.31 -23.67
N GLY E 244 -21.41 2.48 -23.29
CA GLY E 244 -22.50 2.98 -22.46
C GLY E 244 -22.04 3.59 -21.15
N TYR E 245 -21.12 2.93 -20.46
CA TYR E 245 -20.71 3.43 -19.15
C TYR E 245 -20.12 4.83 -19.25
N PHE E 246 -19.36 5.10 -20.31
CA PHE E 246 -18.74 6.41 -20.44
C PHE E 246 -19.76 7.47 -20.83
N ILE E 247 -20.81 7.08 -21.58
CA ILE E 247 -21.92 7.99 -21.78
C ILE E 247 -22.53 8.39 -20.44
N LEU E 248 -22.77 7.39 -19.59
CA LEU E 248 -23.37 7.68 -18.28
C LEU E 248 -22.44 8.54 -17.42
N GLN E 249 -21.15 8.24 -17.43
CA GLN E 249 -20.21 8.91 -16.53
C GLN E 249 -19.86 10.32 -17.01
N THR E 250 -19.33 10.41 -18.23
CA THR E 250 -18.65 11.61 -18.71
C THR E 250 -19.53 12.53 -19.54
N TYR E 251 -20.12 12.02 -20.62
CA TYR E 251 -20.72 12.88 -21.61
C TYR E 251 -22.03 13.51 -21.13
N MET E 252 -22.86 12.76 -20.40
CA MET E 252 -24.11 13.33 -19.91
C MET E 252 -23.87 14.57 -19.05
N PRO E 253 -23.12 14.47 -17.95
CA PRO E 253 -22.92 15.67 -17.12
C PRO E 253 -22.23 16.80 -17.86
N SER E 254 -21.29 16.51 -18.75
CA SER E 254 -20.62 17.57 -19.49
C SER E 254 -21.61 18.30 -20.40
N ILE E 255 -22.36 17.56 -21.20
CA ILE E 255 -23.37 18.16 -22.06
C ILE E 255 -24.33 19.00 -21.24
N LEU E 256 -24.77 18.47 -20.10
CA LEU E 256 -25.88 19.08 -19.39
C LEU E 256 -25.41 20.26 -18.55
N ILE E 257 -24.12 20.30 -18.20
CA ILE E 257 -23.53 21.52 -17.66
C ILE E 257 -23.41 22.56 -18.76
N THR E 258 -23.04 22.13 -19.97
CA THR E 258 -22.93 23.07 -21.08
C THR E 258 -24.27 23.71 -21.40
N ILE E 259 -25.33 22.89 -21.47
CA ILE E 259 -26.66 23.43 -21.76
C ILE E 259 -27.12 24.33 -20.61
N LEU E 260 -26.75 23.97 -19.38
CA LEU E 260 -27.08 24.82 -18.24
C LEU E 260 -26.55 26.24 -18.43
N SER E 261 -25.34 26.36 -18.98
CA SER E 261 -24.74 27.68 -19.18
C SER E 261 -25.55 28.51 -20.18
N TRP E 262 -26.14 27.87 -21.19
CA TRP E 262 -26.91 28.61 -22.18
C TRP E 262 -28.15 29.27 -21.60
N VAL E 263 -28.60 28.83 -20.41
CA VAL E 263 -29.74 29.48 -19.78
C VAL E 263 -29.46 30.95 -19.53
N SER E 264 -28.18 31.32 -19.44
CA SER E 264 -27.82 32.73 -19.26
C SER E 264 -28.37 33.59 -20.40
N PHE E 265 -28.40 33.05 -21.61
CA PHE E 265 -28.84 33.82 -22.77
C PHE E 265 -30.33 34.14 -22.74
N TRP E 266 -31.10 33.49 -21.88
CA TRP E 266 -32.52 33.77 -21.74
C TRP E 266 -32.86 34.52 -20.47
N ILE E 267 -32.00 34.45 -19.45
CA ILE E 267 -32.16 35.31 -18.28
C ILE E 267 -31.98 36.75 -18.71
N ASN E 268 -32.83 37.64 -18.20
CA ASN E 268 -32.79 39.03 -18.62
C ASN E 268 -31.42 39.63 -18.35
N TYR E 269 -30.90 40.37 -19.31
CA TYR E 269 -29.53 40.90 -19.25
C TYR E 269 -29.40 42.13 -18.35
N ASP E 270 -30.40 42.47 -17.54
CA ASP E 270 -30.24 43.45 -16.48
C ASP E 270 -29.87 42.81 -15.14
N ALA E 271 -30.06 41.50 -15.00
CA ALA E 271 -29.75 40.79 -13.76
C ALA E 271 -28.30 40.31 -13.79
N SER E 272 -27.40 41.23 -13.42
CA SER E 272 -25.98 40.91 -13.42
C SER E 272 -25.65 39.80 -12.44
N ALA E 273 -26.25 39.84 -11.24
CA ALA E 273 -25.95 38.81 -10.25
C ALA E 273 -26.23 37.42 -10.79
N ALA E 274 -27.43 37.20 -11.33
CA ALA E 274 -27.79 35.87 -11.82
C ALA E 274 -26.94 35.47 -13.02
N ARG E 275 -26.77 36.40 -13.97
CA ARG E 275 -26.02 36.10 -15.19
C ARG E 275 -24.59 35.68 -14.86
N VAL E 276 -23.96 36.36 -13.90
CA VAL E 276 -22.58 36.02 -13.53
C VAL E 276 -22.55 34.74 -12.70
N ALA E 277 -23.49 34.58 -11.77
CA ALA E 277 -23.50 33.41 -10.90
C ALA E 277 -23.65 32.13 -11.71
N LEU E 278 -24.57 32.11 -12.67
CA LEU E 278 -24.79 30.90 -13.47
C LEU E 278 -23.51 30.49 -14.19
N GLY E 279 -22.88 31.44 -14.88
CA GLY E 279 -21.69 31.12 -15.65
C GLY E 279 -20.53 30.69 -14.77
N ILE E 280 -20.30 31.41 -13.67
CA ILE E 280 -19.17 31.07 -12.80
C ILE E 280 -19.39 29.71 -12.16
N THR E 281 -20.64 29.38 -11.80
CA THR E 281 -20.92 28.07 -11.24
C THR E 281 -20.71 26.96 -12.26
N THR E 282 -21.10 27.19 -13.52
CA THR E 282 -20.83 26.19 -14.55
C THR E 282 -19.33 25.99 -14.77
N VAL E 283 -18.56 27.08 -14.77
CA VAL E 283 -17.11 26.96 -14.88
C VAL E 283 -16.56 26.15 -13.72
N LEU E 284 -17.06 26.43 -12.51
CA LEU E 284 -16.62 25.69 -11.32
C LEU E 284 -16.92 24.21 -11.47
N THR E 285 -18.11 23.86 -11.95
CA THR E 285 -18.47 22.46 -12.10
C THR E 285 -17.59 21.76 -13.13
N MET E 286 -17.30 22.44 -14.24
CA MET E 286 -16.43 21.84 -15.26
C MET E 286 -15.05 21.55 -14.68
N THR E 287 -14.45 22.55 -14.03
CA THR E 287 -13.14 22.35 -13.42
C THR E 287 -13.19 21.25 -12.37
N THR E 288 -14.32 21.10 -11.68
CA THR E 288 -14.46 20.05 -10.68
C THR E 288 -14.47 18.67 -11.34
N ILE E 289 -15.29 18.49 -12.38
CA ILE E 289 -15.43 17.17 -12.97
C ILE E 289 -14.18 16.73 -13.72
N ASN E 290 -13.36 17.68 -14.20
CA ASN E 290 -12.14 17.28 -14.90
C ASN E 290 -11.34 16.29 -14.07
N THR E 291 -11.10 16.61 -12.80
CA THR E 291 -10.29 15.73 -11.94
C THR E 291 -11.06 14.46 -11.61
N HIS E 292 -12.33 14.58 -11.22
CA HIS E 292 -13.10 13.40 -10.84
C HIS E 292 -13.20 12.38 -11.96
N LEU E 293 -13.03 12.81 -13.21
CA LEU E 293 -12.98 11.86 -14.33
C LEU E 293 -11.56 11.37 -14.60
N ARG E 294 -10.61 12.28 -14.82
CA ARG E 294 -9.29 11.86 -15.26
C ARG E 294 -8.50 11.14 -14.18
N GLU E 295 -8.95 11.16 -12.92
CA GLU E 295 -8.21 10.45 -11.87
C GLU E 295 -8.19 8.95 -12.09
N THR E 296 -9.05 8.42 -12.97
CA THR E 296 -9.12 7.00 -13.24
C THR E 296 -8.17 6.56 -14.36
N LEU E 297 -7.39 7.48 -14.92
CA LEU E 297 -6.48 7.19 -16.02
C LEU E 297 -5.05 7.46 -15.60
N PRO E 298 -4.06 6.84 -16.26
CA PRO E 298 -2.67 7.13 -15.95
C PRO E 298 -2.26 8.51 -16.41
N LYS E 299 -1.18 9.02 -15.82
CA LYS E 299 -0.73 10.37 -16.08
C LYS E 299 0.07 10.46 -17.38
N ILE E 300 -0.56 10.04 -18.48
CA ILE E 300 0.01 10.15 -19.82
C ILE E 300 0.06 11.62 -20.24
N PRO E 301 0.99 12.02 -21.11
CA PRO E 301 1.07 13.43 -21.49
C PRO E 301 0.13 13.85 -22.60
N TYR E 302 -0.27 12.95 -23.49
CA TYR E 302 -1.04 13.31 -24.67
C TYR E 302 -2.54 13.26 -24.38
N VAL E 303 -3.30 13.95 -25.23
CA VAL E 303 -4.74 14.14 -25.02
C VAL E 303 -5.50 12.91 -25.48
N LYS E 304 -6.55 12.57 -24.74
CA LYS E 304 -7.50 11.53 -25.08
C LYS E 304 -8.71 12.13 -25.80
N ALA E 305 -9.67 11.27 -26.15
CA ALA E 305 -10.90 11.78 -26.73
C ALA E 305 -11.63 12.71 -25.79
N ILE E 306 -11.81 12.27 -24.54
CA ILE E 306 -12.56 13.06 -23.57
C ILE E 306 -11.79 14.31 -23.18
N ASP E 307 -10.47 14.35 -23.35
CA ASP E 307 -9.76 15.62 -23.15
C ASP E 307 -10.20 16.65 -24.18
N MET E 308 -10.21 16.28 -25.46
CA MET E 308 -10.70 17.18 -26.49
C MET E 308 -12.14 17.59 -26.21
N TYR E 309 -12.99 16.63 -25.88
CA TYR E 309 -14.40 16.94 -25.63
C TYR E 309 -14.54 17.88 -24.43
N LEU E 310 -13.83 17.60 -23.34
CA LEU E 310 -13.98 18.40 -22.13
C LEU E 310 -13.46 19.81 -22.34
N MET E 311 -12.33 19.97 -23.04
CA MET E 311 -11.86 21.32 -23.33
C MET E 311 -12.78 22.05 -24.31
N GLY E 312 -13.42 21.34 -25.24
CA GLY E 312 -14.39 22.00 -26.09
C GLY E 312 -15.58 22.52 -25.30
N CYS E 313 -16.13 21.66 -24.44
CA CYS E 313 -17.24 22.07 -23.59
C CYS E 313 -16.82 23.20 -22.66
N PHE E 314 -15.58 23.15 -22.16
CA PHE E 314 -15.08 24.23 -21.33
C PHE E 314 -15.01 25.53 -22.09
N VAL E 315 -14.58 25.48 -23.37
CA VAL E 315 -14.54 26.68 -24.18
C VAL E 315 -15.95 27.24 -24.35
N PHE E 316 -16.93 26.38 -24.61
CA PHE E 316 -18.30 26.86 -24.73
C PHE E 316 -18.78 27.51 -23.42
N VAL E 317 -18.50 26.87 -22.28
CA VAL E 317 -18.93 27.43 -21.00
C VAL E 317 -18.23 28.75 -20.71
N PHE E 318 -16.93 28.82 -20.97
CA PHE E 318 -16.17 30.04 -20.75
C PHE E 318 -16.68 31.18 -21.62
N LEU E 319 -17.03 30.87 -22.87
CA LEU E 319 -17.58 31.90 -23.74
C LEU E 319 -18.97 32.31 -23.28
N ALA E 320 -19.76 31.36 -22.78
CA ALA E 320 -21.05 31.70 -22.21
C ALA E 320 -20.90 32.67 -21.04
N LEU E 321 -19.83 32.54 -20.25
CA LEU E 321 -19.59 33.49 -19.18
C LEU E 321 -19.08 34.83 -19.73
N LEU E 322 -18.15 34.78 -20.68
CA LEU E 322 -17.54 35.99 -21.20
C LEU E 322 -18.56 36.84 -21.94
N GLU E 323 -19.60 36.21 -22.48
CA GLU E 323 -20.61 36.94 -23.23
C GLU E 323 -21.28 38.01 -22.37
N TYR E 324 -21.56 37.71 -21.11
CA TYR E 324 -22.24 38.69 -20.27
C TYR E 324 -21.30 39.83 -19.91
N ALA E 325 -20.01 39.54 -19.68
CA ALA E 325 -19.06 40.62 -19.44
C ALA E 325 -18.98 41.53 -20.65
N PHE E 326 -18.99 40.95 -21.86
CA PHE E 326 -18.99 41.77 -23.07
C PHE E 326 -20.27 42.58 -23.18
N VAL E 327 -21.40 42.00 -22.74
CA VAL E 327 -22.68 42.72 -22.74
C VAL E 327 -22.64 43.90 -21.79
N ASN E 328 -21.94 43.75 -20.66
CA ASN E 328 -21.79 44.87 -19.73
C ASN E 328 -20.86 45.93 -20.31
N TYR E 329 -19.81 45.52 -21.00
CA TYR E 329 -18.88 46.49 -21.59
C TYR E 329 -19.54 47.26 -22.73
N ILE E 330 -20.35 46.60 -23.56
CA ILE E 330 -21.05 47.31 -24.62
C ILE E 330 -22.08 48.25 -24.03
N PHE E 331 -22.69 47.87 -22.90
CA PHE E 331 -23.74 48.69 -22.30
C PHE E 331 -23.16 49.91 -21.60
N PHE E 332 -22.23 49.70 -20.68
CA PHE E 332 -21.63 50.80 -19.91
C PHE E 332 -20.45 51.42 -20.65
N SER E 333 -20.73 52.01 -21.80
CA SER E 333 -19.70 52.67 -22.60
C SER E 333 -20.33 53.64 -23.60
N LYS E 577 -28.63 50.56 -24.61
CA LYS E 577 -28.11 50.49 -25.97
C LYS E 577 -28.54 49.19 -26.63
N GLY E 578 -29.11 49.30 -27.84
CA GLY E 578 -29.66 48.14 -28.51
C GLY E 578 -28.64 47.07 -28.84
N ARG E 579 -27.36 47.44 -28.94
CA ARG E 579 -26.32 46.46 -29.27
C ARG E 579 -26.28 45.33 -28.26
N ALA E 580 -26.59 45.60 -27.00
CA ALA E 580 -26.56 44.54 -25.98
C ALA E 580 -27.58 43.46 -26.30
N ALA E 581 -28.84 43.86 -26.55
CA ALA E 581 -29.87 42.89 -26.92
C ALA E 581 -29.53 42.22 -28.24
N ALA E 582 -28.87 42.92 -29.16
CA ALA E 582 -28.45 42.31 -30.40
C ALA E 582 -27.48 41.16 -30.14
N ILE E 583 -26.51 41.39 -29.25
CA ILE E 583 -25.56 40.34 -28.88
C ILE E 583 -26.29 39.17 -28.21
N ASP E 584 -27.24 39.49 -27.33
CA ASP E 584 -27.98 38.44 -26.63
C ASP E 584 -28.74 37.56 -27.62
N ARG E 585 -29.44 38.18 -28.57
CA ARG E 585 -30.26 37.43 -29.51
C ARG E 585 -29.46 36.83 -30.66
N TRP E 586 -28.20 37.25 -30.84
CA TRP E 586 -27.27 36.41 -31.59
C TRP E 586 -26.92 35.16 -30.78
N SER E 587 -26.47 35.36 -29.54
CA SER E 587 -25.96 34.27 -28.73
C SER E 587 -26.97 33.13 -28.64
N ARG E 588 -28.24 33.46 -28.34
CA ARG E 588 -29.25 32.43 -28.14
C ARG E 588 -29.27 31.36 -29.23
N ILE E 589 -28.84 31.68 -30.45
CA ILE E 589 -28.88 30.73 -31.55
C ILE E 589 -27.46 30.34 -31.95
N VAL E 590 -26.52 31.27 -31.86
CA VAL E 590 -25.15 31.00 -32.27
C VAL E 590 -24.53 29.91 -31.40
N PHE E 591 -24.71 29.99 -30.08
CA PHE E 591 -24.10 28.99 -29.20
C PHE E 591 -24.61 27.59 -29.48
N PRO E 592 -25.92 27.33 -29.46
CA PRO E 592 -26.39 25.95 -29.73
C PRO E 592 -25.99 25.44 -31.11
N PHE E 593 -26.00 26.29 -32.13
CA PHE E 593 -25.62 25.83 -33.46
C PHE E 593 -24.17 25.40 -33.51
N THR E 594 -23.26 26.23 -33.00
CA THR E 594 -21.85 25.87 -33.02
C THR E 594 -21.56 24.67 -32.13
N PHE E 595 -22.27 24.54 -31.00
CA PHE E 595 -22.09 23.35 -30.18
C PHE E 595 -22.57 22.11 -30.92
N SER E 596 -23.68 22.21 -31.65
CA SER E 596 -24.15 21.08 -32.44
C SER E 596 -23.15 20.70 -33.52
N LEU E 597 -22.55 21.71 -34.16
CA LEU E 597 -21.52 21.43 -35.17
C LEU E 597 -20.32 20.73 -34.55
N PHE E 598 -19.89 21.22 -33.37
CA PHE E 598 -18.79 20.57 -32.66
C PHE E 598 -19.11 19.12 -32.32
N ASN E 599 -20.31 18.87 -31.79
CA ASN E 599 -20.70 17.51 -31.45
C ASN E 599 -20.74 16.62 -32.70
N LEU E 600 -21.33 17.14 -33.78
CA LEU E 600 -21.41 16.36 -35.01
C LEU E 600 -20.03 15.98 -35.51
N VAL E 601 -19.11 16.94 -35.57
CA VAL E 601 -17.78 16.64 -36.07
C VAL E 601 -17.03 15.71 -35.11
N TYR E 602 -17.24 15.86 -33.80
CA TYR E 602 -16.58 15.00 -32.83
C TYR E 602 -16.95 13.54 -33.05
N TRP E 603 -18.26 13.26 -33.09
CA TRP E 603 -18.67 11.87 -33.34
C TRP E 603 -18.28 11.40 -34.73
N LEU E 604 -18.46 12.26 -35.75
CA LEU E 604 -18.10 11.89 -37.10
C LEU E 604 -16.63 11.48 -37.20
N TYR E 605 -15.76 12.15 -36.44
CA TYR E 605 -14.34 11.89 -36.49
C TYR E 605 -13.92 10.67 -35.68
N TYR E 606 -14.32 10.57 -34.40
CA TYR E 606 -13.80 9.41 -33.65
C TYR E 606 -14.55 8.12 -33.99
N VAL E 607 -15.84 8.19 -34.29
CA VAL E 607 -16.61 6.96 -34.53
C VAL E 607 -16.57 6.56 -35.99
N ASN E 608 -16.78 7.50 -36.91
CA ASN E 608 -16.98 7.18 -38.32
C ASN E 608 -15.79 7.50 -39.20
N SER E 609 -14.72 8.07 -38.65
CA SER E 609 -13.55 8.38 -39.46
C SER E 609 -12.33 8.64 -38.58
N GLN F 20 13.97 12.17 31.33
CA GLN F 20 13.79 11.59 32.69
C GLN F 20 12.44 12.00 33.28
N VAL F 21 12.05 11.33 34.36
CA VAL F 21 10.80 11.61 35.06
C VAL F 21 11.08 11.67 36.55
N GLN F 22 10.53 12.68 37.22
CA GLN F 22 10.71 12.88 38.65
C GLN F 22 9.41 12.53 39.37
N LEU F 23 9.54 11.80 40.48
CA LEU F 23 8.40 11.40 41.30
C LEU F 23 8.57 11.91 42.72
N VAL F 24 7.46 12.37 43.31
CA VAL F 24 7.42 12.75 44.72
C VAL F 24 6.10 12.26 45.30
N GLU F 25 6.15 11.76 46.53
CA GLU F 25 5.00 11.12 47.16
C GLU F 25 4.63 11.85 48.44
N SER F 26 3.37 11.69 48.85
CA SER F 26 2.85 12.31 50.06
C SER F 26 1.78 11.41 50.67
N GLY F 27 1.50 11.64 51.95
CA GLY F 27 0.52 10.87 52.68
C GLY F 27 1.08 9.86 53.67
N GLY F 28 2.35 9.95 54.01
CA GLY F 28 2.97 9.00 54.91
C GLY F 28 2.65 9.30 56.36
N GLY F 29 3.46 8.68 57.23
CA GLY F 29 3.29 8.83 58.67
C GLY F 29 2.39 7.76 59.27
N LEU F 30 2.32 7.77 60.59
CA LEU F 30 1.51 6.80 61.32
C LEU F 30 0.04 6.95 60.94
N VAL F 31 -0.65 5.82 60.86
CA VAL F 31 -2.06 5.78 60.48
C VAL F 31 -2.85 6.82 61.26
N GLY F 422 -8.19 1.42 60.09
CA GLY F 422 -8.07 2.79 59.65
C GLY F 422 -8.21 2.94 58.15
N SER F 423 -8.06 4.17 57.67
CA SER F 423 -8.11 4.46 56.25
C SER F 423 -7.15 5.60 55.94
N LEU F 424 -6.60 5.58 54.73
CA LEU F 424 -5.57 6.54 54.34
C LEU F 424 -5.48 6.59 52.82
N ARG F 425 -4.88 7.68 52.32
CA ARG F 425 -4.61 7.85 50.90
C ARG F 425 -3.16 8.27 50.71
N LEU F 426 -2.46 7.56 49.82
CA LEU F 426 -1.15 7.98 49.36
C LEU F 426 -1.27 8.64 47.99
N SER F 427 -0.36 9.56 47.71
CA SER F 427 -0.38 10.31 46.46
C SER F 427 1.02 10.36 45.87
N CYS F 428 1.07 10.41 44.54
CA CYS F 428 2.33 10.46 43.80
C CYS F 428 2.18 11.47 42.67
N ALA F 429 3.08 12.46 42.63
CA ALA F 429 3.09 13.48 41.59
C ALA F 429 4.27 13.25 40.67
N ALA F 430 4.00 13.25 39.37
CA ALA F 430 5.03 12.98 38.36
C ALA F 430 5.21 14.20 37.47
N SER F 431 6.44 14.43 37.03
CA SER F 431 6.75 15.50 36.11
C SER F 431 7.81 15.02 35.14
N GLY F 432 7.83 15.65 33.96
CA GLY F 432 8.77 15.28 32.93
C GLY F 432 8.13 14.53 31.77
N HIS F 433 8.90 13.67 31.12
CA HIS F 433 8.44 12.96 29.93
C HIS F 433 7.70 11.67 30.33
N THR F 434 6.50 11.85 30.88
CA THR F 434 5.70 10.72 31.31
C THR F 434 5.13 9.92 30.14
N PHE F 435 5.11 10.49 28.93
CA PHE F 435 4.60 9.75 27.80
C PHE F 435 5.44 8.52 27.50
N ASN F 436 6.74 8.59 27.75
CA ASN F 436 7.60 7.42 27.61
C ASN F 436 7.36 6.39 28.69
N TYR F 437 6.57 6.71 29.72
CA TYR F 437 6.39 5.86 30.89
C TYR F 437 4.90 5.75 31.18
N PRO F 438 4.16 5.03 30.34
CA PRO F 438 2.69 5.06 30.45
C PRO F 438 2.13 4.44 31.71
N ILE F 439 2.88 3.62 32.43
CA ILE F 439 2.36 2.85 33.55
C ILE F 439 3.09 3.27 34.82
N MET F 440 2.32 3.57 35.87
CA MET F 440 2.86 3.91 37.17
C MET F 440 2.49 2.81 38.17
N GLY F 441 3.47 2.39 38.96
CA GLY F 441 3.29 1.28 39.88
C GLY F 441 3.65 1.69 41.30
N TRP F 442 3.00 1.04 42.27
CA TRP F 442 3.25 1.25 43.68
C TRP F 442 3.95 0.02 44.26
N PHE F 443 5.00 0.25 45.04
CA PHE F 443 5.77 -0.81 45.67
C PHE F 443 5.95 -0.48 47.13
N ARG F 444 6.17 -1.52 47.94
CA ARG F 444 6.35 -1.33 49.37
C ARG F 444 7.41 -2.30 49.90
N GLN F 445 8.11 -1.85 50.94
CA GLN F 445 9.17 -2.65 51.55
C GLN F 445 9.30 -2.26 53.01
N ALA F 446 9.80 -3.20 53.82
CA ALA F 446 10.02 -3.01 55.24
C ALA F 446 11.24 -3.83 55.62
N PRO F 447 11.74 -3.69 56.85
CA PRO F 447 12.97 -4.41 57.22
C PRO F 447 12.79 -5.93 57.12
N GLY F 448 13.84 -6.61 56.67
CA GLY F 448 13.86 -8.05 56.68
C GLY F 448 13.00 -8.72 55.62
N LYS F 449 12.65 -8.01 54.55
CA LYS F 449 11.74 -8.54 53.54
C LYS F 449 12.01 -7.89 52.20
N GLU F 450 11.62 -8.58 51.13
CA GLU F 450 11.85 -8.08 49.78
C GLU F 450 10.76 -7.08 49.39
N ARG F 451 11.07 -6.27 48.38
CA ARG F 451 10.13 -5.25 47.93
C ARG F 451 8.91 -5.90 47.27
N GLU F 452 7.71 -5.44 47.63
CA GLU F 452 6.46 -6.04 47.19
C GLU F 452 5.78 -5.17 46.15
N PHE F 453 5.15 -5.83 45.17
CA PHE F 453 4.26 -5.12 44.24
C PHE F 453 2.90 -4.94 44.88
N VAL F 454 2.34 -3.75 44.75
CA VAL F 454 1.05 -3.41 45.34
C VAL F 454 -0.03 -3.25 44.28
N GLY F 455 0.20 -2.40 43.29
CA GLY F 455 -0.77 -2.17 42.24
C GLY F 455 -0.18 -1.25 41.20
N ALA F 456 -0.93 -1.06 40.12
CA ALA F 456 -0.44 -0.26 39.00
C ALA F 456 -1.59 0.48 38.34
N ILE F 457 -1.23 1.58 37.68
CA ILE F 457 -2.16 2.41 36.92
C ILE F 457 -1.49 2.82 35.61
N SER F 458 -2.29 3.00 34.57
CA SER F 458 -1.80 3.41 33.27
C SER F 458 -2.34 4.80 32.93
N TRP F 459 -1.43 5.72 32.59
CA TRP F 459 -1.85 7.02 32.08
C TRP F 459 -2.75 6.87 30.86
N SER F 460 -3.88 7.59 30.89
CA SER F 460 -4.73 7.75 29.72
C SER F 460 -5.50 6.48 29.39
N GLY F 461 -5.23 5.40 30.12
CA GLY F 461 -6.00 4.18 29.93
C GLY F 461 -6.90 3.89 31.12
N GLY F 462 -6.42 4.17 32.32
CA GLY F 462 -7.20 3.99 33.53
C GLY F 462 -7.23 2.57 34.05
N SER F 463 -6.71 1.60 33.31
CA SER F 463 -6.74 0.21 33.74
C SER F 463 -5.88 0.02 34.97
N THR F 464 -6.32 -0.88 35.86
CA THR F 464 -5.60 -1.18 37.09
C THR F 464 -5.54 -2.68 37.30
N SER F 465 -4.53 -3.10 38.07
CA SER F 465 -4.44 -4.46 38.57
C SER F 465 -3.85 -4.39 39.97
N TYR F 466 -4.29 -5.29 40.84
CA TYR F 466 -3.95 -5.24 42.25
C TYR F 466 -3.35 -6.57 42.69
N ALA F 467 -2.39 -6.50 43.60
CA ALA F 467 -1.91 -7.70 44.25
C ALA F 467 -3.01 -8.30 45.12
N ASP F 468 -3.07 -9.62 45.16
CA ASP F 468 -4.13 -10.29 45.91
C ASP F 468 -4.11 -9.92 47.38
N SER F 469 -2.95 -9.47 47.89
CA SER F 469 -2.86 -9.06 49.29
C SER F 469 -3.64 -7.79 49.58
N VAL F 470 -3.98 -7.01 48.55
CA VAL F 470 -4.68 -5.74 48.73
C VAL F 470 -5.92 -5.69 47.85
N LYS F 471 -6.13 -6.74 47.05
CA LYS F 471 -7.30 -6.79 46.19
C LYS F 471 -8.57 -6.60 47.02
N ASP F 472 -9.45 -5.72 46.53
CA ASP F 472 -10.74 -5.44 47.15
C ASP F 472 -10.59 -4.61 48.43
N ARG F 473 -9.36 -4.36 48.88
CA ARG F 473 -9.14 -3.39 49.95
C ARG F 473 -8.72 -2.06 49.36
N PHE F 474 -7.61 -2.04 48.63
CA PHE F 474 -7.05 -0.80 48.12
C PHE F 474 -7.53 -0.53 46.69
N THR F 475 -7.40 0.73 46.28
CA THR F 475 -7.65 1.13 44.90
C THR F 475 -6.67 2.23 44.52
N ILE F 476 -6.31 2.26 43.23
CA ILE F 476 -5.41 3.25 42.68
C ILE F 476 -6.14 4.04 41.60
N SER F 477 -5.92 5.36 41.59
CA SER F 477 -6.58 6.27 40.66
C SER F 477 -5.56 7.31 40.22
N ARG F 478 -5.97 8.18 39.30
CA ARG F 478 -5.06 9.11 38.66
C ARG F 478 -5.77 10.41 38.30
N ASP F 479 -4.98 11.46 38.14
CA ASP F 479 -5.43 12.74 37.61
C ASP F 479 -4.46 13.13 36.50
N ASN F 480 -4.86 12.87 35.25
CA ASN F 480 -3.96 13.09 34.11
C ASN F 480 -3.56 14.55 33.96
N ALA F 481 -4.46 15.48 34.26
CA ALA F 481 -4.16 16.90 34.14
C ALA F 481 -3.19 17.37 35.21
N LYS F 482 -3.33 16.85 36.43
CA LYS F 482 -2.39 17.20 37.50
C LYS F 482 -1.12 16.35 37.45
N ASN F 483 -1.12 15.27 36.66
CA ASN F 483 -0.02 14.31 36.65
C ASN F 483 0.25 13.77 38.05
N THR F 484 -0.82 13.29 38.68
CA THR F 484 -0.74 12.71 40.01
C THR F 484 -1.40 11.32 39.99
N VAL F 485 -0.86 10.43 40.80
CA VAL F 485 -1.37 9.07 40.95
C VAL F 485 -1.66 8.83 42.43
N TYR F 486 -2.82 8.26 42.72
CA TYR F 486 -3.29 8.10 44.09
C TYR F 486 -3.54 6.63 44.38
N LEU F 487 -3.24 6.22 45.61
CA LEU F 487 -3.52 4.88 46.10
C LEU F 487 -4.36 5.01 47.36
N GLU F 488 -5.59 4.49 47.31
CA GLU F 488 -6.53 4.61 48.42
C GLU F 488 -6.27 3.48 49.41
N MET F 489 -5.63 3.80 50.53
CA MET F 489 -5.33 2.80 51.57
C MET F 489 -6.55 2.61 52.46
N ASN F 490 -7.57 2.00 51.87
CA ASN F 490 -8.77 1.66 52.62
C ASN F 490 -8.55 0.41 53.44
N ASN F 491 -9.02 0.44 54.70
CA ASN F 491 -9.02 -0.73 55.57
C ASN F 491 -7.61 -1.28 55.78
N LEU F 492 -6.75 -0.46 56.38
CA LEU F 492 -5.39 -0.88 56.68
C LEU F 492 -5.39 -1.97 57.76
N LYS F 493 -4.35 -2.79 57.74
CA LYS F 493 -4.11 -3.82 58.74
C LYS F 493 -2.68 -3.72 59.25
N PRO F 494 -2.38 -4.27 60.42
CA PRO F 494 -1.05 -4.10 61.01
C PRO F 494 0.10 -4.53 60.10
N GLU F 495 -0.09 -5.59 59.31
CA GLU F 495 0.99 -6.10 58.47
C GLU F 495 1.34 -5.17 57.32
N ASP F 496 0.55 -4.12 57.08
CA ASP F 496 0.81 -3.21 55.98
C ASP F 496 1.97 -2.26 56.24
N THR F 497 2.55 -2.27 57.44
CA THR F 497 3.65 -1.37 57.77
C THR F 497 4.79 -1.53 56.76
N ALA F 498 5.13 -0.46 56.04
CA ALA F 498 6.19 -0.52 55.05
C ALA F 498 6.40 0.87 54.45
N VAL F 499 7.57 1.06 53.86
CA VAL F 499 7.83 2.25 53.06
C VAL F 499 7.26 2.02 51.66
N TYR F 500 6.41 2.94 51.20
CA TYR F 500 5.70 2.78 49.94
C TYR F 500 6.36 3.65 48.88
N TYR F 501 6.77 3.04 47.78
CA TYR F 501 7.50 3.71 46.71
C TYR F 501 6.63 3.84 45.47
N CYS F 502 6.65 5.04 44.88
CA CYS F 502 6.06 5.26 43.59
C CYS F 502 7.13 5.16 42.51
N ALA F 503 6.81 4.48 41.41
CA ALA F 503 7.79 4.20 40.38
C ALA F 503 7.15 4.23 39.01
N ALA F 504 7.98 4.42 37.98
CA ALA F 504 7.53 4.52 36.61
C ALA F 504 8.09 3.35 35.80
N LYS F 505 7.30 2.86 34.85
CA LYS F 505 7.64 1.71 34.02
C LYS F 505 7.68 2.14 32.56
N GLY F 506 8.75 1.76 31.86
CA GLY F 506 8.84 2.04 30.44
C GLY F 506 7.78 1.30 29.66
N ARG F 507 7.52 1.78 28.44
CA ARG F 507 6.45 1.21 27.63
C ARG F 507 6.72 -0.25 27.30
N TYR F 508 7.97 -0.59 27.01
CA TYR F 508 8.35 -1.95 26.62
C TYR F 508 9.15 -2.69 27.69
N SER F 509 9.06 -2.28 28.95
CA SER F 509 9.58 -3.10 30.02
C SER F 509 8.75 -4.37 30.16
N GLY F 510 9.20 -5.27 31.01
CA GLY F 510 8.58 -6.58 31.13
C GLY F 510 7.29 -6.57 31.94
N GLY F 511 7.16 -7.51 32.86
CA GLY F 511 5.93 -7.65 33.62
C GLY F 511 5.77 -6.57 34.68
N LEU F 512 4.53 -6.44 35.17
CA LEU F 512 4.21 -5.45 36.18
C LEU F 512 4.86 -5.79 37.52
N TYR F 513 4.82 -7.06 37.91
CA TYR F 513 5.01 -7.48 39.29
C TYR F 513 6.47 -7.42 39.76
N TYR F 514 7.40 -6.95 38.94
CA TYR F 514 8.82 -7.08 39.24
C TYR F 514 9.47 -5.70 39.34
N PRO F 515 10.03 -5.32 40.49
CA PRO F 515 10.55 -3.95 40.63
C PRO F 515 11.68 -3.63 39.68
N THR F 516 12.45 -4.62 39.23
CA THR F 516 13.60 -4.34 38.37
C THR F 516 13.18 -3.71 37.05
N ASN F 517 11.91 -3.83 36.67
CA ASN F 517 11.42 -3.28 35.40
C ASN F 517 11.12 -1.79 35.47
N TYR F 518 11.22 -1.18 36.65
CA TYR F 518 10.85 0.22 36.84
C TYR F 518 12.11 1.07 36.91
N ASP F 519 12.13 2.18 36.17
CA ASP F 519 13.34 2.98 36.04
C ASP F 519 13.46 4.06 37.12
N TYR F 520 12.47 4.95 37.21
CA TYR F 520 12.54 6.10 38.08
C TYR F 520 11.70 5.84 39.33
N TRP F 521 12.29 6.09 40.50
CA TRP F 521 11.71 5.72 41.78
C TRP F 521 11.56 6.96 42.65
N GLY F 522 10.44 7.04 43.37
CA GLY F 522 10.21 8.12 44.29
C GLY F 522 10.99 7.94 45.58
N GLN F 523 10.88 8.93 46.45
CA GLN F 523 11.60 8.91 47.72
C GLN F 523 10.99 7.91 48.70
N GLY F 524 9.69 7.65 48.60
CA GLY F 524 9.05 6.66 49.45
C GLY F 524 8.56 7.23 50.76
N THR F 525 7.36 6.82 51.18
CA THR F 525 6.75 7.31 52.41
C THR F 525 6.61 6.15 53.40
N GLN F 526 7.16 6.33 54.59
CA GLN F 526 6.94 5.36 55.66
C GLN F 526 5.53 5.50 56.22
N VAL F 527 4.90 4.36 56.51
CA VAL F 527 3.62 4.33 57.21
C VAL F 527 3.76 3.38 58.40
N THR F 528 3.03 3.68 59.47
CA THR F 528 3.07 2.90 60.68
C THR F 528 1.64 2.55 61.10
N VAL F 529 1.45 1.30 61.49
CA VAL F 529 0.12 0.80 61.83
C VAL F 529 0.18 -0.11 63.06
N GLN G 20 30.79 17.06 -13.00
CA GLN G 20 31.32 16.59 -11.69
C GLN G 20 31.16 17.66 -10.62
N VAL G 21 31.01 17.23 -9.37
CA VAL G 21 31.03 18.16 -8.25
C VAL G 21 32.46 18.59 -7.98
N GLN G 22 32.66 19.88 -7.72
CA GLN G 22 33.98 20.45 -7.51
C GLN G 22 34.11 20.96 -6.08
N LEU G 23 35.33 20.87 -5.54
CA LEU G 23 35.62 21.30 -4.19
C LEU G 23 36.85 22.20 -4.19
N VAL G 24 36.83 23.21 -3.31
CA VAL G 24 37.98 24.10 -3.10
C VAL G 24 38.07 24.41 -1.62
N GLU G 25 39.26 24.86 -1.20
CA GLU G 25 39.59 25.05 0.20
C GLU G 25 40.26 26.39 0.43
N SER G 26 40.22 26.85 1.68
CA SER G 26 40.90 28.07 2.10
C SER G 26 41.03 28.06 3.61
N GLY G 27 41.90 28.94 4.12
CA GLY G 27 42.08 29.13 5.54
C GLY G 27 43.30 28.48 6.13
N GLY G 28 44.04 27.68 5.36
CA GLY G 28 45.20 26.99 5.90
C GLY G 28 46.34 27.95 6.21
N GLY G 29 47.18 27.54 7.14
CA GLY G 29 48.34 28.33 7.52
C GLY G 29 48.77 28.01 8.93
N LEU G 30 49.85 28.67 9.34
CA LEU G 30 50.37 28.51 10.70
C LEU G 30 49.48 29.28 11.67
N VAL G 31 48.97 28.58 12.68
CA VAL G 31 48.06 29.18 13.64
C VAL G 31 48.78 30.28 14.42
N GLY G 422 46.14 26.78 20.02
CA GLY G 422 45.51 27.91 19.39
C GLY G 422 44.12 27.59 18.85
N SER G 423 43.61 28.48 17.99
CA SER G 423 42.33 28.27 17.34
C SER G 423 42.43 28.74 15.90
N LEU G 424 41.66 28.12 15.03
CA LEU G 424 41.77 28.36 13.59
C LEU G 424 40.50 27.87 12.90
N ARG G 425 40.30 28.35 11.67
CA ARG G 425 39.13 28.02 10.87
C ARG G 425 39.58 27.53 9.50
N LEU G 426 39.04 26.40 9.06
CA LEU G 426 39.19 25.92 7.69
C LEU G 426 37.86 26.03 6.96
N SER G 427 37.91 26.49 5.73
CA SER G 427 36.72 26.68 4.90
C SER G 427 36.84 25.86 3.63
N CYS G 428 35.73 25.24 3.24
CA CYS G 428 35.67 24.39 2.05
C CYS G 428 34.37 24.66 1.32
N ALA G 429 34.47 24.86 0.00
CA ALA G 429 33.34 25.23 -0.84
C ALA G 429 33.09 24.14 -1.88
N ALA G 430 31.81 23.91 -2.17
CA ALA G 430 31.39 22.88 -3.10
C ALA G 430 30.45 23.47 -4.14
N SER G 431 30.39 22.82 -5.31
CA SER G 431 29.51 23.24 -6.38
C SER G 431 29.14 22.02 -7.21
N GLY G 432 28.05 22.15 -7.96
CA GLY G 432 27.58 21.07 -8.81
C GLY G 432 26.38 20.35 -8.22
N HIS G 433 26.15 19.14 -8.74
CA HIS G 433 25.00 18.32 -8.32
C HIS G 433 25.32 17.60 -7.01
N THR G 434 25.43 18.39 -5.95
CA THR G 434 25.77 17.83 -4.63
C THR G 434 24.65 16.98 -4.06
N PHE G 435 23.44 17.07 -4.60
CA PHE G 435 22.35 16.24 -4.10
C PHE G 435 22.68 14.76 -4.20
N ASN G 436 23.52 14.38 -5.17
CA ASN G 436 23.92 12.98 -5.30
C ASN G 436 24.89 12.58 -4.20
N TYR G 437 25.69 13.52 -3.70
CA TYR G 437 26.73 13.26 -2.72
C TYR G 437 26.35 13.95 -1.41
N PRO G 438 25.41 13.38 -0.65
CA PRO G 438 24.83 14.11 0.48
C PRO G 438 25.77 14.32 1.66
N ILE G 439 26.87 13.58 1.77
CA ILE G 439 27.73 13.62 2.94
C ILE G 439 29.09 14.18 2.55
N MET G 440 29.53 15.20 3.27
CA MET G 440 30.88 15.72 3.16
C MET G 440 31.75 15.18 4.28
N GLY G 441 33.07 15.27 4.07
CA GLY G 441 34.01 14.74 5.04
C GLY G 441 35.31 15.50 5.01
N TRP G 442 36.07 15.36 6.09
CA TRP G 442 37.38 15.97 6.25
C TRP G 442 38.41 14.89 6.56
N PHE G 443 39.60 15.05 5.98
CA PHE G 443 40.69 14.11 6.16
C PHE G 443 41.99 14.87 6.31
N ARG G 444 43.01 14.18 6.82
CA ARG G 444 44.32 14.80 6.99
C ARG G 444 45.41 13.73 6.95
N GLN G 445 46.64 14.17 6.77
CA GLN G 445 47.80 13.32 6.99
C GLN G 445 49.01 14.19 7.30
N ALA G 446 49.71 13.84 8.38
CA ALA G 446 51.00 14.44 8.66
C ALA G 446 52.04 13.84 7.73
N PRO G 447 53.15 14.55 7.50
CA PRO G 447 54.16 14.01 6.57
C PRO G 447 54.64 12.64 7.01
N GLY G 448 54.68 11.71 6.05
CA GLY G 448 55.12 10.35 6.31
C GLY G 448 54.08 9.42 6.88
N LYS G 449 52.83 9.86 7.01
CA LYS G 449 51.78 9.06 7.63
C LYS G 449 50.59 8.91 6.67
N GLU G 450 49.75 7.92 7.00
CA GLU G 450 48.55 7.63 6.23
C GLU G 450 47.50 8.73 6.45
N ARG G 451 46.49 8.74 5.58
CA ARG G 451 45.44 9.76 5.60
C ARG G 451 44.41 9.41 6.67
N GLU G 452 44.31 10.26 7.69
CA GLU G 452 43.39 10.01 8.79
C GLU G 452 42.02 10.63 8.53
N PHE G 453 40.98 10.01 9.09
CA PHE G 453 39.65 10.60 9.11
C PHE G 453 39.56 11.67 10.19
N VAL G 454 38.71 12.67 9.95
CA VAL G 454 38.53 13.77 10.89
C VAL G 454 37.06 13.92 11.26
N GLY G 455 36.20 14.09 10.27
CA GLY G 455 34.79 14.32 10.55
C GLY G 455 33.99 14.34 9.26
N ALA G 456 32.68 14.48 9.42
CA ALA G 456 31.76 14.46 8.29
C ALA G 456 30.52 15.27 8.62
N ILE G 457 29.81 15.71 7.59
CA ILE G 457 28.60 16.51 7.74
C ILE G 457 27.63 16.15 6.63
N SER G 458 26.35 16.11 6.95
CA SER G 458 25.31 15.77 5.97
C SER G 458 24.64 17.04 5.45
N TRP G 459 24.51 17.14 4.13
CA TRP G 459 23.75 18.24 3.53
C TRP G 459 22.27 18.11 3.86
N SER G 460 21.71 19.16 4.44
CA SER G 460 20.27 19.27 4.67
C SER G 460 19.80 18.35 5.79
N GLY G 461 20.69 17.52 6.32
CA GLY G 461 20.34 16.73 7.49
C GLY G 461 21.01 17.24 8.75
N GLY G 462 22.26 17.69 8.63
CA GLY G 462 22.97 18.29 9.74
C GLY G 462 23.68 17.31 10.65
N SER G 463 23.49 16.00 10.45
CA SER G 463 24.15 15.03 11.31
C SER G 463 25.66 15.08 11.11
N THR G 464 26.39 14.79 12.17
CA THR G 464 27.84 14.88 12.17
C THR G 464 28.44 13.69 12.92
N SER G 465 29.66 13.31 12.54
CA SER G 465 30.40 12.29 13.24
C SER G 465 31.86 12.70 13.25
N TYR G 466 32.61 12.21 14.25
CA TYR G 466 33.96 12.69 14.47
C TYR G 466 34.91 11.52 14.70
N ALA G 467 36.19 11.78 14.50
CA ALA G 467 37.25 10.93 15.01
C ALA G 467 37.54 11.30 16.46
N ASP G 468 37.70 10.28 17.30
CA ASP G 468 37.85 10.53 18.73
C ASP G 468 39.08 11.37 19.05
N SER G 469 40.09 11.37 18.19
CA SER G 469 41.28 12.18 18.44
C SER G 469 40.98 13.67 18.37
N VAL G 470 39.92 14.07 17.68
CA VAL G 470 39.52 15.47 17.60
C VAL G 470 38.16 15.73 18.23
N LYS G 471 37.52 14.73 18.84
CA LYS G 471 36.19 14.92 19.41
C LYS G 471 36.23 16.02 20.47
N ASP G 472 35.26 16.93 20.37
CA ASP G 472 35.07 18.01 21.35
C ASP G 472 36.13 19.10 21.20
N ARG G 473 37.10 18.89 20.30
CA ARG G 473 38.06 19.94 19.99
C ARG G 473 37.70 20.62 18.68
N PHE G 474 37.36 19.83 17.66
CA PHE G 474 36.94 20.34 16.36
C PHE G 474 35.43 20.15 16.19
N THR G 475 34.82 21.04 15.42
CA THR G 475 33.42 20.92 15.03
C THR G 475 33.26 21.31 13.58
N ILE G 476 32.39 20.59 12.87
CA ILE G 476 32.13 20.82 11.45
C ILE G 476 30.75 21.42 11.28
N SER G 477 30.65 22.44 10.43
CA SER G 477 29.40 23.13 10.16
C SER G 477 29.30 23.38 8.66
N ARG G 478 28.10 23.77 8.21
CA ARG G 478 27.81 23.88 6.79
C ARG G 478 26.87 25.05 6.54
N ASP G 479 26.79 25.45 5.27
CA ASP G 479 25.85 26.48 4.82
C ASP G 479 25.23 25.98 3.50
N ASN G 480 23.95 25.66 3.53
CA ASN G 480 23.30 25.09 2.35
C ASN G 480 23.23 26.10 1.21
N ALA G 481 22.92 27.36 1.50
CA ALA G 481 22.82 28.36 0.44
C ALA G 481 24.17 28.62 -0.20
N LYS G 482 25.22 28.77 0.63
CA LYS G 482 26.56 29.00 0.10
C LYS G 482 27.20 27.73 -0.43
N ASN G 483 26.66 26.55 -0.08
CA ASN G 483 27.27 25.27 -0.43
C ASN G 483 28.72 25.23 0.02
N THR G 484 28.93 25.53 1.30
CA THR G 484 30.25 25.48 1.93
C THR G 484 30.16 24.65 3.21
N VAL G 485 31.28 24.00 3.55
CA VAL G 485 31.41 23.29 4.81
C VAL G 485 32.63 23.84 5.53
N TYR G 486 32.52 23.98 6.85
CA TYR G 486 33.55 24.60 7.66
C TYR G 486 33.95 23.63 8.78
N LEU G 487 35.23 23.65 9.13
CA LEU G 487 35.76 22.85 10.23
C LEU G 487 36.46 23.78 11.19
N GLU G 488 36.08 23.73 12.46
CA GLU G 488 36.66 24.58 13.50
C GLU G 488 37.93 23.92 14.01
N MET G 489 39.08 24.48 13.63
CA MET G 489 40.37 24.04 14.17
C MET G 489 40.58 24.63 15.57
N ASN G 490 39.61 24.44 16.46
CA ASN G 490 39.72 25.03 17.79
C ASN G 490 40.45 24.09 18.74
N ASN G 491 41.07 24.69 19.75
CA ASN G 491 41.83 23.94 20.75
C ASN G 491 42.90 23.07 20.07
N LEU G 492 43.65 23.70 19.18
CA LEU G 492 44.63 22.99 18.37
C LEU G 492 45.76 22.45 19.24
N LYS G 493 46.29 21.29 18.85
CA LYS G 493 47.41 20.66 19.52
C LYS G 493 48.53 20.38 18.54
N PRO G 494 49.79 20.26 19.00
CA PRO G 494 50.90 20.06 18.07
C PRO G 494 50.76 18.83 17.19
N GLU G 495 50.02 17.83 17.68
CA GLU G 495 49.80 16.60 16.92
C GLU G 495 48.90 16.81 15.70
N ASP G 496 48.28 17.97 15.58
CA ASP G 496 47.30 18.22 14.52
C ASP G 496 47.92 18.75 13.24
N THR G 497 49.23 19.00 13.22
CA THR G 497 49.87 19.57 12.03
C THR G 497 49.78 18.58 10.88
N ALA G 498 49.13 18.98 9.78
CA ALA G 498 48.95 18.10 8.64
C ALA G 498 48.23 18.87 7.53
N VAL G 499 48.28 18.29 6.33
CA VAL G 499 47.49 18.80 5.21
C VAL G 499 46.09 18.21 5.31
N TYR G 500 45.08 19.09 5.31
CA TYR G 500 43.70 18.68 5.51
C TYR G 500 42.95 18.71 4.18
N TYR G 501 42.27 17.62 3.87
CA TYR G 501 41.56 17.46 2.61
C TYR G 501 40.05 17.50 2.86
N CYS G 502 39.36 18.33 2.08
CA CYS G 502 37.90 18.33 2.08
C CYS G 502 37.40 17.43 0.96
N ALA G 503 36.42 16.58 1.29
CA ALA G 503 36.03 15.51 0.39
C ALA G 503 34.52 15.26 0.48
N ALA G 504 34.00 14.59 -0.54
CA ALA G 504 32.58 14.30 -0.66
C ALA G 504 32.39 12.80 -0.85
N LYS G 505 31.21 12.30 -0.45
CA LYS G 505 30.90 10.88 -0.46
C LYS G 505 29.50 10.66 -1.04
N GLY G 506 29.37 9.60 -1.83
CA GLY G 506 28.08 9.30 -2.44
C GLY G 506 27.08 8.75 -1.45
N ARG G 507 25.83 8.64 -1.91
CA ARG G 507 24.76 8.19 -1.03
C ARG G 507 24.98 6.76 -0.58
N TYR G 508 25.36 5.87 -1.50
CA TYR G 508 25.41 4.44 -1.20
C TYR G 508 26.82 3.90 -1.00
N SER G 509 27.84 4.76 -0.94
CA SER G 509 29.16 4.29 -0.58
C SER G 509 29.15 3.79 0.87
N GLY G 510 30.24 3.13 1.26
CA GLY G 510 30.28 2.41 2.53
C GLY G 510 30.55 3.27 3.75
N GLY G 511 31.47 2.83 4.59
CA GLY G 511 31.72 3.52 5.83
C GLY G 511 32.29 4.91 5.63
N LEU G 512 32.02 5.78 6.60
CA LEU G 512 32.49 7.15 6.53
C LEU G 512 33.97 7.29 6.87
N TYR G 513 34.54 6.31 7.57
CA TYR G 513 35.88 6.44 8.12
C TYR G 513 36.99 6.06 7.15
N TYR G 514 36.64 5.67 5.92
CA TYR G 514 37.61 5.14 4.97
C TYR G 514 37.72 6.07 3.77
N PRO G 515 38.88 6.65 3.48
CA PRO G 515 38.96 7.63 2.38
C PRO G 515 38.62 7.05 1.03
N THR G 516 38.75 5.73 0.84
CA THR G 516 38.47 5.13 -0.46
C THR G 516 37.03 5.35 -0.90
N ASN G 517 36.12 5.62 0.03
CA ASN G 517 34.71 5.82 -0.30
C ASN G 517 34.39 7.23 -0.77
N TYR G 518 35.36 8.15 -0.72
CA TYR G 518 35.14 9.54 -1.08
C TYR G 518 35.70 9.79 -2.48
N ASP G 519 34.89 10.42 -3.33
CA ASP G 519 35.19 10.53 -4.75
C ASP G 519 35.91 11.83 -5.13
N TYR G 520 35.39 12.98 -4.72
CA TYR G 520 35.98 14.28 -5.06
C TYR G 520 36.74 14.82 -3.87
N TRP G 521 37.89 15.44 -4.14
CA TRP G 521 38.85 15.79 -3.10
C TRP G 521 39.31 17.23 -3.27
N GLY G 522 39.65 17.87 -2.17
CA GLY G 522 40.10 19.25 -2.17
C GLY G 522 41.59 19.39 -2.39
N GLN G 523 42.07 20.60 -2.15
CA GLN G 523 43.47 20.92 -2.43
C GLN G 523 44.43 20.38 -1.38
N GLY G 524 44.00 20.25 -0.12
CA GLY G 524 44.88 19.80 0.93
C GLY G 524 45.61 20.94 1.62
N THR G 525 44.86 21.89 2.17
CA THR G 525 45.45 23.06 2.79
C THR G 525 46.24 22.68 4.04
N GLN G 526 47.30 23.43 4.31
CA GLN G 526 48.21 23.14 5.41
C GLN G 526 47.78 23.87 6.69
N VAL G 527 48.11 23.25 7.83
CA VAL G 527 48.04 23.89 9.13
C VAL G 527 49.32 23.55 9.89
N THR G 528 49.84 24.52 10.64
CA THR G 528 51.12 24.37 11.32
C THR G 528 51.06 25.08 12.67
N VAL G 529 51.87 24.58 13.61
CA VAL G 529 52.02 25.22 14.92
C VAL G 529 53.39 24.89 15.49
N GLN H 20 -1.67 -4.78 -39.92
CA GLN H 20 -0.25 -4.78 -40.40
C GLN H 20 0.33 -3.36 -40.40
N VAL H 21 1.60 -3.25 -40.79
CA VAL H 21 2.30 -1.98 -40.90
C VAL H 21 3.07 -1.96 -42.22
N GLN H 22 3.11 -0.80 -42.84
CA GLN H 22 3.83 -0.60 -44.10
C GLN H 22 4.92 0.44 -43.91
N LEU H 23 6.08 0.16 -44.49
CA LEU H 23 7.22 1.07 -44.48
C LEU H 23 7.55 1.50 -45.90
N VAL H 24 7.76 2.79 -46.10
CA VAL H 24 8.16 3.34 -47.39
C VAL H 24 9.47 4.09 -47.20
N GLU H 25 10.48 3.72 -47.97
CA GLU H 25 11.83 4.28 -47.83
C GLU H 25 12.09 5.29 -48.94
N SER H 26 13.09 6.15 -48.69
CA SER H 26 13.51 7.14 -49.68
C SER H 26 14.90 7.65 -49.31
N GLY H 27 15.57 8.23 -50.30
CA GLY H 27 16.89 8.81 -50.10
C GLY H 27 18.04 8.03 -50.70
N GLY H 28 17.77 6.92 -51.39
CA GLY H 28 18.84 6.11 -51.95
C GLY H 28 19.48 6.75 -53.17
N GLY H 29 20.60 6.16 -53.57
CA GLY H 29 21.36 6.60 -54.72
C GLY H 29 22.81 6.88 -54.37
N LEU H 30 23.55 7.35 -55.36
CA LEU H 30 24.96 7.68 -55.15
C LEU H 30 25.08 8.94 -54.29
N VAL H 31 26.10 8.97 -53.44
CA VAL H 31 26.29 10.08 -52.52
C VAL H 31 26.37 11.40 -53.28
N GLY H 422 31.60 12.47 -47.92
CA GLY H 422 30.29 13.03 -48.14
C GLY H 422 29.34 12.78 -46.98
N SER H 423 28.12 13.29 -47.10
CA SER H 423 27.09 13.09 -46.09
C SER H 423 25.74 12.98 -46.78
N LEU H 424 24.79 12.35 -46.10
CA LEU H 424 23.52 11.99 -46.72
C LEU H 424 22.49 11.72 -45.64
N ARG H 425 21.22 11.69 -46.04
CA ARG H 425 20.11 11.34 -45.16
C ARG H 425 19.18 10.37 -45.86
N LEU H 426 18.67 9.40 -45.10
CA LEU H 426 17.62 8.50 -45.56
C LEU H 426 16.36 8.71 -44.72
N SER H 427 15.22 8.37 -45.29
CA SER H 427 13.92 8.56 -44.64
C SER H 427 13.12 7.27 -44.72
N CYS H 428 12.27 7.06 -43.72
CA CYS H 428 11.48 5.83 -43.63
C CYS H 428 10.17 6.16 -42.93
N ALA H 429 9.12 6.34 -43.72
CA ALA H 429 7.79 6.63 -43.19
C ALA H 429 7.03 5.34 -42.92
N ALA H 430 6.14 5.39 -41.94
CA ALA H 430 5.41 4.22 -41.47
C ALA H 430 3.92 4.52 -41.41
N SER H 431 3.10 3.50 -41.65
CA SER H 431 1.65 3.62 -41.60
C SER H 431 1.07 2.33 -41.04
N GLY H 432 -0.15 2.43 -40.52
CA GLY H 432 -0.85 1.27 -40.00
C GLY H 432 -0.89 1.22 -38.48
N HIS H 433 -0.99 0.01 -37.93
CA HIS H 433 -1.09 -0.16 -36.48
C HIS H 433 0.30 -0.07 -35.85
N THR H 434 0.95 1.09 -35.96
CA THR H 434 2.31 1.24 -35.49
C THR H 434 2.44 1.16 -33.98
N PHE H 435 1.34 1.32 -33.23
CA PHE H 435 1.42 1.29 -31.78
C PHE H 435 1.93 -0.05 -31.28
N ASN H 436 1.68 -1.13 -32.01
CA ASN H 436 2.12 -2.45 -31.60
C ASN H 436 3.58 -2.73 -31.95
N TYR H 437 4.26 -1.81 -32.62
CA TYR H 437 5.63 -1.98 -33.07
C TYR H 437 6.44 -0.75 -32.68
N PRO H 438 6.79 -0.63 -31.39
CA PRO H 438 7.34 0.63 -30.89
C PRO H 438 8.77 0.94 -31.33
N ILE H 439 9.49 0.01 -31.96
CA ILE H 439 10.89 0.21 -32.30
C ILE H 439 11.06 0.04 -33.80
N MET H 440 11.75 0.99 -34.42
CA MET H 440 12.13 0.92 -35.83
C MET H 440 13.64 0.77 -35.95
N GLY H 441 14.08 -0.20 -36.76
CA GLY H 441 15.48 -0.49 -36.94
C GLY H 441 15.89 -0.34 -38.40
N TRP H 442 17.15 0.03 -38.62
CA TRP H 442 17.73 0.11 -39.95
C TRP H 442 18.76 -0.99 -40.14
N PHE H 443 18.70 -1.65 -41.29
CA PHE H 443 19.60 -2.72 -41.66
C PHE H 443 20.22 -2.42 -43.01
N ARG H 444 21.21 -3.23 -43.39
CA ARG H 444 21.80 -3.12 -44.72
C ARG H 444 22.30 -4.49 -45.14
N GLN H 445 22.41 -4.68 -46.46
CA GLN H 445 22.89 -5.94 -47.02
C GLN H 445 23.78 -5.62 -48.21
N ALA H 446 25.09 -5.74 -48.02
CA ALA H 446 26.02 -5.58 -49.12
C ALA H 446 25.85 -6.74 -50.10
N PRO H 447 26.20 -6.53 -51.37
CA PRO H 447 26.02 -7.61 -52.35
C PRO H 447 26.81 -8.84 -51.96
N GLY H 448 26.15 -10.00 -52.05
CA GLY H 448 26.81 -11.27 -51.76
C GLY H 448 27.18 -11.46 -50.30
N LYS H 449 26.49 -10.81 -49.37
CA LYS H 449 26.80 -10.92 -47.96
C LYS H 449 25.52 -10.88 -47.14
N GLU H 450 25.62 -11.38 -45.91
CA GLU H 450 24.47 -11.46 -45.02
C GLU H 450 24.06 -10.06 -44.54
N ARG H 451 22.81 -9.95 -44.11
CA ARG H 451 22.25 -8.67 -43.69
C ARG H 451 22.89 -8.22 -42.38
N GLU H 452 23.11 -6.90 -42.24
CA GLU H 452 23.79 -6.32 -41.10
C GLU H 452 22.89 -5.35 -40.36
N PHE H 453 23.06 -5.29 -39.04
CA PHE H 453 22.39 -4.29 -38.22
C PHE H 453 23.12 -2.95 -38.32
N VAL H 454 22.36 -1.85 -38.30
CA VAL H 454 22.88 -0.50 -38.40
C VAL H 454 22.50 0.33 -37.19
N GLY H 455 21.22 0.37 -36.86
CA GLY H 455 20.77 1.17 -35.73
C GLY H 455 19.27 0.98 -35.52
N ALA H 456 18.77 1.61 -34.47
CA ALA H 456 17.36 1.50 -34.13
C ALA H 456 16.92 2.73 -33.34
N ILE H 457 15.61 2.94 -33.31
CA ILE H 457 15.00 4.04 -32.58
C ILE H 457 13.60 3.61 -32.16
N SER H 458 13.08 4.24 -31.11
CA SER H 458 11.82 3.83 -30.48
C SER H 458 10.79 4.95 -30.58
N TRP H 459 9.55 4.59 -30.87
CA TRP H 459 8.47 5.57 -30.84
C TRP H 459 8.25 6.08 -29.42
N SER H 460 8.18 7.41 -29.29
CA SER H 460 7.85 8.04 -28.01
C SER H 460 8.96 7.93 -26.99
N GLY H 461 9.98 7.14 -27.27
CA GLY H 461 11.11 7.01 -26.36
C GLY H 461 12.29 7.87 -26.78
N GLY H 462 12.61 7.84 -28.07
CA GLY H 462 13.70 8.62 -28.60
C GLY H 462 15.07 8.04 -28.39
N SER H 463 15.20 6.96 -27.62
CA SER H 463 16.49 6.33 -27.40
C SER H 463 16.96 5.60 -28.66
N THR H 464 18.28 5.54 -28.84
CA THR H 464 18.85 4.98 -30.04
C THR H 464 20.06 4.11 -29.68
N SER H 465 20.34 3.14 -30.55
CA SER H 465 21.52 2.30 -30.42
C SER H 465 22.02 1.99 -31.83
N TYR H 466 23.32 1.67 -31.92
CA TYR H 466 24.01 1.60 -33.19
C TYR H 466 24.91 0.38 -33.24
N ALA H 467 25.24 -0.04 -34.47
CA ALA H 467 26.33 -0.97 -34.66
C ALA H 467 27.66 -0.30 -34.38
N ASP H 468 28.58 -1.04 -33.78
CA ASP H 468 29.84 -0.43 -33.36
C ASP H 468 30.60 0.18 -34.53
N SER H 469 30.38 -0.33 -35.75
CA SER H 469 31.11 0.16 -36.90
C SER H 469 30.59 1.51 -37.40
N VAL H 470 29.38 1.91 -37.02
CA VAL H 470 28.80 3.17 -37.47
C VAL H 470 28.58 4.16 -36.33
N LYS H 471 28.92 3.81 -35.09
CA LYS H 471 28.79 4.75 -33.98
C LYS H 471 29.60 6.01 -34.24
N ASP H 472 28.96 7.17 -34.08
CA ASP H 472 29.59 8.47 -34.26
C ASP H 472 29.82 8.77 -35.74
N ARG H 473 29.55 7.80 -36.60
CA ARG H 473 29.57 8.04 -38.04
C ARG H 473 28.18 8.36 -38.55
N PHE H 474 27.18 7.63 -38.06
CA PHE H 474 25.79 7.79 -38.42
C PHE H 474 25.02 8.36 -37.23
N THR H 475 23.78 8.77 -37.50
CA THR H 475 22.84 9.15 -36.47
C THR H 475 21.44 8.81 -36.96
N ILE H 476 20.50 8.73 -36.01
CA ILE H 476 19.11 8.37 -36.32
C ILE H 476 18.18 9.21 -35.45
N SER H 477 17.04 9.59 -36.03
CA SER H 477 16.06 10.42 -35.35
C SER H 477 14.69 10.14 -35.97
N ARG H 478 13.65 10.67 -35.33
CA ARG H 478 12.28 10.34 -35.71
C ARG H 478 11.39 11.57 -35.60
N ASP H 479 10.27 11.52 -36.33
CA ASP H 479 9.18 12.48 -36.19
C ASP H 479 7.92 11.66 -35.90
N ASN H 480 7.40 11.79 -34.69
CA ASN H 480 6.30 10.94 -34.22
C ASN H 480 4.94 11.42 -34.70
N ALA H 481 4.82 12.68 -35.12
CA ALA H 481 3.57 13.17 -35.70
C ALA H 481 3.48 12.82 -37.17
N LYS H 482 4.57 13.00 -37.92
CA LYS H 482 4.61 12.59 -39.31
C LYS H 482 4.73 11.08 -39.49
N ASN H 483 5.07 10.36 -38.42
CA ASN H 483 5.26 8.91 -38.48
C ASN H 483 6.33 8.55 -39.50
N THR H 484 7.54 9.06 -39.26
CA THR H 484 8.69 8.75 -40.10
C THR H 484 9.95 8.77 -39.25
N VAL H 485 10.97 8.07 -39.75
CA VAL H 485 12.26 7.97 -39.07
C VAL H 485 13.34 8.39 -40.06
N TYR H 486 14.34 9.12 -39.56
CA TYR H 486 15.43 9.64 -40.38
C TYR H 486 16.77 9.09 -39.89
N LEU H 487 17.59 8.64 -40.82
CA LEU H 487 18.94 8.16 -40.54
C LEU H 487 19.92 9.03 -41.30
N GLU H 488 20.93 9.56 -40.59
CA GLU H 488 21.86 10.52 -41.17
C GLU H 488 23.26 9.92 -41.18
N MET H 489 24.04 10.26 -42.21
CA MET H 489 25.31 9.60 -42.48
C MET H 489 26.38 10.64 -42.73
N ASN H 490 27.60 10.36 -42.27
CA ASN H 490 28.73 11.25 -42.47
C ASN H 490 29.99 10.44 -42.72
N ASN H 491 30.98 11.09 -43.34
CA ASN H 491 32.27 10.46 -43.63
C ASN H 491 32.09 9.18 -44.43
N LEU H 492 31.23 9.24 -45.45
CA LEU H 492 30.87 8.06 -46.22
C LEU H 492 32.07 7.55 -47.02
N LYS H 493 32.24 6.24 -47.03
CA LYS H 493 33.32 5.56 -47.74
C LYS H 493 32.80 4.24 -48.28
N PRO H 494 33.49 3.63 -49.25
CA PRO H 494 32.86 2.56 -50.05
C PRO H 494 32.40 1.36 -49.26
N GLU H 495 33.06 0.99 -48.16
CA GLU H 495 32.66 -0.20 -47.42
C GLU H 495 31.24 -0.09 -46.87
N ASP H 496 30.67 1.11 -46.84
CA ASP H 496 29.31 1.31 -46.37
C ASP H 496 28.26 1.09 -47.47
N THR H 497 28.68 0.89 -48.71
CA THR H 497 27.73 0.75 -49.81
C THR H 497 26.94 -0.55 -49.65
N ALA H 498 25.62 -0.47 -49.80
CA ALA H 498 24.74 -1.62 -49.68
C ALA H 498 23.31 -1.16 -49.90
N VAL H 499 22.41 -2.12 -50.05
CA VAL H 499 20.98 -1.81 -50.05
C VAL H 499 20.50 -1.70 -48.61
N TYR H 500 20.11 -0.50 -48.21
CA TYR H 500 19.72 -0.25 -46.83
C TYR H 500 18.23 -0.51 -46.65
N TYR H 501 17.88 -1.03 -45.48
CA TYR H 501 16.51 -1.44 -45.19
C TYR H 501 16.03 -0.75 -43.92
N CYS H 502 14.72 -0.56 -43.85
CA CYS H 502 14.05 -0.07 -42.66
C CYS H 502 12.99 -1.08 -42.25
N ALA H 503 12.95 -1.40 -40.95
CA ALA H 503 12.10 -2.48 -40.48
C ALA H 503 11.54 -2.14 -39.11
N ALA H 504 10.45 -2.83 -38.74
CA ALA H 504 9.74 -2.60 -37.49
C ALA H 504 9.82 -3.85 -36.63
N LYS H 505 9.96 -3.67 -35.32
CA LYS H 505 10.04 -4.76 -34.35
C LYS H 505 8.83 -4.70 -33.42
N GLY H 506 8.32 -5.87 -33.06
CA GLY H 506 7.21 -5.93 -32.12
C GLY H 506 7.63 -5.56 -30.72
N ARG H 507 6.63 -5.35 -29.86
CA ARG H 507 6.92 -4.89 -28.50
C ARG H 507 7.70 -5.94 -27.71
N TYR H 508 7.31 -7.20 -27.81
CA TYR H 508 7.90 -8.26 -27.00
C TYR H 508 8.79 -9.21 -27.79
N SER H 509 9.27 -8.80 -28.97
CA SER H 509 10.25 -9.60 -29.68
C SER H 509 11.62 -9.46 -29.03
N GLY H 510 12.57 -10.27 -29.50
CA GLY H 510 13.86 -10.39 -28.84
C GLY H 510 14.81 -9.23 -29.03
N GLY H 511 16.11 -9.54 -29.09
CA GLY H 511 17.11 -8.49 -29.14
C GLY H 511 17.07 -7.70 -30.43
N LEU H 512 17.75 -6.55 -30.42
CA LEU H 512 17.71 -5.64 -31.55
C LEU H 512 18.56 -6.15 -32.72
N TYR H 513 19.76 -6.63 -32.45
CA TYR H 513 20.76 -6.84 -33.49
C TYR H 513 20.40 -7.95 -34.47
N TYR H 514 19.29 -8.66 -34.27
CA TYR H 514 19.00 -9.85 -35.06
C TYR H 514 17.78 -9.62 -35.94
N PRO H 515 17.92 -9.57 -37.27
CA PRO H 515 16.77 -9.22 -38.12
C PRO H 515 15.62 -10.21 -38.05
N THR H 516 15.86 -11.43 -37.54
CA THR H 516 14.77 -12.42 -37.47
C THR H 516 13.60 -11.91 -36.64
N ASN H 517 13.84 -10.94 -35.75
CA ASN H 517 12.79 -10.44 -34.87
C ASN H 517 11.88 -9.41 -35.53
N TYR H 518 12.21 -8.94 -36.72
CA TYR H 518 11.49 -7.84 -37.35
C TYR H 518 10.48 -8.41 -38.34
N ASP H 519 9.23 -7.95 -38.23
CA ASP H 519 8.13 -8.54 -38.97
C ASP H 519 7.82 -7.84 -40.29
N TYR H 520 8.05 -6.53 -40.37
CA TYR H 520 7.69 -5.76 -41.56
C TYR H 520 8.93 -5.02 -42.06
N TRP H 521 9.07 -4.95 -43.39
CA TRP H 521 10.30 -4.49 -44.02
C TRP H 521 9.99 -3.54 -45.15
N GLY H 522 10.97 -2.71 -45.50
CA GLY H 522 10.83 -1.71 -46.54
C GLY H 522 11.26 -2.21 -47.91
N GLN H 523 11.55 -1.25 -48.79
CA GLN H 523 11.84 -1.56 -50.18
C GLN H 523 13.31 -1.88 -50.41
N GLY H 524 14.21 -1.39 -49.57
CA GLY H 524 15.62 -1.70 -49.72
C GLY H 524 16.38 -0.74 -50.62
N THR H 525 16.35 0.54 -50.28
CA THR H 525 17.00 1.56 -51.11
C THR H 525 18.50 1.30 -51.23
N GLN H 526 19.02 1.45 -52.45
CA GLN H 526 20.45 1.34 -52.69
C GLN H 526 21.18 2.62 -52.31
N VAL H 527 22.43 2.47 -51.87
CA VAL H 527 23.32 3.59 -51.59
C VAL H 527 24.69 3.24 -52.16
N THR H 528 25.35 4.21 -52.79
CA THR H 528 26.58 3.96 -53.52
C THR H 528 27.55 5.12 -53.34
N VAL H 529 28.84 4.81 -53.44
CA VAL H 529 29.89 5.84 -53.49
C VAL H 529 31.13 5.25 -54.16
C1 NAG I . -22.76 -38.33 -14.71
C2 NAG I . -24.26 -38.64 -14.80
C3 NAG I . -24.57 -40.03 -14.25
C4 NAG I . -23.68 -41.07 -14.91
C5 NAG I . -22.22 -40.65 -14.80
C6 NAG I . -21.26 -41.60 -15.48
C7 NAG I . -25.54 -36.53 -14.71
C8 NAG I . -26.29 -35.58 -13.80
N2 NAG I . -25.02 -37.63 -14.11
O3 NAG I . -25.92 -40.30 -14.46
O4 NAG I . -23.92 -42.31 -14.26
O5 NAG I . -22.04 -39.36 -15.35
O6 NAG I . -21.23 -42.83 -14.79
O7 NAG I . -25.41 -36.30 -15.90
C1 NAG I . -24.71 -43.21 -15.07
C2 NAG I . -24.60 -44.62 -14.49
C3 NAG I . -25.43 -45.58 -15.32
C4 NAG I . -26.87 -45.08 -15.39
C5 NAG I . -26.90 -43.64 -15.89
C6 NAG I . -28.29 -43.04 -15.91
C7 NAG I . -22.52 -45.23 -13.31
C8 NAG I . -21.09 -45.70 -13.49
N2 NAG I . -23.22 -45.06 -14.44
O3 NAG I . -25.35 -46.87 -14.75
O4 NAG I . -27.57 -45.95 -16.24
O5 NAG I . -26.08 -42.83 -15.08
O6 NAG I . -28.26 -41.72 -16.39
O7 NAG I . -22.98 -45.02 -12.19
C1 NAG J . 2.46 -24.04 7.23
C2 NAG J . 3.31 -23.26 6.20
C3 NAG J . 4.51 -24.07 5.71
C4 NAG J . 5.29 -24.48 6.96
C5 NAG J . 4.35 -25.36 7.79
C6 NAG J . 5.00 -26.07 8.94
C7 NAG J . 1.86 -23.54 4.19
C8 NAG J . 1.02 -22.77 3.21
N2 NAG J . 2.46 -22.79 5.14
O3 NAG J . 5.26 -23.27 4.84
O4 NAG J . 6.58 -25.03 6.67
O5 NAG J . 3.29 -24.52 8.27
O6 NAG J . 5.48 -25.13 9.87
O7 NAG J . 1.97 -24.76 4.12
C1 NAG J . 6.74 -26.06 5.67
C2 NAG J . 8.05 -25.73 4.94
C3 NAG J . 8.52 -26.86 4.02
C4 NAG J . 8.58 -28.18 4.79
C5 NAG J . 7.19 -28.41 5.39
C6 NAG J . 7.10 -29.69 6.20
C7 NAG J . 8.54 -23.35 4.48
C8 NAG J . 8.31 -22.22 3.52
N2 NAG J . 7.95 -24.52 4.17
O3 NAG J . 9.78 -26.48 3.53
O4 NAG J . 8.91 -29.23 3.90
O5 NAG J . 6.82 -27.34 6.25
O6 NAG J . 5.82 -29.84 6.74
O7 NAG J . 9.23 -23.20 5.49
C1 BMA J . 10.28 -29.29 3.39
C2 BMA J . 11.27 -29.25 4.55
C3 BMA J . 12.72 -29.56 4.10
C4 BMA J . 12.89 -30.67 3.04
C5 BMA J . 11.65 -31.02 2.20
C6 BMA J . 11.47 -32.52 2.01
O2 BMA J . 10.84 -30.14 5.54
O3 BMA J . 13.43 -29.82 5.28
O4 BMA J . 13.94 -30.22 2.21
O5 BMA J . 10.41 -30.48 2.63
O6 BMA J . 10.37 -32.72 1.16
C1 NAG K . -18.86 -11.35 25.06
C2 NAG K . -18.75 -11.39 26.59
C3 NAG K . -18.69 -12.85 27.08
C4 NAG K . -19.80 -13.71 26.49
C5 NAG K . -19.90 -13.51 24.98
C6 NAG K . -21.11 -14.16 24.35
C7 NAG K . -17.60 -9.44 27.56
C8 NAG K . -16.24 -8.92 27.99
N2 NAG K . -17.60 -10.68 27.06
O3 NAG K . -18.73 -12.84 28.47
O4 NAG K . -19.46 -15.06 26.76
O5 NAG K . -19.97 -12.13 24.69
O6 NAG K . -22.27 -13.51 24.79
O7 NAG K . -18.60 -8.76 27.68
C1 NAG K . -20.23 -15.66 27.82
C2 NAG K . -20.27 -17.17 27.56
C3 NAG K . -20.92 -17.92 28.72
C4 NAG K . -20.28 -17.52 30.04
C5 NAG K . -20.35 -16.00 30.16
C6 NAG K . -19.77 -15.49 31.46
C7 NAG K . -20.43 -17.79 25.17
C8 NAG K . -21.39 -18.05 24.04
N2 NAG K . -20.99 -17.46 26.34
O3 NAG K . -20.76 -19.30 28.48
O4 NAG K . -21.03 -18.16 31.05
O5 NAG K . -19.66 -15.41 29.08
O6 NAG K . -19.93 -14.10 31.54
O7 NAG K . -19.21 -17.88 25.01
C1 BMA K . -20.20 -19.06 31.83
C2 BMA K . -20.94 -19.28 33.14
C3 BMA K . -20.17 -20.30 34.02
C4 BMA K . -19.71 -21.56 33.28
C5 BMA K . -19.42 -21.41 31.78
C6 BMA K . -19.73 -22.66 30.94
O2 BMA K . -22.24 -19.71 32.85
O3 BMA K . -21.00 -20.55 35.13
O4 BMA K . -18.54 -21.96 33.96
O5 BMA K . -19.99 -20.27 31.14
O6 BMA K . -21.10 -22.99 31.06
C1 MAN K . -21.38 -24.07 30.13
C2 MAN K . -22.90 -24.20 29.98
C3 MAN K . -23.52 -24.78 31.25
C4 MAN K . -22.84 -26.10 31.59
C5 MAN K . -21.34 -25.84 31.76
C6 MAN K . -20.58 -27.11 32.07
O2 MAN K . -23.13 -25.05 28.88
O3 MAN K . -24.91 -24.92 31.02
O4 MAN K . -23.42 -26.60 32.77
O5 MAN K . -20.81 -25.28 30.57
O6 MAN K . -20.93 -28.10 31.14
C1 MAN K . -25.65 -24.68 32.24
C2 MAN K . -27.13 -24.99 31.96
C3 MAN K . -27.73 -23.94 31.01
C4 MAN K . -27.53 -22.56 31.59
C5 MAN K . -26.02 -22.34 31.82
C6 MAN K . -25.73 -21.00 32.47
O2 MAN K . -27.78 -24.99 33.20
O3 MAN K . -29.09 -24.26 30.84
O4 MAN K . -28.06 -21.63 30.68
O5 MAN K . -25.50 -23.34 32.67
O6 MAN K . -25.88 -19.97 31.51
C1 MAN K . -20.87 -19.50 36.13
C2 MAN K . -20.76 -20.15 37.52
C3 MAN K . -22.07 -20.86 37.88
C4 MAN K . -23.27 -19.93 37.70
C5 MAN K . -23.24 -19.26 36.32
C6 MAN K . -24.29 -18.18 36.19
O2 MAN K . -20.47 -19.13 38.43
O3 MAN K . -21.95 -21.31 39.19
O4 MAN K . -24.42 -20.71 37.87
O5 MAN K . -21.98 -18.64 36.10
O6 MAN K . -25.57 -18.76 36.33
C1 NAG L . 12.18 -25.61 36.63
C2 NAG L . 12.80 -24.94 37.87
C3 NAG L . 11.86 -25.08 39.06
C4 NAG L . 10.43 -24.64 38.75
C5 NAG L . 9.97 -25.25 37.42
C6 NAG L . 8.64 -24.71 36.95
C7 NAG L . 15.27 -24.98 37.83
C8 NAG L . 16.48 -25.78 38.25
N2 NAG L . 14.09 -25.52 38.16
O3 NAG L . 12.40 -24.32 40.12
O4 NAG L . 9.63 -25.08 39.81
O5 NAG L . 10.93 -25.01 36.41
O6 NAG L . 8.29 -25.30 35.72
O7 NAG L . 15.39 -23.93 37.21
C1 NAG L . 8.98 -24.00 40.51
C2 NAG L . 7.82 -24.57 41.35
C3 NAG L . 7.13 -23.45 42.13
C4 NAG L . 8.12 -22.64 42.94
C5 NAG L . 9.29 -22.20 42.03
C6 NAG L . 10.36 -21.46 42.79
C7 NAG L . 6.15 -24.76 39.55
C8 NAG L . 5.19 -25.72 38.87
N2 NAG L . 6.86 -25.28 40.56
O3 NAG L . 6.15 -24.03 42.95
O4 NAG L . 7.43 -21.50 43.42
O5 NAG L . 9.86 -23.32 41.38
O6 NAG L . 11.41 -21.09 41.92
O7 NAG L . 6.24 -23.60 39.19
C1 BMA L . 6.93 -21.63 44.78
C2 BMA L . 6.96 -20.22 45.33
C3 BMA L . 6.15 -20.06 46.64
C4 BMA L . 4.83 -20.85 46.72
C5 BMA L . 4.71 -22.09 45.82
C6 BMA L . 3.30 -22.26 45.27
O2 BMA L . 6.49 -19.36 44.31
O3 BMA L . 5.96 -18.67 46.79
O4 BMA L . 4.72 -21.22 48.08
O5 BMA L . 5.64 -22.22 44.76
O6 BMA L . 3.26 -23.48 44.56
C1 NAG M . 14.25 7.36 24.18
C2 NAG M . 15.50 8.06 24.75
C3 NAG M . 16.14 7.28 25.90
C4 NAG M . 15.07 6.98 26.94
C5 NAG M . 14.10 6.01 26.26
C6 NAG M . 12.97 5.52 27.12
C7 NAG M . 16.75 9.52 23.21
C8 NAG M . 17.81 9.54 22.13
N2 NAG M . 16.47 8.31 23.72
O3 NAG M . 17.20 8.04 26.44
O4 NAG M . 15.67 6.61 28.18
O5 NAG M . 13.50 6.68 25.16
O6 NAG M . 12.00 4.87 26.32
O7 NAG M . 16.18 10.55 23.57
C1 NAG M . 16.21 5.29 28.39
C2 NAG M . 17.24 5.43 29.52
C3 NAG M . 17.61 4.12 30.23
C4 NAG M . 16.37 3.30 30.52
C5 NAG M . 15.59 3.11 29.22
C6 NAG M . 14.36 2.26 29.41
C7 NAG M . 18.98 7.17 29.59
C8 NAG M . 20.26 7.64 28.93
N2 NAG M . 18.44 6.06 29.04
O3 NAG M . 18.28 4.44 31.43
O4 NAG M . 16.80 2.08 31.07
O5 NAG M . 15.19 4.37 28.73
O6 NAG M . 13.78 1.96 28.15
O7 NAG M . 18.50 7.75 30.54
C1 BMA M . 19.70 4.15 31.40
C2 BMA M . 20.35 5.07 32.41
C3 BMA M . 21.87 4.79 32.50
C4 BMA M . 22.17 3.29 32.79
C5 BMA M . 21.29 2.32 32.00
C6 BMA M . 21.22 0.92 32.59
O2 BMA M . 19.70 4.93 33.64
O3 BMA M . 22.43 5.78 33.36
O4 BMA M . 23.53 3.12 32.42
O5 BMA M . 19.97 2.79 31.72
O6 BMA M . 20.87 1.00 33.96
C1 MAN M . 20.36 -0.27 34.42
C2 MAN M . 19.49 0.02 35.64
C3 MAN M . 20.39 0.62 36.70
C4 MAN M . 21.38 -0.45 37.13
C5 MAN M . 22.22 -0.84 35.91
C6 MAN M . 23.08 -2.05 36.19
O2 MAN M . 18.91 -1.19 36.06
O3 MAN M . 19.57 1.21 37.70
O4 MAN M . 22.17 0.09 38.17
O5 MAN M . 21.40 -1.16 34.79
O6 MAN M . 24.18 -1.67 36.97
C1 MAN M . 19.26 0.35 38.82
C2 MAN M . 17.93 0.83 39.39
C3 MAN M . 18.11 2.25 39.89
C4 MAN M . 19.24 2.31 40.90
C5 MAN M . 20.51 1.72 40.28
C6 MAN M . 21.66 1.64 41.27
O2 MAN M . 17.58 -0.05 40.43
O3 MAN M . 16.88 2.69 40.43
O4 MAN M . 19.42 3.67 41.26
O5 MAN M . 20.26 0.42 39.80
O6 MAN M . 21.27 0.86 42.38
C1 MAN M . 22.74 5.39 34.71
C2 MAN M . 22.85 6.69 35.53
C3 MAN M . 24.06 7.49 35.10
C4 MAN M . 25.31 6.65 35.29
C5 MAN M . 25.17 5.35 34.48
C6 MAN M . 26.31 4.40 34.79
O2 MAN M . 22.94 6.32 36.88
O3 MAN M . 24.09 8.68 35.86
O4 MAN M . 26.41 7.43 34.84
O5 MAN M . 23.97 4.68 34.80
O6 MAN M . 26.29 4.09 36.16
C1 NAG N . 40.77 -12.72 10.98
C2 NAG N . 42.03 -12.04 10.46
C3 NAG N . 42.72 -11.28 11.59
C4 NAG N . 41.77 -10.32 12.30
C5 NAG N . 40.51 -11.09 12.72
C6 NAG N . 39.43 -10.22 13.32
C7 NAG N . 43.20 -13.13 8.57
C8 NAG N . 44.22 -14.19 8.22
N2 NAG N . 42.96 -12.99 9.89
O3 NAG N . 43.82 -10.59 11.04
O4 NAG N . 42.49 -9.81 13.41
O5 NAG N . 39.96 -11.74 11.59
O6 NAG N . 38.26 -10.98 13.52
O7 NAG N . 42.67 -12.46 7.72
C1 NAG N . 42.16 -8.44 13.76
C2 NAG N . 43.37 -7.86 14.51
C3 NAG N . 43.07 -6.44 15.00
C4 NAG N . 42.54 -5.59 13.84
C5 NAG N . 41.45 -6.33 13.05
C6 NAG N . 41.00 -5.58 11.82
C7 NAG N . 44.78 -9.57 15.57
C8 NAG N . 45.00 -10.40 16.82
N2 NAG N . 43.74 -8.72 15.60
O3 NAG N . 44.27 -5.95 15.54
O4 NAG N . 42.00 -4.40 14.40
O5 NAG N . 41.90 -7.61 12.67
O6 NAG N . 42.11 -5.37 10.96
O7 NAG N . 45.51 -9.70 14.60
C1 BMA N . 44.18 -4.60 16.06
C2 BMA N . 45.25 -4.49 17.12
C3 BMA N . 45.47 -3.02 17.60
C4 BMA N . 45.35 -1.93 16.53
C5 BMA N . 44.60 -2.29 15.23
C6 BMA N . 45.25 -1.71 13.98
O2 BMA N . 46.43 -5.05 16.61
O3 BMA N . 46.73 -3.02 18.23
O4 BMA N . 44.68 -0.86 17.18
O5 BMA N . 44.36 -3.67 15.01
O6 BMA N . 45.14 -0.31 14.05
C1 NAG O . 24.79 8.14 -10.98
C2 NAG O . 25.27 8.79 -12.27
C3 NAG O . 26.79 8.69 -12.42
C4 NAG O . 27.37 9.40 -11.22
C5 NAG O . 26.82 8.74 -9.93
C6 NAG O . 27.22 9.43 -8.65
C7 NAG O . 23.59 8.81 -14.07
C8 NAG O . 22.95 7.95 -15.13
N2 NAG O . 24.57 8.21 -13.38
O3 NAG O . 27.16 9.26 -13.64
O4 NAG O . 28.77 9.41 -11.34
O5 NAG O . 25.41 8.78 -9.90
O6 NAG O . 26.60 10.69 -8.61
O7 NAG O . 23.08 9.89 -13.82
C1 NAG O . 29.43 8.16 -11.05
C2 NAG O . 30.84 8.30 -11.64
C3 NAG O . 31.83 7.27 -11.10
C4 NAG O . 31.66 7.06 -9.60
C5 NAG O . 30.19 6.78 -9.28
C6 NAG O . 29.90 6.52 -7.82
C7 NAG O . 31.35 9.14 -13.90
C8 NAG O . 31.20 8.85 -15.37
N2 NAG O . 30.81 8.22 -13.07
O3 NAG O . 33.11 7.75 -11.40
O4 NAG O . 32.50 5.99 -9.23
O5 NAG O . 29.45 7.90 -9.68
O6 NAG O . 28.51 6.37 -7.63
O7 NAG O . 31.93 10.14 -13.51
C1 BMA O . 33.85 6.90 -12.30
C2 BMA O . 34.89 7.79 -13.00
C3 BMA O . 35.77 6.92 -13.92
C4 BMA O . 36.42 5.73 -13.18
C5 BMA O . 35.49 5.03 -12.17
C6 BMA O . 36.23 4.29 -11.05
O2 BMA O . 35.61 8.47 -12.02
O3 BMA O . 36.63 7.79 -14.64
O4 BMA O . 36.79 4.83 -14.20
O5 BMA O . 34.47 5.84 -11.60
O6 BMA O . 37.10 5.19 -10.39
C1 MAN O . 37.39 4.69 -9.06
C2 MAN O . 38.10 5.83 -8.31
C3 MAN O . 39.43 6.07 -9.00
C4 MAN O . 40.28 4.83 -8.81
C5 MAN O . 39.57 3.67 -9.52
C6 MAN O . 40.26 2.35 -9.24
O2 MAN O . 38.24 5.41 -6.97
O3 MAN O . 39.98 7.29 -8.54
O4 MAN O . 41.56 5.09 -9.37
O5 MAN O . 38.22 3.54 -9.08
O6 MAN O . 41.40 2.24 -10.05
C1 MAN O . 40.66 7.18 -7.26
C2 MAN O . 40.45 8.51 -6.53
C3 MAN O . 41.09 9.63 -7.33
C4 MAN O . 42.56 9.32 -7.57
C5 MAN O . 42.69 7.94 -8.23
C6 MAN O . 44.14 7.52 -8.38
O2 MAN O . 41.04 8.37 -5.25
O3 MAN O . 40.90 10.83 -6.63
O4 MAN O . 43.07 10.34 -8.39
O5 MAN O . 42.04 6.96 -7.44
O6 MAN O . 44.78 7.57 -7.12
C1 MAN O . 37.88 8.15 -14.02
C2 MAN O . 38.24 9.57 -14.47
C3 MAN O . 38.56 9.59 -15.95
C4 MAN O . 39.70 8.63 -16.24
C5 MAN O . 39.31 7.23 -15.75
C6 MAN O . 40.46 6.26 -15.86
O2 MAN O . 39.35 9.98 -13.71
O3 MAN O . 38.88 10.91 -16.32
O4 MAN O . 39.92 8.64 -17.64
O5 MAN O . 38.92 7.27 -14.38
O6 MAN O . 41.54 6.72 -15.09
C1 NAG P . 29.90 -22.92 -26.39
C2 NAG P . 29.60 -22.94 -27.90
C3 NAG P . 30.61 -22.04 -28.60
C4 NAG P . 30.67 -20.66 -27.97
C5 NAG P . 30.78 -20.75 -26.44
C6 NAG P . 30.64 -19.40 -25.76
C7 NAG P . 28.54 -24.99 -28.76
C8 NAG P . 28.81 -26.39 -29.28
N2 NAG P . 29.63 -24.29 -28.41
O3 NAG P . 30.26 -21.97 -29.95
O4 NAG P . 31.83 -20.05 -28.50
O5 NAG P . 29.78 -21.61 -25.93
O6 NAG P . 30.66 -19.56 -24.37
O7 NAG P . 27.40 -24.55 -28.68
C1 NAG P . 31.53 -18.83 -29.17
C2 NAG P . 32.86 -18.10 -29.37
C3 NAG P . 32.69 -16.82 -30.20
C4 NAG P . 31.86 -17.08 -31.45
C5 NAG P . 30.59 -17.86 -31.11
C6 NAG P . 29.77 -18.23 -32.33
C7 NAG P . 34.32 -18.62 -27.46
C8 NAG P . 34.81 -18.15 -26.12
N2 NAG P . 33.44 -17.82 -28.08
O3 NAG P . 34.00 -16.41 -30.50
O4 NAG P . 31.55 -15.83 -32.01
O5 NAG P . 30.92 -19.04 -30.42
O6 NAG P . 30.53 -19.03 -33.20
O7 NAG P . 34.71 -19.69 -27.94
C1 BMA P . 34.06 -15.06 -31.02
C2 BMA P . 35.41 -14.51 -30.56
C3 BMA P . 35.77 -13.17 -31.24
C4 BMA P . 35.35 -13.01 -32.71
C5 BMA P . 34.27 -13.96 -33.25
C6 BMA P . 34.56 -14.47 -34.65
O2 BMA P . 36.37 -15.52 -30.80
O3 BMA P . 37.16 -13.03 -31.05
O4 BMA P . 34.92 -11.67 -32.83
O5 BMA P . 33.93 -15.07 -32.43
O6 BMA P . 34.55 -13.36 -35.53
C1 NAG Q . -5.96 -42.48 -23.28
C2 NAG Q . -7.28 -43.05 -23.79
C3 NAG Q . -7.34 -43.01 -25.32
C4 NAG Q . -6.98 -41.62 -25.87
C5 NAG Q . -5.66 -41.17 -25.23
C6 NAG Q . -5.21 -39.79 -25.66
C7 NAG Q . -8.20 -44.76 -22.26
C8 NAG Q . -8.23 -46.24 -21.97
N2 NAG Q . -7.45 -44.40 -23.33
O3 NAG Q . -8.63 -43.40 -25.72
O4 NAG Q . -6.84 -41.69 -27.27
O5 NAG Q . -5.79 -41.20 -23.82
O6 NAG Q . -4.78 -39.83 -27.00
O7 NAG Q . -8.79 -43.96 -21.56
C1 NAG Q . -8.06 -41.45 -28.01
C2 NAG Q . -8.08 -40.01 -28.55
C3 NAG Q . -9.28 -39.77 -29.47
C4 NAG Q . -9.40 -40.84 -30.54
C5 NAG Q . -9.33 -42.22 -29.88
C6 NAG Q . -9.36 -43.37 -30.86
C7 NAG Q . -9.07 -38.88 -26.59
C8 NAG Q . -8.86 -37.75 -25.60
N2 NAG Q . -8.09 -39.02 -27.50
O3 NAG Q . -9.12 -38.49 -30.02
O4 NAG Q . -10.64 -40.69 -31.20
O5 NAG Q . -8.15 -42.33 -29.10
O6 NAG Q . -8.46 -43.13 -31.92
O7 NAG Q . -10.06 -39.58 -26.54
C1 BMA Q . -10.73 -39.66 -32.22
C2 BMA Q . -9.77 -39.99 -33.36
C3 BMA Q . -10.03 -39.15 -34.63
C4 BMA Q . -11.51 -38.90 -35.00
C5 BMA Q . -12.53 -39.02 -33.86
C6 BMA Q . -13.81 -39.73 -34.29
O2 BMA Q . -9.83 -41.36 -33.62
O3 BMA Q . -9.32 -39.79 -35.66
O4 BMA Q . -11.53 -37.59 -35.53
O5 BMA Q . -12.08 -39.61 -32.65
O6 BMA Q . -14.68 -39.76 -33.18
C1 NAG R . -2.24 -8.27 -31.73
C2 NAG R . -2.78 -9.11 -32.89
C3 NAG R . -1.75 -10.13 -33.37
C4 NAG R . -0.36 -9.53 -33.57
C5 NAG R . 0.03 -8.72 -32.33
C6 NAG R . 1.35 -8.01 -32.46
C7 NAG R . -5.23 -9.41 -32.73
C8 NAG R . -6.31 -10.34 -32.20
N2 NAG R . -3.98 -9.81 -32.49
O3 NAG R . -2.24 -10.68 -34.57
O4 NAG R . 0.54 -10.60 -33.74
O5 NAG R . -0.97 -7.76 -32.08
O6 NAG R . 1.25 -7.05 -33.49
O7 NAG R . -5.52 -8.39 -33.32
C1 NAG R . 0.91 -10.83 -35.13
C2 NAG R . 2.37 -11.31 -35.15
C3 NAG R . 2.78 -11.66 -36.58
C4 NAG R . 1.80 -12.68 -37.16
C5 NAG R . 0.39 -12.10 -37.07
C6 NAG R . -0.67 -13.02 -37.62
C7 NAG R . 4.19 -10.57 -33.66
C8 NAG R . 5.03 -9.38 -33.25
N2 NAG R . 3.27 -10.32 -34.62
O3 NAG R . 4.09 -12.15 -36.56
O4 NAG R . 2.20 -12.91 -38.50
O5 NAG R . 0.09 -11.81 -35.72
O6 NAG R . -1.94 -12.43 -37.53
O7 NAG R . 4.35 -11.66 -33.15
C1 BMA R . 2.20 -14.32 -38.81
C2 BMA R . 2.05 -14.42 -40.31
C3 BMA R . 2.19 -15.90 -40.74
C4 BMA R . 3.48 -16.56 -40.24
C5 BMA R . 3.82 -16.22 -38.78
C6 BMA R . 5.28 -16.45 -38.40
O2 BMA R . 3.00 -13.56 -40.88
O3 BMA R . 1.90 -16.03 -42.13
O4 BMA R . 3.26 -17.95 -40.37
O5 BMA R . 3.41 -14.92 -38.35
O6 BMA R . 6.13 -15.77 -39.29
C1 MAN R . 7.50 -15.97 -38.86
C2 MAN R . 8.42 -15.28 -39.87
C3 MAN R . 8.20 -15.94 -41.22
C4 MAN R . 8.59 -17.41 -41.11
C5 MAN R . 7.76 -18.08 -40.01
C6 MAN R . 8.27 -19.48 -39.70
O2 MAN R . 9.74 -15.43 -39.41
O3 MAN R . 8.97 -15.25 -42.19
O4 MAN R . 8.34 -17.99 -42.38
O5 MAN R . 7.84 -17.34 -38.79
O6 MAN R . 7.44 -20.08 -38.75
C1 MAN R . 8.12 -15.01 -43.35
C2 MAN R . 9.01 -14.53 -44.50
C3 MAN R . 9.59 -13.15 -44.19
C4 MAN R . 8.47 -12.18 -43.86
C5 MAN R . 7.64 -12.75 -42.71
C6 MAN R . 6.44 -11.88 -42.39
O2 MAN R . 8.20 -14.50 -45.65
O3 MAN R . 10.34 -12.75 -45.32
O4 MAN R . 9.08 -10.94 -43.51
O5 MAN R . 7.16 -14.04 -43.06
O6 MAN R . 5.60 -11.82 -43.52
C1 MAN R . 2.90 -15.52 -43.06
C2 MAN R . 2.18 -15.33 -44.40
C3 MAN R . 1.83 -16.67 -45.02
C4 MAN R . 3.09 -17.50 -45.18
C5 MAN R . 3.74 -17.67 -43.80
C6 MAN R . 5.08 -18.38 -43.90
O2 MAN R . 3.04 -14.59 -45.23
O3 MAN R . 1.19 -16.44 -46.25
O4 MAN R . 2.73 -18.74 -45.76
O5 MAN R . 3.99 -16.42 -43.19
O6 MAN R . 5.66 -18.48 -42.63
N ABU S . -12.80 -28.47 15.84
CD ABU S . -13.08 -28.40 14.42
CB ABU S . -13.76 -29.67 13.92
CG ABU S . -14.03 -29.63 12.43
C ABU S . -15.16 -30.55 11.92
O ABU S . -16.15 -29.97 11.42
OXT ABU S . -15.01 -31.78 12.06
N1 EPE T . 6.24 -14.49 28.12
C2 EPE T . 6.37 -13.58 27.00
C3 EPE T . 7.74 -12.97 26.79
N4 EPE T . 8.87 -13.85 27.07
C5 EPE T . 8.42 -15.21 27.30
C6 EPE T . 7.45 -15.20 28.46
C7 EPE T . 9.90 -13.80 26.05
C8 EPE T . 10.63 -12.48 25.96
O8 EPE T . 11.73 -12.59 25.10
C9 EPE T . 5.56 -13.94 29.29
C10 EPE T . 5.03 -15.02 30.20
S EPE T . 4.25 -14.34 31.67
O1S EPE T . 3.22 -13.41 31.17
O2S EPE T . 3.68 -15.49 32.41
O3S EPE T . 5.33 -13.65 32.41
N1 EPE U . 19.20 -13.89 -22.55
C2 EPE U . 19.12 -14.90 -21.51
C3 EPE U . 17.79 -15.02 -20.77
N4 EPE U . 16.59 -14.87 -21.57
C5 EPE U . 16.87 -14.34 -22.89
C6 EPE U . 17.92 -13.26 -22.79
C7 EPE U . 15.79 -16.08 -21.63
C8 EPE U . 14.50 -15.98 -22.41
O8 EPE U . 13.68 -17.09 -22.13
C9 EPE U . 20.26 -12.92 -22.34
C10 EPE U . 20.61 -12.13 -23.60
S EPE U . 21.93 -10.94 -23.31
O1S EPE U . 21.44 -10.07 -22.21
O2S EPE U . 23.11 -11.74 -22.93
O3S EPE U . 22.10 -10.22 -24.58
#